data_7RSZ
#
_entry.id   7RSZ
#
_cell.length_a   72.049
_cell.length_b   120.775
_cell.length_c   195.558
_cell.angle_alpha   90.000
_cell.angle_beta   90.000
_cell.angle_gamma   90.000
#
_symmetry.space_group_name_H-M   'P 21 21 21'
#
loop_
_entity.id
_entity.type
_entity.pdbx_description
1 polymer 'HIV-1 gp120 Clade C1086'
2 non-polymer 2-acetamido-2-deoxy-beta-D-glucopyranose
3 non-polymer N~1~-{(1R,2R,3S)-2-(carbamimidamidomethyl)-3-[(3R)-3,4-dihydroxybutyl]-5-[(methylamino)methyl]-2,3-dihydro-1H-inden-1-yl}-N~2~-(4-chloro-3-fluorophenyl)ethanediamide
4 non-polymer N~1~-{(1R,2R,3S)-2-(carbamimidamidomethyl)-3-[(3S)-3,4-dihydroxybutyl]-5-[(methylamino)methyl]-2,3-dihydro-1H-inden-1-yl}-N~2~-(4-chloro-3-fluorophenyl)ethanediamide
5 water water
#
_entity_poly.entity_id   1
_entity_poly.type   'polypeptide(L)'
_entity_poly.pdbx_seq_one_letter_code
;VWKEAKTTLFCASDAKAYEKEVHNVWATHACVPTDPNPQEMVLANVTENFNMWKNDMVEQMHEDIISLWDESLKPCVKLT
GGSAITQACPKVSFDPIPLHYCAPAGFAILKCNNKTFNGTGPCRNVSTVQCTHGIKPVVSTQLLLNGSLAEEEIIIRSEN
LTNNAKTIIVHLNESVNIVCTRPNNGGSGSGGNIRQAHCNINESKWNNTLQKVGEELAKHFPSKTIKFEPSSGGDLEITT
HSFNCRGEFFYCNTSDLFNGTYRNGTYNHTGRSSNGTITLQCKIKQIINMWQEVGRAIYAPPIEGEITCNSNITGLLLLR
DGGNDDNDTETFRPGGGDMRDNWRSELYKYKVVEIKHHHHHH
;
_entity_poly.pdbx_strand_id   B,A,C,D
#
loop_
_chem_comp.id
_chem_comp.type
_chem_comp.name
_chem_comp.formula
7IT non-polymer N~1~-{(1R,2R,3S)-2-(carbamimidamidomethyl)-3-[(3S)-3,4-dihydroxybutyl]-5-[(methylamino)methyl]-2,3-dihydro-1H-inden-1-yl}-N~2~-(4-chloro-3-fluorophenyl)ethanediamide 'C25 H32 Cl F N6 O4'
7IW non-polymer N~1~-{(1R,2R,3S)-2-(carbamimidamidomethyl)-3-[(3R)-3,4-dihydroxybutyl]-5-[(methylamino)methyl]-2,3-dihydro-1H-inden-1-yl}-N~2~-(4-chloro-3-fluorophenyl)ethanediamide 'C25 H32 Cl F N6 O4'
NAG D-saccharide, beta linking 2-acetamido-2-deoxy-beta-D-glucopyranose 'C8 H15 N O6'
#
# COMPACT_ATOMS: atom_id res chain seq x y z
N LYS A 6 -13.81 -41.72 -1.51
CA LYS A 6 -13.34 -40.37 -1.11
C LYS A 6 -14.00 -39.97 0.22
N THR A 7 -13.18 -39.50 1.17
CA THR A 7 -13.65 -39.11 2.49
C THR A 7 -12.79 -37.93 2.95
N THR A 8 -13.17 -37.38 4.10
CA THR A 8 -12.46 -36.25 4.69
C THR A 8 -11.61 -36.75 5.85
N LEU A 9 -10.30 -36.81 5.63
CA LEU A 9 -9.39 -37.25 6.68
C LEU A 9 -9.30 -36.21 7.79
N PHE A 10 -8.73 -36.63 8.91
CA PHE A 10 -8.40 -35.72 10.01
C PHE A 10 -7.00 -36.05 10.50
N CYS A 11 -6.29 -35.02 10.93
CA CYS A 11 -4.90 -35.16 11.32
C CYS A 11 -4.76 -35.42 12.81
N ALA A 12 -3.66 -36.06 13.18
CA ALA A 12 -3.36 -36.41 14.59
C ALA A 12 -1.91 -36.00 14.86
N SER A 13 -1.67 -35.30 15.97
CA SER A 13 -0.30 -34.84 16.28
C SER A 13 -0.03 -34.92 17.77
N ASP A 14 1.25 -34.84 18.15
CA ASP A 14 1.70 -34.83 19.57
C ASP A 14 1.91 -33.39 20.01
N ALA A 15 1.39 -32.44 19.22
CA ALA A 15 1.51 -30.98 19.47
C ALA A 15 1.18 -30.62 20.92
N LYS A 16 1.98 -29.71 21.50
CA LYS A 16 1.80 -29.26 22.89
C LYS A 16 1.09 -27.90 22.89
N ALA A 17 0.06 -27.75 23.71
CA ALA A 17 -0.72 -26.49 23.80
C ALA A 17 0.18 -25.33 24.26
N TYR A 18 1.09 -25.60 25.19
CA TYR A 18 2.02 -24.58 25.74
C TYR A 18 2.99 -24.02 24.70
N GLU A 19 3.44 -24.85 23.75
CA GLU A 19 4.46 -24.42 22.74
C GLU A 19 3.94 -23.28 21.86
N LYS A 20 4.83 -22.33 21.53
CA LYS A 20 4.48 -21.15 20.70
C LYS A 20 4.88 -21.36 19.24
N GLU A 21 5.57 -22.46 18.93
CA GLU A 21 5.91 -22.85 17.57
C GLU A 21 4.63 -23.05 16.77
N VAL A 22 4.67 -22.63 15.50
CA VAL A 22 3.43 -22.44 14.76
C VAL A 22 2.79 -23.76 14.34
N HIS A 23 3.58 -24.81 14.13
CA HIS A 23 2.99 -26.11 13.82
C HIS A 23 2.23 -26.66 15.01
N ASN A 24 2.74 -26.43 16.23
CA ASN A 24 2.02 -26.88 17.42
C ASN A 24 0.74 -26.10 17.61
N VAL A 25 0.77 -24.78 17.36
CA VAL A 25 -0.43 -23.95 17.53
C VAL A 25 -1.51 -24.37 16.54
N TRP A 26 -1.13 -24.59 15.27
CA TRP A 26 -2.10 -25.01 14.27
C TRP A 26 -2.68 -26.38 14.60
N ALA A 27 -1.83 -27.31 15.05
CA ALA A 27 -2.30 -28.66 15.30
C ALA A 27 -3.10 -28.77 16.59
N THR A 28 -2.97 -27.81 17.50
CA THR A 28 -3.76 -27.85 18.72
C THR A 28 -5.24 -27.60 18.45
N HIS A 29 -5.56 -26.82 17.43
CA HIS A 29 -6.94 -26.51 17.10
C HIS A 29 -7.41 -27.13 15.79
N ALA A 30 -6.55 -27.90 15.11
CA ALA A 30 -6.93 -28.54 13.86
C ALA A 30 -6.75 -30.05 13.86
N CYS A 31 -5.88 -30.59 14.70
CA CYS A 31 -5.65 -32.03 14.77
C CYS A 31 -6.04 -32.56 16.14
N VAL A 32 -6.09 -33.88 16.25
CA VAL A 32 -6.45 -34.55 17.50
C VAL A 32 -5.20 -35.12 18.13
N PRO A 33 -5.20 -35.46 19.42
CA PRO A 33 -4.04 -36.14 20.02
C PRO A 33 -3.85 -37.52 19.41
N THR A 34 -2.59 -37.83 19.10
CA THR A 34 -2.22 -39.12 18.45
C THR A 34 -2.63 -40.28 19.37
N ASP A 35 -3.32 -41.26 18.81
CA ASP A 35 -3.73 -42.43 19.63
C ASP A 35 -2.44 -43.08 20.13
N PRO A 36 -2.33 -43.43 21.44
CA PRO A 36 -1.12 -44.03 21.99
C PRO A 36 -1.17 -45.56 21.86
N ASN A 37 -2.28 -46.08 21.35
CA ASN A 37 -2.48 -47.55 21.18
C ASN A 37 -2.86 -47.80 19.72
N PRO A 38 -1.92 -47.64 18.76
CA PRO A 38 -2.20 -47.84 17.35
C PRO A 38 -2.47 -49.32 17.06
N GLN A 39 -3.43 -49.61 16.18
CA GLN A 39 -3.76 -51.01 15.82
C GLN A 39 -3.41 -51.24 14.35
N GLU A 40 -2.62 -52.27 14.05
CA GLU A 40 -2.27 -52.58 12.64
C GLU A 40 -2.63 -54.04 12.34
N MET A 41 -3.43 -54.26 11.29
CA MET A 41 -3.83 -55.64 10.89
C MET A 41 -3.14 -55.98 9.57
N VAL A 42 -2.40 -57.09 9.54
CA VAL A 42 -1.63 -57.52 8.33
C VAL A 42 -2.48 -58.46 7.47
N LEU A 43 -2.43 -58.26 6.15
CA LEU A 43 -3.16 -59.11 5.18
C LEU A 43 -2.18 -59.54 4.08
N ALA A 44 -1.28 -60.48 4.40
CA ALA A 44 -0.23 -60.94 3.45
C ALA A 44 -0.86 -61.57 2.20
N ASN A 45 -1.91 -62.36 2.36
CA ASN A 45 -2.57 -63.02 1.20
C ASN A 45 -3.14 -61.97 0.25
N VAL A 46 -3.76 -60.92 0.80
CA VAL A 46 -4.41 -59.83 0.02
C VAL A 46 -3.37 -59.02 -0.76
N THR A 47 -3.69 -58.68 -2.01
CA THR A 47 -2.85 -57.80 -2.87
C THR A 47 -3.73 -56.65 -3.34
N GLU A 48 -3.26 -55.41 -3.21
CA GLU A 48 -4.07 -54.23 -3.61
C GLU A 48 -3.29 -53.37 -4.60
N ASN A 49 -4.00 -52.56 -5.39
CA ASN A 49 -3.37 -51.67 -6.39
C ASN A 49 -3.25 -50.26 -5.81
N PHE A 50 -2.03 -49.72 -5.79
CA PHE A 50 -1.78 -48.38 -5.31
C PHE A 50 -1.28 -47.51 -6.45
N ASN A 51 -1.56 -46.21 -6.36
CA ASN A 51 -1.01 -45.22 -7.27
C ASN A 51 -0.69 -43.97 -6.46
N MET A 52 0.59 -43.73 -6.18
CA MET A 52 1.00 -42.57 -5.41
C MET A 52 0.78 -41.26 -6.13
N TRP A 53 0.50 -41.29 -7.44
CA TRP A 53 0.36 -40.09 -8.24
C TRP A 53 -1.09 -39.65 -8.43
N LYS A 54 -2.04 -40.45 -7.95
CA LYS A 54 -3.46 -40.11 -8.00
C LYS A 54 -4.08 -40.40 -6.63
N ASN A 55 -3.56 -39.73 -5.60
CA ASN A 55 -3.91 -40.01 -4.21
C ASN A 55 -4.54 -38.77 -3.61
N ASP A 56 -5.80 -38.88 -3.19
CA ASP A 56 -6.51 -37.73 -2.62
C ASP A 56 -5.92 -37.31 -1.28
N MET A 57 -5.21 -38.20 -0.58
CA MET A 57 -4.56 -37.81 0.67
C MET A 57 -3.51 -36.75 0.44
N VAL A 58 -2.85 -36.77 -0.73
CA VAL A 58 -1.87 -35.75 -1.07
C VAL A 58 -2.54 -34.38 -1.17
N GLU A 59 -3.72 -34.33 -1.81
CA GLU A 59 -4.43 -33.07 -1.95
C GLU A 59 -4.93 -32.56 -0.59
N GLN A 60 -5.37 -33.47 0.28
CA GLN A 60 -5.85 -33.04 1.60
C GLN A 60 -4.71 -32.52 2.45
N MET A 61 -3.57 -33.22 2.46
CA MET A 61 -2.41 -32.71 3.18
C MET A 61 -1.91 -31.40 2.58
N HIS A 62 -2.04 -31.26 1.25
CA HIS A 62 -1.57 -30.02 0.62
C HIS A 62 -2.40 -28.83 1.09
N GLU A 63 -3.72 -28.99 1.18
CA GLU A 63 -4.56 -27.89 1.67
C GLU A 63 -4.37 -27.66 3.17
N ASP A 64 -4.05 -28.71 3.92
CA ASP A 64 -3.80 -28.52 5.35
C ASP A 64 -2.54 -27.71 5.59
N ILE A 65 -1.50 -27.92 4.79
CA ILE A 65 -0.26 -27.17 5.00
C ILE A 65 -0.37 -25.78 4.40
N ILE A 66 -1.19 -25.59 3.36
CA ILE A 66 -1.49 -24.25 2.89
C ILE A 66 -2.19 -23.45 3.99
N SER A 67 -3.16 -24.08 4.67
CA SER A 67 -3.82 -23.41 5.78
C SER A 67 -2.87 -23.17 6.93
N LEU A 68 -1.97 -24.12 7.20
CA LEU A 68 -0.98 -23.95 8.25
C LEU A 68 -0.06 -22.77 7.96
N TRP A 69 0.45 -22.69 6.73
CA TRP A 69 1.33 -21.59 6.37
C TRP A 69 0.58 -20.26 6.34
N ASP A 70 -0.68 -20.28 5.90
CA ASP A 70 -1.46 -19.05 5.84
C ASP A 70 -1.73 -18.49 7.23
N GLU A 71 -2.00 -19.36 8.19
CA GLU A 71 -2.25 -18.94 9.56
C GLU A 71 -0.97 -18.60 10.31
N SER A 72 0.17 -19.14 9.89
CA SER A 72 1.43 -19.05 10.64
C SER A 72 2.42 -18.08 10.02
N LEU A 73 2.81 -18.31 8.76
CA LEU A 73 3.83 -17.48 8.11
C LEU A 73 3.16 -16.35 7.34
N LYS A 74 2.67 -15.38 8.09
CA LYS A 74 2.03 -14.21 7.49
C LYS A 74 3.10 -13.30 6.89
N PRO A 75 3.05 -13.00 5.61
CA PRO A 75 4.03 -12.08 5.03
C PRO A 75 3.68 -10.63 5.32
N CYS A 76 4.71 -9.78 5.30
CA CYS A 76 4.48 -8.35 5.47
C CYS A 76 3.61 -7.81 4.33
N VAL A 77 3.96 -8.16 3.10
CA VAL A 77 3.17 -7.81 1.93
C VAL A 77 2.93 -9.08 1.12
N LYS A 78 1.70 -9.25 0.64
CA LYS A 78 1.34 -10.36 -0.23
C LYS A 78 0.81 -9.77 -1.53
N LEU A 79 1.52 -10.01 -2.62
CA LEU A 79 1.22 -9.41 -3.92
C LEU A 79 0.69 -10.48 -4.86
N THR A 80 -0.58 -10.37 -5.23
CA THR A 80 -1.21 -11.25 -6.20
C THR A 80 -1.71 -10.38 -7.36
N GLY A 81 -0.87 -10.26 -8.39
CA GLY A 81 -1.22 -9.55 -9.61
C GLY A 81 -1.84 -8.18 -9.41
N GLY A 82 -1.06 -7.22 -8.95
CA GLY A 82 -1.52 -5.87 -8.72
C GLY A 82 -2.16 -5.62 -7.37
N SER A 83 -2.74 -6.64 -6.77
CA SER A 83 -3.40 -6.52 -5.47
C SER A 83 -2.38 -6.86 -4.37
N ALA A 84 -2.14 -5.90 -3.47
CA ALA A 84 -1.18 -6.08 -2.40
C ALA A 84 -1.91 -6.02 -1.06
N ILE A 85 -1.71 -7.06 -0.25
CA ILE A 85 -2.32 -7.16 1.08
C ILE A 85 -1.20 -7.08 2.11
N THR A 86 -1.24 -6.05 2.95
CA THR A 86 -0.26 -5.87 4.00
C THR A 86 -0.85 -6.25 5.35
N GLN A 87 -0.06 -6.95 6.15
CA GLN A 87 -0.49 -7.42 7.46
C GLN A 87 0.66 -7.25 8.44
N ALA A 88 0.42 -7.70 9.68
CA ALA A 88 1.50 -7.81 10.65
C ALA A 88 2.28 -9.09 10.38
N CYS A 89 3.61 -8.96 10.29
CA CYS A 89 4.49 -10.08 9.95
C CYS A 89 5.49 -10.29 11.08
N PRO A 90 5.05 -10.79 12.23
CA PRO A 90 5.97 -11.00 13.35
C PRO A 90 6.86 -12.20 13.11
N LYS A 91 8.10 -12.10 13.59
CA LYS A 91 9.00 -13.25 13.57
C LYS A 91 8.49 -14.31 14.54
N VAL A 92 8.40 -15.55 14.05
CA VAL A 92 7.79 -16.63 14.80
C VAL A 92 8.82 -17.73 15.03
N SER A 93 8.45 -18.69 15.87
CA SER A 93 9.23 -19.90 16.09
C SER A 93 8.73 -20.97 15.12
N PHE A 94 9.62 -21.44 14.25
CA PHE A 94 9.24 -22.31 13.15
C PHE A 94 10.10 -23.58 13.18
N ASP A 95 9.48 -24.70 13.51
CA ASP A 95 10.13 -26.00 13.45
C ASP A 95 9.08 -27.07 13.20
N PRO A 96 9.06 -27.68 12.01
CA PRO A 96 7.96 -28.60 11.67
C PRO A 96 7.88 -29.79 12.62
N ILE A 97 6.64 -30.21 12.88
CA ILE A 97 6.37 -31.36 13.74
C ILE A 97 5.71 -32.45 12.91
N PRO A 98 5.84 -33.73 13.30
CA PRO A 98 5.21 -34.79 12.51
C PRO A 98 3.68 -34.72 12.59
N LEU A 99 3.04 -35.01 11.46
CA LEU A 99 1.58 -35.04 11.36
C LEU A 99 1.14 -36.41 10.85
N HIS A 100 0.25 -37.06 11.58
CA HIS A 100 -0.38 -38.30 11.14
C HIS A 100 -1.73 -37.98 10.51
N TYR A 101 -2.06 -38.69 9.45
CA TYR A 101 -3.35 -38.52 8.76
C TYR A 101 -4.20 -39.77 8.94
N CYS A 102 -5.42 -39.58 9.44
CA CYS A 102 -6.28 -40.67 9.87
C CYS A 102 -7.61 -40.62 9.11
N ALA A 103 -8.23 -41.78 8.98
CA ALA A 103 -9.54 -41.97 8.35
C ALA A 103 -10.62 -42.14 9.41
N PRO A 104 -11.82 -41.62 9.16
CA PRO A 104 -12.90 -41.77 10.14
C PRO A 104 -13.48 -43.18 10.16
N ALA A 105 -14.52 -43.39 10.97
CA ALA A 105 -15.17 -44.70 11.02
C ALA A 105 -15.79 -45.04 9.68
N GLY A 106 -15.93 -46.35 9.43
CA GLY A 106 -16.34 -46.81 8.13
C GLY A 106 -15.27 -46.74 7.07
N PHE A 107 -14.11 -46.19 7.39
CA PHE A 107 -12.97 -46.09 6.47
C PHE A 107 -11.72 -46.55 7.18
N ALA A 108 -10.73 -46.97 6.38
CA ALA A 108 -9.45 -47.39 6.90
C ALA A 108 -8.36 -46.95 5.93
N ILE A 109 -7.10 -47.08 6.36
CA ILE A 109 -5.95 -46.70 5.56
C ILE A 109 -5.17 -47.96 5.25
N LEU A 110 -5.10 -48.34 3.98
CA LEU A 110 -4.30 -49.48 3.55
C LEU A 110 -2.85 -49.07 3.43
N LYS A 111 -1.96 -49.92 3.94
CA LYS A 111 -0.53 -49.61 3.99
C LYS A 111 0.23 -50.75 3.32
N CYS A 112 1.06 -50.41 2.33
CA CYS A 112 1.83 -51.38 1.58
C CYS A 112 3.17 -51.61 2.27
N ASN A 113 3.43 -52.85 2.66
CA ASN A 113 4.64 -53.21 3.38
C ASN A 113 5.72 -53.78 2.47
N ASN A 114 5.53 -53.71 1.15
CA ASN A 114 6.57 -54.13 0.21
C ASN A 114 7.69 -53.10 0.23
N LYS A 115 8.82 -53.45 0.84
CA LYS A 115 9.93 -52.51 1.02
C LYS A 115 10.57 -52.12 -0.31
N THR A 116 10.19 -52.74 -1.42
CA THR A 116 10.70 -52.40 -2.74
C THR A 116 9.68 -51.67 -3.60
N PHE A 117 8.48 -51.43 -3.07
CA PHE A 117 7.40 -50.83 -3.86
C PHE A 117 7.78 -49.43 -4.31
N ASN A 118 7.37 -49.12 -5.54
CA ASN A 118 7.71 -47.84 -6.22
C ASN A 118 6.53 -46.89 -6.25
N GLY A 119 5.42 -47.23 -5.61
CA GLY A 119 4.26 -46.38 -5.55
C GLY A 119 3.14 -46.71 -6.51
N THR A 120 3.41 -47.51 -7.55
CA THR A 120 2.42 -47.82 -8.57
C THR A 120 2.39 -49.31 -8.83
N GLY A 121 1.20 -49.88 -8.92
CA GLY A 121 1.03 -51.28 -9.24
C GLY A 121 0.51 -52.09 -8.07
N PRO A 122 0.58 -53.42 -8.22
CA PRO A 122 0.08 -54.30 -7.15
C PRO A 122 1.10 -54.44 -6.02
N CYS A 123 0.60 -54.37 -4.79
CA CYS A 123 1.39 -54.65 -3.59
C CYS A 123 0.78 -55.86 -2.91
N ARG A 124 1.57 -56.91 -2.74
CA ARG A 124 1.04 -58.19 -2.29
C ARG A 124 0.97 -58.32 -0.78
N ASN A 125 1.88 -57.69 -0.04
CA ASN A 125 1.84 -57.68 1.43
C ASN A 125 1.27 -56.34 1.86
N VAL A 126 0.01 -56.35 2.27
CA VAL A 126 -0.72 -55.14 2.65
C VAL A 126 -1.11 -55.23 4.11
N SER A 127 -1.23 -54.07 4.75
CA SER A 127 -1.70 -53.96 6.13
C SER A 127 -2.78 -52.91 6.21
N THR A 128 -3.48 -52.89 7.34
CA THR A 128 -4.57 -51.96 7.59
C THR A 128 -4.27 -51.19 8.87
N VAL A 129 -4.39 -49.87 8.81
CA VAL A 129 -4.11 -48.99 9.95
C VAL A 129 -5.20 -47.93 10.03
N GLN A 130 -5.20 -47.20 11.15
CA GLN A 130 -6.09 -46.07 11.35
C GLN A 130 -5.48 -44.74 10.96
N CYS A 131 -4.18 -44.57 11.15
CA CYS A 131 -3.46 -43.36 10.77
C CYS A 131 -2.18 -43.75 10.03
N THR A 132 -1.56 -42.75 9.41
CA THR A 132 -0.25 -42.91 8.81
C THR A 132 0.82 -42.59 9.85
N HIS A 133 2.09 -42.73 9.46
CA HIS A 133 3.17 -42.39 10.36
C HIS A 133 3.33 -40.87 10.45
N GLY A 134 4.20 -40.43 11.36
CA GLY A 134 4.45 -39.02 11.53
C GLY A 134 5.19 -38.41 10.36
N ILE A 135 4.53 -37.50 9.63
CA ILE A 135 5.09 -36.86 8.45
C ILE A 135 5.33 -35.39 8.77
N LYS A 136 6.60 -34.98 8.74
CA LYS A 136 6.93 -33.58 8.90
C LYS A 136 6.64 -32.85 7.60
N PRO A 137 5.80 -31.81 7.60
CA PRO A 137 5.52 -31.07 6.35
C PRO A 137 6.65 -30.12 5.98
N VAL A 138 7.75 -30.69 5.49
CA VAL A 138 8.93 -29.90 5.13
C VAL A 138 8.77 -29.41 3.70
N VAL A 139 8.75 -28.10 3.54
CA VAL A 139 8.51 -27.47 2.24
C VAL A 139 9.86 -27.08 1.66
N SER A 140 10.29 -27.80 0.62
CA SER A 140 11.62 -27.59 0.06
C SER A 140 11.63 -28.05 -1.39
N THR A 141 12.68 -27.66 -2.10
CA THR A 141 12.88 -28.05 -3.49
C THR A 141 14.20 -28.81 -3.64
N GLN A 142 14.29 -29.58 -4.73
CA GLN A 142 15.47 -30.37 -5.06
C GLN A 142 15.74 -31.45 -4.03
N LEU A 143 15.98 -31.06 -2.78
CA LEU A 143 16.29 -32.00 -1.71
C LEU A 143 15.08 -32.18 -0.82
N LEU A 144 14.72 -33.43 -0.56
CA LEU A 144 13.68 -33.77 0.41
C LEU A 144 14.33 -33.92 1.78
N LEU A 145 13.90 -33.11 2.74
CA LEU A 145 14.55 -33.02 4.03
C LEU A 145 13.67 -33.63 5.12
N ASN A 146 14.33 -34.24 6.11
CA ASN A 146 13.70 -34.72 7.34
C ASN A 146 12.56 -35.70 7.06
N GLY A 147 12.72 -36.53 6.03
CA GLY A 147 11.75 -37.55 5.69
C GLY A 147 12.14 -38.91 6.23
N SER A 148 11.46 -39.93 5.69
CA SER A 148 11.70 -41.32 6.07
C SER A 148 12.51 -42.02 4.98
N LEU A 149 13.41 -42.89 5.40
CA LEU A 149 14.33 -43.55 4.49
C LEU A 149 13.77 -44.89 4.03
N ALA A 150 14.21 -45.31 2.84
CA ALA A 150 13.80 -46.63 2.29
C ALA A 150 14.51 -47.71 3.10
N GLU A 151 13.75 -48.69 3.61
CA GLU A 151 14.30 -49.77 4.47
C GLU A 151 15.32 -50.63 3.71
N GLU A 152 15.04 -50.94 2.45
CA GLU A 152 15.93 -51.80 1.63
C GLU A 152 16.82 -50.94 0.72
N GLU A 153 16.77 -51.23 -0.59
CA GLU A 153 17.54 -50.51 -1.63
C GLU A 153 16.91 -49.16 -1.95
N ILE A 154 17.67 -48.26 -2.58
CA ILE A 154 17.16 -46.92 -2.99
C ILE A 154 16.05 -47.13 -4.01
N ILE A 155 14.95 -46.38 -3.90
CA ILE A 155 13.79 -46.55 -4.83
C ILE A 155 13.63 -45.34 -5.74
N ILE A 156 13.38 -45.60 -7.02
CA ILE A 156 13.13 -44.58 -8.03
C ILE A 156 11.63 -44.58 -8.34
N ARG A 157 10.99 -43.44 -8.10
CA ARG A 157 9.55 -43.28 -8.30
C ARG A 157 9.28 -42.23 -9.36
N SER A 158 8.35 -42.54 -10.26
CA SER A 158 7.95 -41.60 -11.29
C SER A 158 6.58 -42.00 -11.82
N GLU A 159 5.76 -40.98 -12.13
CA GLU A 159 4.48 -41.25 -12.77
C GLU A 159 4.65 -41.86 -14.15
N ASN A 160 5.70 -41.44 -14.87
CA ASN A 160 5.98 -41.95 -16.22
C ASN A 160 7.44 -41.66 -16.57
N LEU A 161 8.34 -42.62 -16.35
CA LEU A 161 9.76 -42.39 -16.59
C LEU A 161 10.05 -42.01 -18.04
N THR A 162 9.25 -42.53 -18.98
CA THR A 162 9.42 -42.18 -20.38
C THR A 162 9.10 -40.72 -20.66
N ASN A 163 8.42 -40.03 -19.73
CA ASN A 163 8.06 -38.63 -19.89
C ASN A 163 9.05 -37.78 -19.09
N ASN A 164 9.90 -37.03 -19.80
CA ASN A 164 10.90 -36.20 -19.15
C ASN A 164 10.29 -35.04 -18.37
N ALA A 165 8.99 -34.77 -18.53
CA ALA A 165 8.34 -33.73 -17.77
C ALA A 165 7.88 -34.19 -16.39
N LYS A 166 7.80 -35.51 -16.17
CA LYS A 166 7.35 -36.05 -14.90
C LYS A 166 8.47 -36.00 -13.88
N THR A 167 8.16 -35.54 -12.67
CA THR A 167 9.15 -35.45 -11.61
C THR A 167 9.57 -36.84 -11.14
N ILE A 168 10.86 -37.02 -10.93
CA ILE A 168 11.42 -38.28 -10.45
C ILE A 168 11.75 -38.12 -8.97
N ILE A 169 11.21 -39.02 -8.14
CA ILE A 169 11.46 -39.02 -6.71
C ILE A 169 12.45 -40.13 -6.39
N VAL A 170 13.63 -39.75 -5.90
CA VAL A 170 14.64 -40.69 -5.48
C VAL A 170 14.52 -40.86 -3.97
N HIS A 171 14.29 -42.09 -3.51
CA HIS A 171 14.10 -42.39 -2.10
C HIS A 171 15.35 -43.09 -1.58
N LEU A 172 16.11 -42.40 -0.73
CA LEU A 172 17.38 -42.92 -0.25
C LEU A 172 17.17 -43.87 0.92
N ASN A 173 18.05 -44.86 1.03
CA ASN A 173 18.03 -45.82 2.12
C ASN A 173 19.00 -45.46 3.23
N GLU A 174 19.80 -44.41 3.06
CA GLU A 174 20.65 -43.88 4.12
C GLU A 174 20.82 -42.39 3.93
N SER A 175 20.60 -41.63 4.99
CA SER A 175 20.49 -40.18 4.89
C SER A 175 21.85 -39.52 4.68
N VAL A 176 21.80 -38.29 4.19
CA VAL A 176 22.99 -37.44 4.03
C VAL A 176 22.77 -36.18 4.84
N ASN A 177 23.69 -35.91 5.76
CA ASN A 177 23.53 -34.79 6.68
C ASN A 177 23.92 -33.49 6.00
N ILE A 178 23.04 -32.49 6.08
CA ILE A 178 23.29 -31.16 5.53
C ILE A 178 23.07 -30.15 6.65
N VAL A 179 24.04 -29.26 6.84
CA VAL A 179 24.00 -28.25 7.88
C VAL A 179 24.07 -26.89 7.21
N CYS A 180 22.94 -26.17 7.20
CA CYS A 180 22.86 -24.84 6.64
C CYS A 180 22.85 -23.81 7.75
N THR A 181 23.59 -22.72 7.54
CA THR A 181 23.81 -21.76 8.62
C THR A 181 24.06 -20.36 8.05
N ARG A 182 23.32 -19.38 8.56
CA ARG A 182 23.71 -17.99 8.43
C ARG A 182 24.44 -17.61 9.71
N PRO A 183 25.76 -17.48 9.69
CA PRO A 183 26.51 -17.29 10.94
C PRO A 183 26.22 -15.95 11.59
N ASN A 184 26.59 -15.86 12.86
CA ASN A 184 26.41 -14.63 13.64
C ASN A 184 27.34 -13.53 13.13
N ASN A 193 27.47 -9.20 5.08
CA ASN A 193 26.06 -9.14 4.73
C ASN A 193 25.26 -10.12 5.58
N ILE A 194 24.10 -9.68 6.05
CA ILE A 194 23.31 -10.43 7.03
C ILE A 194 22.36 -11.37 6.31
N ARG A 195 22.48 -11.45 4.98
CA ARG A 195 21.70 -12.39 4.19
C ARG A 195 22.57 -13.45 3.53
N GLN A 196 23.85 -13.51 3.89
CA GLN A 196 24.77 -14.49 3.32
C GLN A 196 24.86 -15.70 4.24
N ALA A 197 24.59 -16.89 3.70
CA ALA A 197 24.60 -18.13 4.46
C ALA A 197 25.28 -19.21 3.65
N HIS A 198 25.41 -20.40 4.25
CA HIS A 198 26.08 -21.50 3.57
C HIS A 198 25.65 -22.83 4.20
N CYS A 199 25.70 -23.88 3.38
CA CYS A 199 25.41 -25.24 3.83
C CYS A 199 26.66 -26.10 3.69
N ASN A 200 26.85 -27.02 4.63
CA ASN A 200 27.96 -27.95 4.61
C ASN A 200 27.45 -29.37 4.40
N ILE A 201 28.06 -30.09 3.46
CA ILE A 201 27.71 -31.47 3.17
C ILE A 201 29.00 -32.27 3.05
N ASN A 202 29.07 -33.41 3.73
CA ASN A 202 30.23 -34.28 3.63
C ASN A 202 30.32 -34.87 2.22
N GLU A 203 31.43 -34.61 1.53
CA GLU A 203 31.56 -35.03 0.14
C GLU A 203 31.62 -36.55 0.02
N SER A 204 32.15 -37.24 1.03
CA SER A 204 32.23 -38.69 0.96
C SER A 204 30.85 -39.33 0.96
N LYS A 205 29.93 -38.84 1.80
CA LYS A 205 28.59 -39.40 1.83
C LYS A 205 27.82 -39.06 0.56
N TRP A 206 28.02 -37.85 0.03
CA TRP A 206 27.37 -37.48 -1.22
C TRP A 206 27.98 -38.22 -2.41
N ASN A 207 29.25 -38.60 -2.31
CA ASN A 207 29.87 -39.40 -3.36
C ASN A 207 29.19 -40.76 -3.49
N ASN A 208 29.09 -41.50 -2.38
CA ASN A 208 28.50 -42.83 -2.43
C ASN A 208 27.00 -42.76 -2.68
N THR A 209 26.34 -41.68 -2.25
CA THR A 209 24.90 -41.55 -2.48
C THR A 209 24.59 -41.44 -3.96
N LEU A 210 25.22 -40.49 -4.65
CA LEU A 210 25.04 -40.37 -6.09
C LEU A 210 25.64 -41.54 -6.85
N GLN A 211 26.60 -42.25 -6.24
CA GLN A 211 27.15 -43.44 -6.88
C GLN A 211 26.06 -44.49 -7.13
N LYS A 212 25.28 -44.80 -6.11
CA LYS A 212 24.25 -45.83 -6.21
C LYS A 212 22.88 -45.28 -6.60
N VAL A 213 22.69 -43.96 -6.58
CA VAL A 213 21.56 -43.38 -7.27
C VAL A 213 21.74 -43.51 -8.77
N GLY A 214 22.97 -43.33 -9.25
CA GLY A 214 23.27 -43.58 -10.65
C GLY A 214 23.17 -45.05 -11.01
N GLU A 215 23.48 -45.95 -10.07
CA GLU A 215 23.30 -47.38 -10.31
C GLU A 215 21.83 -47.71 -10.54
N GLU A 216 20.97 -47.25 -9.63
CA GLU A 216 19.54 -47.53 -9.75
C GLU A 216 18.93 -46.84 -10.98
N LEU A 217 19.45 -45.67 -11.32
CA LEU A 217 18.97 -44.95 -12.52
C LEU A 217 19.50 -45.71 -13.74
N ALA A 218 20.67 -46.33 -13.58
CA ALA A 218 21.30 -47.13 -14.65
C ALA A 218 20.41 -48.31 -15.03
N LYS A 219 19.75 -48.93 -14.05
CA LYS A 219 18.86 -50.08 -14.35
C LYS A 219 17.70 -49.61 -15.23
N HIS A 220 17.15 -48.44 -14.93
CA HIS A 220 16.01 -47.85 -15.68
C HIS A 220 16.40 -47.46 -17.11
N PHE A 221 17.63 -46.99 -17.33
CA PHE A 221 18.11 -46.62 -18.69
C PHE A 221 19.41 -47.38 -18.93
N PRO A 222 19.31 -48.71 -19.14
CA PRO A 222 20.48 -49.59 -19.28
C PRO A 222 21.41 -49.51 -20.50
N SER A 223 23.80 -48.18 -22.99
CA SER A 223 24.61 -46.94 -23.09
C SER A 223 24.07 -45.96 -22.05
N LYS A 224 23.73 -44.73 -22.46
CA LYS A 224 23.09 -43.75 -21.55
C LYS A 224 23.87 -43.58 -20.25
N THR A 225 25.13 -43.16 -20.32
CA THR A 225 25.88 -42.90 -19.06
C THR A 225 25.12 -41.83 -18.29
N ILE A 226 24.89 -42.05 -17.00
CA ILE A 226 24.09 -41.09 -16.17
C ILE A 226 24.93 -39.86 -15.84
N LYS A 227 24.37 -38.67 -16.04
CA LYS A 227 25.08 -37.40 -15.72
C LYS A 227 24.19 -36.51 -14.85
N PHE A 228 24.77 -35.94 -13.78
CA PHE A 228 24.02 -35.05 -12.87
C PHE A 228 24.47 -33.61 -13.12
N GLU A 229 23.51 -32.71 -13.39
CA GLU A 229 23.83 -31.30 -13.69
C GLU A 229 22.87 -30.37 -12.94
N PRO A 230 23.20 -29.08 -12.80
CA PRO A 230 22.35 -28.11 -12.10
C PRO A 230 21.08 -27.75 -12.89
N SER A 231 20.10 -27.14 -12.22
CA SER A 231 18.79 -26.82 -12.85
C SER A 231 19.03 -26.00 -14.13
N SER A 232 18.30 -26.32 -15.20
CA SER A 232 18.49 -25.64 -16.51
C SER A 232 18.19 -24.15 -16.36
N GLY A 233 17.04 -23.83 -15.77
CA GLY A 233 16.61 -22.43 -15.59
C GLY A 233 15.28 -22.35 -14.84
N GLY A 234 14.63 -21.18 -14.87
CA GLY A 234 13.36 -21.02 -14.16
C GLY A 234 13.48 -20.11 -12.95
N ASP A 235 12.47 -20.10 -12.10
CA ASP A 235 12.44 -19.26 -10.86
C ASP A 235 13.54 -19.72 -9.91
N LEU A 236 14.06 -18.79 -9.10
CA LEU A 236 15.17 -19.04 -8.14
C LEU A 236 14.79 -20.10 -7.11
N GLU A 237 13.52 -20.17 -6.71
CA GLU A 237 13.09 -21.19 -5.71
C GLU A 237 13.37 -22.59 -6.25
N ILE A 238 13.12 -22.85 -7.53
CA ILE A 238 13.35 -24.22 -8.10
C ILE A 238 14.75 -24.37 -8.72
N THR A 239 15.49 -23.28 -8.93
CA THR A 239 16.85 -23.41 -9.54
C THR A 239 17.91 -23.61 -8.46
N THR A 240 17.52 -23.48 -7.19
CA THR A 240 18.49 -23.65 -6.08
C THR A 240 17.85 -24.52 -5.00
N HIS A 241 18.64 -25.24 -4.21
CA HIS A 241 18.02 -26.02 -3.12
C HIS A 241 17.52 -25.00 -2.10
N SER A 242 16.20 -24.90 -1.94
CA SER A 242 15.67 -23.89 -1.00
C SER A 242 14.83 -24.59 0.07
N PHE A 243 14.82 -24.03 1.27
CA PHE A 243 14.03 -24.59 2.39
C PHE A 243 13.79 -23.47 3.41
N ASN A 244 12.81 -23.66 4.29
CA ASN A 244 12.56 -22.62 5.33
C ASN A 244 13.25 -23.08 6.61
N CYS A 245 14.18 -22.27 7.13
CA CYS A 245 14.93 -22.62 8.36
C CYS A 245 14.65 -21.59 9.45
N ARG A 246 14.04 -22.03 10.56
CA ARG A 246 13.70 -21.16 11.71
C ARG A 246 12.91 -19.93 11.23
N GLY A 247 11.92 -20.16 10.36
CA GLY A 247 11.05 -19.07 9.86
C GLY A 247 11.72 -18.23 8.78
N GLU A 248 12.99 -18.47 8.46
CA GLU A 248 13.71 -17.68 7.42
C GLU A 248 13.79 -18.49 6.12
N PHE A 249 13.71 -17.82 4.97
CA PHE A 249 13.77 -18.53 3.67
C PHE A 249 15.21 -18.55 3.16
N PHE A 250 15.76 -19.76 3.02
CA PHE A 250 17.16 -19.97 2.58
C PHE A 250 17.19 -20.47 1.15
N TYR A 251 17.93 -19.78 0.28
CA TYR A 251 18.10 -20.23 -1.13
C TYR A 251 19.56 -20.64 -1.30
N CYS A 252 19.82 -21.92 -1.58
CA CYS A 252 21.23 -22.40 -1.64
C CYS A 252 21.59 -22.93 -3.02
N ASN A 253 22.72 -22.45 -3.55
CA ASN A 253 23.21 -22.88 -4.89
C ASN A 253 23.61 -24.35 -4.84
N THR A 254 23.12 -25.15 -5.79
CA THR A 254 23.42 -26.60 -5.82
C THR A 254 24.26 -26.96 -7.05
N SER A 255 24.85 -25.97 -7.72
CA SER A 255 25.65 -26.29 -8.94
C SER A 255 26.83 -27.21 -8.56
N ASP A 256 27.48 -26.95 -7.42
CA ASP A 256 28.57 -27.86 -6.98
C ASP A 256 28.00 -29.22 -6.58
N LEU A 257 26.84 -29.25 -5.91
CA LEU A 257 26.25 -30.53 -5.42
C LEU A 257 25.78 -31.44 -6.56
N PHE A 258 25.01 -30.91 -7.51
CA PHE A 258 24.51 -31.74 -8.64
C PHE A 258 25.50 -31.61 -9.81
N ASN A 259 26.67 -32.25 -9.66
CA ASN A 259 27.73 -32.09 -10.68
C ASN A 259 28.55 -33.39 -10.78
N GLY A 260 28.00 -34.44 -11.37
CA GLY A 260 28.77 -35.69 -11.46
C GLY A 260 28.42 -36.51 -12.69
N THR A 261 29.29 -37.45 -13.04
CA THR A 261 29.05 -38.35 -14.20
C THR A 261 29.18 -39.81 -13.75
N TYR A 262 28.19 -40.63 -14.07
CA TYR A 262 28.23 -42.09 -13.74
C TYR A 262 28.44 -42.83 -15.06
N ARG A 263 29.60 -43.45 -15.24
CA ARG A 263 29.92 -44.16 -16.52
C ARG A 263 30.66 -45.46 -16.23
N ASN A 264 30.29 -46.53 -16.95
CA ASN A 264 30.94 -47.86 -16.84
C ASN A 264 30.89 -48.38 -15.40
N GLY A 265 29.77 -48.16 -14.69
CA GLY A 265 29.59 -48.67 -13.32
C GLY A 265 30.31 -47.83 -12.27
N THR A 266 30.85 -46.66 -12.66
CA THR A 266 31.59 -45.79 -11.72
C THR A 266 31.78 -44.41 -12.36
N TYR A 267 31.35 -43.73 -9.22
CA TYR A 267 30.81 -42.45 -9.75
C TYR A 267 31.89 -41.38 -9.67
N ASN A 268 31.89 -40.43 -10.61
CA ASN A 268 32.91 -39.34 -10.60
C ASN A 268 32.21 -38.02 -10.30
N HIS A 269 32.68 -37.30 -9.27
CA HIS A 269 32.05 -36.00 -8.90
C HIS A 269 32.88 -34.86 -9.49
N THR A 270 32.25 -34.04 -10.34
CA THR A 270 32.95 -32.91 -11.01
C THR A 270 32.69 -31.60 -10.24
N GLY A 271 31.90 -31.67 -9.17
CA GLY A 271 31.59 -30.48 -8.33
C GLY A 271 32.78 -30.04 -7.52
N ARG A 272 32.98 -28.74 -7.35
CA ARG A 272 34.13 -28.21 -6.57
C ARG A 272 33.97 -28.58 -5.09
N SER A 273 35.04 -29.10 -4.47
CA SER A 273 35.01 -29.50 -3.05
C SER A 273 36.31 -29.07 -2.37
N SER A 274 36.25 -28.72 -1.08
CA SER A 274 37.49 -28.34 -0.34
C SER A 274 37.51 -29.04 1.01
N ASN A 275 38.62 -29.71 1.34
CA ASN A 275 38.82 -30.42 2.62
C ASN A 275 37.76 -31.49 2.86
N GLY A 276 37.32 -32.18 1.80
CA GLY A 276 36.35 -33.28 1.91
C GLY A 276 34.91 -32.82 2.16
N THR A 277 34.62 -31.52 2.03
CA THR A 277 33.24 -31.04 2.26
C THR A 277 32.80 -30.14 1.11
N ILE A 278 31.54 -30.31 0.67
CA ILE A 278 30.96 -29.46 -0.41
C ILE A 278 30.24 -28.30 0.28
N THR A 279 30.52 -27.07 -0.12
CA THR A 279 29.89 -25.90 0.52
C THR A 279 28.96 -25.20 -0.49
N LEU A 280 27.71 -24.96 -0.09
CA LEU A 280 26.74 -24.28 -0.99
C LEU A 280 26.55 -22.85 -0.48
N GLN A 281 26.74 -21.85 -1.34
CA GLN A 281 26.53 -20.45 -0.93
C GLN A 281 25.01 -20.23 -0.83
N CYS A 282 24.54 -19.62 0.27
CA CYS A 282 23.08 -19.41 0.43
C CYS A 282 22.76 -17.93 0.66
N LYS A 283 21.56 -17.53 0.26
CA LYS A 283 21.09 -16.15 0.44
C LYS A 283 19.69 -16.20 1.06
N ILE A 284 19.46 -15.41 2.10
CA ILE A 284 18.12 -15.36 2.75
C ILE A 284 17.35 -14.26 2.00
N LYS A 285 16.16 -14.58 1.47
CA LYS A 285 15.44 -13.58 0.64
C LYS A 285 14.13 -13.15 1.30
N GLN A 286 13.93 -11.84 1.43
CA GLN A 286 12.68 -11.24 1.96
C GLN A 286 11.55 -11.46 0.94
N ILE A 287 11.86 -11.29 -0.36
CA ILE A 287 10.83 -11.47 -1.42
C ILE A 287 10.77 -12.95 -1.78
N ILE A 288 9.58 -13.54 -1.71
CA ILE A 288 9.41 -15.00 -1.92
C ILE A 288 8.37 -15.26 -3.00
N ASN A 289 8.63 -16.21 -3.89
CA ASN A 289 7.62 -16.63 -4.89
C ASN A 289 6.84 -17.76 -4.21
N MET A 290 5.55 -17.54 -3.93
CA MET A 290 4.73 -18.48 -3.12
C MET A 290 4.48 -19.83 -3.80
N TRP A 291 4.73 -20.91 -3.06
CA TRP A 291 4.38 -22.30 -3.48
C TRP A 291 2.87 -22.51 -3.34
N GLN A 292 2.24 -21.92 -2.32
CA GLN A 292 0.79 -22.18 -2.07
C GLN A 292 -0.06 -21.76 -3.27
N GLU A 293 0.22 -20.60 -3.85
CA GLU A 293 -0.58 -20.11 -5.01
C GLU A 293 0.28 -19.20 -5.87
N VAL A 294 -0.12 -18.96 -7.12
CA VAL A 294 0.70 -18.04 -7.97
C VAL A 294 0.65 -16.68 -7.29
N GLY A 295 1.81 -16.06 -7.10
CA GLY A 295 1.90 -14.75 -6.44
C GLY A 295 3.21 -14.61 -5.67
N ARG A 296 3.43 -13.46 -5.03
CA ARG A 296 4.68 -13.22 -4.27
C ARG A 296 4.37 -12.77 -2.85
N ALA A 297 5.19 -13.20 -1.90
CA ALA A 297 5.05 -12.78 -0.49
C ALA A 297 6.32 -12.05 -0.05
N ILE A 298 6.17 -10.91 0.63
CA ILE A 298 7.36 -10.14 1.12
C ILE A 298 7.42 -10.29 2.64
N TYR A 299 8.59 -10.68 3.15
CA TYR A 299 8.80 -10.94 4.60
C TYR A 299 9.83 -9.94 5.14
N ALA A 300 9.88 -9.82 6.47
CA ALA A 300 10.81 -8.89 7.15
C ALA A 300 12.24 -9.42 7.12
N PRO A 301 13.26 -8.57 7.39
CA PRO A 301 14.66 -8.99 7.37
C PRO A 301 14.99 -10.08 8.41
N PRO A 302 16.02 -10.90 8.16
CA PRO A 302 16.34 -12.03 9.04
C PRO A 302 16.67 -11.65 10.49
N ILE A 303 16.27 -12.52 11.41
CA ILE A 303 16.48 -12.34 12.87
C ILE A 303 17.98 -12.33 13.17
N GLU A 304 18.39 -11.55 14.17
CA GLU A 304 19.82 -11.45 14.57
C GLU A 304 20.27 -12.75 15.25
N GLY A 305 21.57 -13.02 15.21
CA GLY A 305 22.13 -14.25 15.81
C GLY A 305 22.45 -15.29 14.76
N GLU A 306 22.84 -16.49 15.20
CA GLU A 306 23.21 -17.57 14.25
C GLU A 306 21.98 -18.40 13.91
N ILE A 307 21.63 -18.45 12.62
CA ILE A 307 20.46 -19.27 12.18
C ILE A 307 21.04 -20.53 11.53
N THR A 308 20.86 -21.68 12.18
CA THR A 308 21.43 -22.94 11.65
C THR A 308 20.38 -24.06 11.68
N CYS A 309 20.30 -24.84 10.60
CA CYS A 309 19.37 -25.99 10.56
C CYS A 309 20.19 -27.25 10.27
N ASN A 310 20.05 -28.27 11.11
CA ASN A 310 20.76 -29.56 10.85
C ASN A 310 19.70 -30.50 10.29
N SER A 311 19.85 -30.89 9.02
CA SER A 311 18.80 -31.74 8.38
C SER A 311 19.43 -32.95 7.71
N ASN A 312 18.61 -33.99 7.49
CA ASN A 312 19.06 -35.22 6.81
C ASN A 312 18.43 -35.23 5.42
N ILE A 313 19.23 -35.43 4.37
CA ILE A 313 18.64 -35.49 3.00
C ILE A 313 18.15 -36.93 2.84
N THR A 314 16.83 -37.12 2.79
CA THR A 314 16.27 -38.50 2.68
C THR A 314 15.78 -38.77 1.26
N GLY A 315 15.77 -37.75 0.40
CA GLY A 315 15.29 -37.96 -0.98
C GLY A 315 15.75 -36.86 -1.92
N LEU A 316 15.61 -37.09 -3.23
CA LEU A 316 15.99 -36.09 -4.25
C LEU A 316 14.81 -35.91 -5.22
N LEU A 317 14.66 -34.71 -5.78
CA LEU A 317 13.64 -34.45 -6.82
C LEU A 317 14.43 -34.17 -8.10
N LEU A 318 14.22 -34.97 -9.15
CA LEU A 318 15.04 -34.80 -10.38
C LEU A 318 14.16 -34.71 -11.63
N LEU A 319 14.70 -34.09 -12.67
CA LEU A 319 14.03 -33.96 -13.99
C LEU A 319 15.01 -34.45 -15.05
N ARG A 320 14.54 -35.29 -15.96
CA ARG A 320 15.40 -35.84 -17.06
C ARG A 320 15.24 -34.95 -18.29
N ASP A 321 16.35 -34.53 -18.90
CA ASP A 321 16.29 -33.66 -20.10
C ASP A 321 15.41 -34.30 -21.17
N ASP A 328 22.03 -41.60 -26.33
CA ASP A 328 23.50 -41.51 -26.10
C ASP A 328 23.78 -41.35 -24.60
N THR A 329 23.30 -40.26 -24.02
CA THR A 329 23.52 -39.97 -22.57
C THR A 329 22.24 -39.37 -21.97
N GLU A 330 21.92 -39.72 -20.72
CA GLU A 330 20.73 -39.17 -20.02
C GLU A 330 21.23 -38.23 -18.92
N THR A 331 20.70 -37.01 -18.88
CA THR A 331 21.14 -35.99 -17.90
C THR A 331 20.02 -35.73 -16.89
N PHE A 332 20.36 -35.77 -15.59
CA PHE A 332 19.37 -35.52 -14.51
C PHE A 332 19.72 -34.22 -13.78
N ARG A 333 18.73 -33.34 -13.65
CA ARG A 333 18.89 -32.06 -12.98
C ARG A 333 17.88 -31.95 -11.84
N PRO A 334 18.25 -31.26 -10.77
CA PRO A 334 17.33 -31.14 -9.63
C PRO A 334 16.11 -30.30 -9.99
N GLY A 335 14.96 -30.73 -9.50
CA GLY A 335 13.71 -30.05 -9.78
C GLY A 335 12.94 -29.81 -8.49
N GLY A 336 11.64 -29.99 -8.57
CA GLY A 336 10.76 -29.78 -7.45
C GLY A 336 9.87 -28.57 -7.64
N GLY A 337 9.24 -28.16 -6.54
CA GLY A 337 8.34 -27.03 -6.56
C GLY A 337 6.91 -27.42 -6.26
N ASP A 338 6.34 -28.32 -7.08
CA ASP A 338 5.03 -28.85 -6.76
C ASP A 338 5.10 -29.58 -5.42
N MET A 339 4.72 -28.89 -4.35
CA MET A 339 4.86 -29.44 -3.01
C MET A 339 4.00 -30.67 -2.78
N ARG A 340 3.06 -31.13 -3.72
CA ARG A 340 2.23 -32.36 -3.67
C ARG A 340 3.22 -33.53 -3.73
N ASP A 341 4.40 -33.23 -4.53
CA ASP A 341 5.42 -34.26 -4.64
C ASP A 341 6.14 -34.48 -3.31
N ASN A 342 6.31 -33.42 -2.52
CA ASN A 342 6.94 -33.57 -1.22
C ASN A 342 6.07 -34.42 -0.29
N TRP A 343 4.75 -34.40 -0.47
CA TRP A 343 3.89 -35.26 0.33
C TRP A 343 3.81 -36.66 -0.24
N ARG A 344 3.91 -36.81 -1.56
CA ARG A 344 3.86 -38.14 -2.16
C ARG A 344 5.04 -39.00 -1.73
N SER A 345 6.19 -38.37 -1.47
CA SER A 345 7.37 -39.11 -1.03
C SER A 345 7.14 -39.81 0.30
N GLU A 346 6.15 -39.39 1.07
CA GLU A 346 5.82 -40.03 2.34
C GLU A 346 4.48 -40.74 2.34
N LEU A 347 3.54 -40.32 1.49
CA LEU A 347 2.22 -40.92 1.42
C LEU A 347 2.10 -42.01 0.36
N TYR A 348 3.22 -42.48 -0.19
CA TYR A 348 3.15 -43.46 -1.27
C TYR A 348 2.64 -44.80 -0.78
N LYS A 349 2.84 -45.15 0.49
CA LYS A 349 2.46 -46.51 0.93
C LYS A 349 1.05 -46.54 1.52
N TYR A 350 0.28 -45.47 1.33
CA TYR A 350 -1.06 -45.47 1.90
C TYR A 350 -2.11 -45.23 0.83
N LYS A 351 -3.33 -45.64 1.16
CA LYS A 351 -4.52 -45.52 0.26
C LYS A 351 -5.75 -45.61 1.15
N VAL A 352 -6.61 -44.59 1.11
CA VAL A 352 -7.84 -44.59 1.96
C VAL A 352 -8.92 -45.41 1.24
N VAL A 353 -9.49 -46.39 1.94
CA VAL A 353 -10.55 -47.25 1.33
C VAL A 353 -11.74 -47.35 2.29
N GLU A 354 -12.95 -47.43 1.75
CA GLU A 354 -14.19 -47.55 2.57
C GLU A 354 -14.25 -48.96 3.18
N LYS B 6 -35.64 -23.74 0.22
CA LYS B 6 -34.27 -23.20 0.17
C LYS B 6 -33.60 -23.66 -1.12
N THR B 7 -33.16 -22.71 -1.95
CA THR B 7 -32.50 -23.01 -3.25
C THR B 7 -31.66 -21.80 -3.68
N THR B 8 -30.78 -21.98 -4.67
CA THR B 8 -29.94 -20.84 -5.16
C THR B 8 -30.61 -20.25 -6.41
N LEU B 9 -31.01 -18.98 -6.35
CA LEU B 9 -31.66 -18.28 -7.48
C LEU B 9 -30.61 -17.82 -8.49
N PHE B 10 -31.05 -17.53 -9.73
CA PHE B 10 -30.16 -17.01 -10.80
C PHE B 10 -30.75 -15.69 -11.29
N CYS B 11 -29.92 -14.65 -11.42
CA CYS B 11 -30.42 -13.32 -11.88
C CYS B 11 -30.61 -13.29 -13.40
N ALA B 12 -31.45 -12.36 -13.86
CA ALA B 12 -31.74 -12.14 -15.29
C ALA B 12 -31.63 -10.64 -15.55
N SER B 13 -30.87 -10.24 -16.57
CA SER B 13 -30.68 -8.82 -16.84
C SER B 13 -30.65 -8.59 -18.35
N ASP B 14 -31.14 -7.42 -18.75
CA ASP B 14 -31.01 -6.94 -20.13
C ASP B 14 -29.71 -6.21 -20.35
N ALA B 15 -28.63 -6.62 -19.68
CA ALA B 15 -27.35 -5.95 -19.81
C ALA B 15 -26.74 -6.21 -21.18
N LYS B 16 -25.80 -5.35 -21.56
CA LYS B 16 -25.15 -5.40 -22.86
C LYS B 16 -23.71 -5.83 -22.69
N ALA B 17 -23.27 -6.78 -23.52
CA ALA B 17 -21.89 -7.24 -23.47
C ALA B 17 -20.90 -6.25 -24.07
N TYR B 18 -21.39 -5.15 -24.64
CA TYR B 18 -20.55 -4.16 -25.29
C TYR B 18 -20.44 -2.85 -24.51
N GLU B 19 -21.32 -2.62 -23.55
CA GLU B 19 -21.26 -1.43 -22.71
C GLU B 19 -20.30 -1.68 -21.55
N LYS B 20 -19.42 -0.70 -21.34
CA LYS B 20 -18.34 -0.68 -20.32
C LYS B 20 -18.88 -0.27 -18.94
N GLU B 21 -20.17 0.06 -18.83
CA GLU B 21 -20.75 0.39 -17.54
C GLU B 21 -20.68 -0.84 -16.64
N VAL B 22 -20.41 -0.60 -15.36
CA VAL B 22 -19.98 -1.70 -14.48
C VAL B 22 -21.12 -2.67 -14.18
N HIS B 23 -22.36 -2.18 -14.12
CA HIS B 23 -23.48 -3.09 -13.88
C HIS B 23 -23.71 -4.01 -15.06
N ASN B 24 -23.56 -3.48 -16.28
CA ASN B 24 -23.65 -4.32 -17.47
C ASN B 24 -22.51 -5.34 -17.51
N VAL B 25 -21.28 -4.87 -17.28
CA VAL B 25 -20.12 -5.77 -17.30
C VAL B 25 -20.29 -6.90 -16.29
N TRP B 26 -20.80 -6.59 -15.10
CA TRP B 26 -21.00 -7.63 -14.09
C TRP B 26 -22.10 -8.60 -14.51
N ALA B 27 -23.23 -8.07 -15.00
CA ALA B 27 -24.37 -8.92 -15.32
C ALA B 27 -24.14 -9.79 -16.54
N THR B 28 -23.24 -9.41 -17.43
CA THR B 28 -22.97 -10.24 -18.61
C THR B 28 -22.29 -11.54 -18.21
N HIS B 29 -21.36 -11.48 -17.25
CA HIS B 29 -20.64 -12.67 -16.82
C HIS B 29 -21.30 -13.35 -15.62
N ALA B 30 -22.37 -12.77 -15.07
CA ALA B 30 -23.00 -13.32 -13.88
C ALA B 30 -24.48 -13.64 -14.05
N CYS B 31 -25.18 -12.96 -14.94
CA CYS B 31 -26.61 -13.17 -15.12
C CYS B 31 -26.90 -13.71 -16.52
N VAL B 32 -28.13 -14.15 -16.72
CA VAL B 32 -28.59 -14.71 -17.99
C VAL B 32 -29.55 -13.70 -18.62
N PRO B 33 -29.81 -13.78 -19.93
CA PRO B 33 -30.77 -12.85 -20.53
C PRO B 33 -32.17 -13.07 -19.99
N THR B 34 -32.86 -11.96 -19.71
CA THR B 34 -34.26 -12.05 -19.31
C THR B 34 -35.08 -12.66 -20.45
N ASP B 35 -36.18 -13.30 -20.09
CA ASP B 35 -36.94 -13.88 -21.17
C ASP B 35 -38.20 -13.07 -21.44
N PRO B 36 -38.53 -12.86 -22.72
CA PRO B 36 -39.88 -12.37 -23.06
C PRO B 36 -40.90 -13.48 -22.94
N ASN B 37 -40.70 -14.34 -21.94
CA ASN B 37 -41.51 -15.52 -21.66
C ASN B 37 -42.12 -15.39 -20.26
N PRO B 38 -42.84 -14.28 -19.96
CA PRO B 38 -43.25 -14.03 -18.57
C PRO B 38 -44.65 -14.57 -18.27
N GLN B 39 -44.72 -15.87 -18.01
CA GLN B 39 -45.99 -16.53 -17.71
C GLN B 39 -46.30 -16.34 -16.23
N GLU B 40 -47.26 -15.46 -15.95
CA GLU B 40 -47.71 -15.22 -14.55
C GLU B 40 -49.02 -15.98 -14.34
N MET B 41 -49.04 -16.91 -13.38
CA MET B 41 -50.27 -17.69 -13.07
C MET B 41 -50.82 -17.20 -11.73
N VAL B 42 -52.10 -16.82 -11.68
CA VAL B 42 -52.71 -16.26 -10.44
C VAL B 42 -53.72 -17.26 -9.85
N LEU B 43 -53.56 -17.60 -8.56
CA LEU B 43 -54.50 -18.52 -7.88
C LEU B 43 -55.20 -17.75 -6.75
N ALA B 44 -56.46 -17.33 -6.97
CA ALA B 44 -57.23 -16.59 -5.95
C ALA B 44 -57.57 -17.50 -4.77
N ASN B 45 -57.97 -18.75 -5.04
CA ASN B 45 -58.40 -19.71 -3.99
C ASN B 45 -57.26 -20.06 -3.04
N VAL B 46 -56.05 -20.30 -3.56
CA VAL B 46 -54.89 -20.69 -2.69
C VAL B 46 -54.28 -19.42 -2.07
N THR B 47 -54.12 -19.41 -0.75
CA THR B 47 -53.56 -18.24 -0.01
C THR B 47 -52.25 -18.67 0.67
N GLU B 48 -51.24 -17.79 0.65
CA GLU B 48 -49.91 -18.09 1.24
C GLU B 48 -49.51 -17.01 2.25
N ASN B 49 -48.58 -17.35 3.14
CA ASN B 49 -48.07 -16.41 4.19
C ASN B 49 -46.63 -16.00 3.84
N PHE B 50 -46.34 -14.69 3.88
CA PHE B 50 -44.98 -14.20 3.56
C PHE B 50 -44.40 -13.42 4.76
N ASN B 51 -43.09 -13.27 4.78
CA ASN B 51 -42.37 -12.49 5.78
C ASN B 51 -41.19 -11.84 5.07
N MET B 52 -41.33 -10.56 4.71
CA MET B 52 -40.27 -9.85 4.00
C MET B 52 -39.00 -9.74 4.83
N TRP B 53 -39.08 -9.95 6.14
CA TRP B 53 -37.91 -9.88 7.01
C TRP B 53 -37.26 -11.23 7.23
N LYS B 54 -37.92 -12.31 6.79
CA LYS B 54 -37.33 -13.68 6.87
C LYS B 54 -37.43 -14.24 5.45
N ASN B 55 -36.55 -13.78 4.56
CA ASN B 55 -36.61 -14.10 3.14
C ASN B 55 -35.19 -14.25 2.63
N ASP B 56 -34.80 -15.47 2.28
CA ASP B 56 -33.42 -15.72 1.85
C ASP B 56 -33.13 -15.12 0.48
N MET B 57 -34.14 -14.69 -0.27
CA MET B 57 -33.89 -13.95 -1.50
C MET B 57 -33.18 -12.63 -1.22
N VAL B 58 -33.45 -12.03 -0.05
CA VAL B 58 -32.78 -10.78 0.32
C VAL B 58 -31.28 -11.02 0.52
N GLU B 59 -30.92 -12.12 1.19
CA GLU B 59 -29.51 -12.41 1.40
C GLU B 59 -28.81 -12.82 0.11
N GLN B 60 -29.51 -13.56 -0.75
CA GLN B 60 -28.92 -13.93 -2.03
C GLN B 60 -28.65 -12.70 -2.90
N MET B 61 -29.62 -11.77 -2.95
CA MET B 61 -29.37 -10.52 -3.67
C MET B 61 -28.30 -9.70 -2.98
N HIS B 62 -28.25 -9.74 -1.65
CA HIS B 62 -27.25 -8.97 -0.91
C HIS B 62 -25.84 -9.43 -1.27
N GLU B 63 -25.60 -10.75 -1.27
CA GLU B 63 -24.30 -11.27 -1.65
C GLU B 63 -23.99 -10.97 -3.12
N ASP B 64 -25.02 -10.95 -3.98
CA ASP B 64 -24.81 -10.63 -5.39
C ASP B 64 -24.35 -9.19 -5.56
N ILE B 65 -24.98 -8.26 -4.83
CA ILE B 65 -24.63 -6.85 -4.98
C ILE B 65 -23.28 -6.57 -4.33
N ILE B 66 -22.92 -7.33 -3.29
CA ILE B 66 -21.59 -7.21 -2.71
C ILE B 66 -20.53 -7.61 -3.72
N SER B 67 -20.75 -8.74 -4.39
CA SER B 67 -19.82 -9.16 -5.44
C SER B 67 -19.79 -8.17 -6.59
N LEU B 68 -20.95 -7.60 -6.93
CA LEU B 68 -21.00 -6.55 -7.94
C LEU B 68 -20.10 -5.38 -7.56
N TRP B 69 -20.29 -4.84 -6.35
CA TRP B 69 -19.56 -3.65 -5.93
C TRP B 69 -18.07 -3.93 -5.79
N ASP B 70 -17.73 -5.11 -5.27
CA ASP B 70 -16.33 -5.53 -5.04
C ASP B 70 -15.57 -5.69 -6.37
N GLU B 71 -16.29 -6.00 -7.46
CA GLU B 71 -15.62 -6.20 -8.77
C GLU B 71 -15.82 -4.96 -9.66
N SER B 72 -16.67 -4.03 -9.24
CA SER B 72 -16.95 -2.85 -10.05
C SER B 72 -16.45 -1.55 -9.44
N LEU B 73 -16.27 -1.49 -8.12
CA LEU B 73 -15.79 -0.29 -7.44
C LEU B 73 -14.60 -0.67 -6.57
N LYS B 74 -13.48 -0.99 -7.21
CA LYS B 74 -12.26 -1.31 -6.49
C LYS B 74 -11.72 -0.06 -5.81
N PRO B 75 -11.64 -0.01 -4.48
CA PRO B 75 -11.07 1.15 -3.82
C PRO B 75 -9.55 1.14 -3.92
N CYS B 76 -8.96 2.33 -3.84
CA CYS B 76 -7.51 2.43 -3.81
C CYS B 76 -6.94 1.71 -2.60
N VAL B 77 -7.61 1.83 -1.46
CA VAL B 77 -7.23 1.15 -0.22
C VAL B 77 -8.47 0.54 0.39
N LYS B 78 -8.35 -0.70 0.88
CA LYS B 78 -9.40 -1.36 1.62
C LYS B 78 -8.85 -1.76 2.98
N LEU B 79 -9.49 -1.26 4.04
CA LEU B 79 -8.99 -1.39 5.41
C LEU B 79 -9.97 -2.26 6.19
N THR B 80 -9.52 -3.46 6.58
CA THR B 80 -10.39 -4.40 7.27
C THR B 80 -9.56 -5.34 8.14
N GLY B 81 -9.89 -5.38 9.43
CA GLY B 81 -9.28 -6.31 10.38
C GLY B 81 -7.78 -6.31 10.41
N GLY B 82 -7.17 -5.16 10.68
CA GLY B 82 -5.73 -5.04 10.70
C GLY B 82 -5.05 -5.22 9.35
N SER B 83 -5.80 -5.50 8.30
CA SER B 83 -5.27 -5.71 6.97
C SER B 83 -5.57 -4.51 6.08
N ALA B 84 -4.67 -4.28 5.12
CA ALA B 84 -4.85 -3.23 4.11
C ALA B 84 -4.67 -3.87 2.74
N ILE B 85 -5.60 -3.59 1.83
CA ILE B 85 -5.59 -4.16 0.50
C ILE B 85 -5.58 -3.02 -0.52
N THR B 86 -4.59 -3.03 -1.41
CA THR B 86 -4.42 -1.99 -2.41
C THR B 86 -4.57 -2.59 -3.80
N GLN B 87 -5.35 -1.94 -4.64
CA GLN B 87 -5.52 -2.34 -6.04
C GLN B 87 -5.77 -1.08 -6.86
N ALA B 88 -5.74 -1.24 -8.18
CA ALA B 88 -6.03 -0.12 -9.06
C ALA B 88 -7.46 0.36 -8.85
N CYS B 89 -7.63 1.68 -8.77
CA CYS B 89 -8.91 2.30 -8.49
C CYS B 89 -9.25 3.30 -9.59
N PRO B 90 -9.59 2.83 -10.79
CA PRO B 90 -9.92 3.75 -11.87
C PRO B 90 -11.34 4.25 -11.77
N LYS B 91 -11.56 5.44 -12.33
CA LYS B 91 -12.91 5.96 -12.44
C LYS B 91 -13.69 5.18 -13.50
N VAL B 92 -14.92 4.84 -13.17
CA VAL B 92 -15.71 3.91 -13.98
C VAL B 92 -17.02 4.57 -14.38
N SER B 93 -17.73 3.91 -15.29
CA SER B 93 -19.08 4.31 -15.69
C SER B 93 -20.06 3.54 -14.80
N PHE B 94 -20.78 4.27 -13.95
CA PHE B 94 -21.61 3.67 -12.90
C PHE B 94 -23.05 4.15 -13.07
N ASP B 95 -23.93 3.22 -13.44
CA ASP B 95 -25.36 3.51 -13.54
C ASP B 95 -26.15 2.21 -13.37
N PRO B 96 -26.89 2.05 -12.28
CA PRO B 96 -27.52 0.76 -11.99
C PRO B 96 -28.54 0.36 -13.06
N ILE B 97 -28.69 -0.95 -13.23
CA ILE B 97 -29.65 -1.51 -14.19
C ILE B 97 -30.56 -2.47 -13.44
N PRO B 98 -31.77 -2.71 -13.97
CA PRO B 98 -32.68 -3.65 -13.32
C PRO B 98 -32.11 -5.06 -13.29
N LEU B 99 -32.45 -5.79 -12.23
CA LEU B 99 -32.04 -7.18 -12.05
C LEU B 99 -33.24 -8.01 -11.66
N HIS B 100 -33.47 -9.10 -12.38
CA HIS B 100 -34.52 -10.06 -12.06
C HIS B 100 -33.91 -11.26 -11.37
N TYR B 101 -34.60 -11.77 -10.36
CA TYR B 101 -34.17 -12.97 -9.65
C TYR B 101 -35.15 -14.09 -9.91
N CYS B 102 -34.63 -15.23 -10.34
CA CYS B 102 -35.45 -16.31 -10.89
C CYS B 102 -35.19 -17.61 -10.14
N ALA B 103 -36.25 -18.39 -9.92
CA ALA B 103 -36.11 -19.70 -9.31
C ALA B 103 -35.75 -20.73 -10.38
N PRO B 104 -34.82 -21.64 -10.08
CA PRO B 104 -34.46 -22.67 -11.07
C PRO B 104 -35.56 -23.70 -11.25
N ALA B 105 -35.32 -24.66 -12.14
CA ALA B 105 -36.32 -25.70 -12.40
C ALA B 105 -36.61 -26.48 -11.13
N GLY B 106 -37.87 -26.90 -10.98
CA GLY B 106 -38.33 -27.49 -9.75
C GLY B 106 -38.67 -26.50 -8.66
N PHE B 107 -38.65 -25.20 -8.96
CA PHE B 107 -38.96 -24.16 -7.99
C PHE B 107 -39.78 -23.08 -8.68
N ALA B 108 -40.61 -22.41 -7.89
CA ALA B 108 -41.41 -21.28 -8.35
C ALA B 108 -41.27 -20.14 -7.36
N ILE B 109 -41.71 -18.95 -7.80
CA ILE B 109 -41.70 -17.76 -6.96
C ILE B 109 -43.14 -17.30 -6.79
N LEU B 110 -43.62 -17.30 -5.56
CA LEU B 110 -44.98 -16.86 -5.28
C LEU B 110 -45.01 -15.34 -5.13
N LYS B 111 -46.07 -14.73 -5.64
CA LYS B 111 -46.18 -13.28 -5.74
C LYS B 111 -47.50 -12.83 -5.12
N CYS B 112 -47.41 -12.03 -4.07
CA CYS B 112 -48.61 -11.49 -3.44
C CYS B 112 -49.11 -10.30 -4.25
N ASN B 113 -50.32 -10.40 -4.77
CA ASN B 113 -50.90 -9.36 -5.61
C ASN B 113 -51.73 -8.36 -4.81
N ASN B 114 -51.78 -8.47 -3.49
CA ASN B 114 -52.50 -7.51 -2.67
C ASN B 114 -51.77 -6.17 -2.71
N LYS B 115 -52.43 -5.15 -3.26
CA LYS B 115 -51.82 -3.83 -3.40
C LYS B 115 -51.69 -3.10 -2.07
N THR B 116 -52.33 -3.58 -1.01
CA THR B 116 -52.23 -3.00 0.32
C THR B 116 -51.41 -3.85 1.28
N PHE B 117 -50.64 -4.80 0.72
CA PHE B 117 -49.85 -5.77 1.53
C PHE B 117 -48.72 -5.06 2.28
N ASN B 118 -48.60 -5.33 3.58
CA ASN B 118 -47.54 -4.72 4.42
C ASN B 118 -46.29 -5.61 4.41
N GLY B 119 -46.34 -6.74 3.71
CA GLY B 119 -45.19 -7.67 3.60
C GLY B 119 -45.14 -8.68 4.74
N THR B 120 -46.14 -8.68 5.60
CA THR B 120 -46.19 -9.63 6.75
C THR B 120 -47.60 -10.24 6.84
N GLY B 121 -47.67 -11.55 7.10
CA GLY B 121 -48.97 -12.25 7.23
C GLY B 121 -49.40 -12.90 5.93
N PRO B 122 -50.59 -13.57 5.91
CA PRO B 122 -51.08 -14.26 4.72
C PRO B 122 -51.62 -13.35 3.61
N CYS B 123 -51.41 -13.76 2.36
CA CYS B 123 -51.91 -13.00 1.18
C CYS B 123 -52.96 -13.88 0.48
N ARG B 124 -54.22 -13.43 0.43
CA ARG B 124 -55.30 -14.24 -0.20
C ARG B 124 -55.04 -14.42 -1.70
N ASN B 125 -54.65 -13.35 -2.40
CA ASN B 125 -54.39 -13.47 -3.87
C ASN B 125 -52.89 -13.64 -4.08
N VAL B 126 -52.48 -14.83 -4.54
CA VAL B 126 -51.05 -15.14 -4.77
C VAL B 126 -50.89 -15.67 -6.20
N SER B 127 -49.89 -15.15 -6.92
CA SER B 127 -49.63 -15.61 -8.30
C SER B 127 -48.23 -16.23 -8.35
N THR B 128 -48.00 -17.18 -9.27
CA THR B 128 -46.70 -17.80 -9.41
C THR B 128 -46.02 -17.27 -10.66
N VAL B 129 -44.73 -16.96 -10.52
CA VAL B 129 -43.91 -16.47 -11.62
C VAL B 129 -42.59 -17.23 -11.60
N GLN B 130 -41.79 -17.02 -12.64
CA GLN B 130 -40.45 -17.59 -12.71
C GLN B 130 -39.37 -16.61 -12.31
N CYS B 131 -39.61 -15.31 -12.47
CA CYS B 131 -38.64 -14.28 -12.11
C CYS B 131 -39.35 -13.13 -11.42
N THR B 132 -38.59 -12.38 -10.63
CA THR B 132 -39.12 -11.15 -10.04
C THR B 132 -39.14 -10.06 -11.10
N HIS B 133 -39.51 -8.85 -10.69
CA HIS B 133 -39.45 -7.71 -11.59
C HIS B 133 -38.05 -7.10 -11.58
N GLY B 134 -37.83 -6.15 -12.49
CA GLY B 134 -36.54 -5.51 -12.59
C GLY B 134 -36.26 -4.64 -11.38
N ILE B 135 -35.20 -4.95 -10.64
CA ILE B 135 -34.85 -4.24 -9.42
C ILE B 135 -33.48 -3.61 -9.63
N LYS B 136 -33.39 -2.29 -9.45
CA LYS B 136 -32.12 -1.61 -9.48
C LYS B 136 -31.43 -1.72 -8.13
N PRO B 137 -30.20 -2.24 -8.06
CA PRO B 137 -29.49 -2.34 -6.77
C PRO B 137 -28.94 -1.00 -6.32
N VAL B 138 -29.84 -0.09 -5.95
CA VAL B 138 -29.48 1.26 -5.55
C VAL B 138 -29.09 1.25 -4.07
N VAL B 139 -27.82 1.45 -3.79
CA VAL B 139 -27.33 1.52 -2.42
C VAL B 139 -27.47 2.95 -1.93
N SER B 140 -28.28 3.15 -0.90
CA SER B 140 -28.51 4.47 -0.34
C SER B 140 -29.01 4.32 1.09
N THR B 141 -29.00 5.42 1.82
CA THR B 141 -29.49 5.48 3.18
C THR B 141 -30.57 6.54 3.29
N GLN B 142 -31.40 6.42 4.33
CA GLN B 142 -32.47 7.37 4.64
C GLN B 142 -33.54 7.41 3.55
N LEU B 143 -33.13 7.63 2.31
CA LEU B 143 -34.06 7.71 1.18
C LEU B 143 -33.86 6.51 0.27
N LEU B 144 -34.97 5.89 -0.15
CA LEU B 144 -34.94 4.83 -1.15
C LEU B 144 -35.17 5.44 -2.52
N LEU B 145 -34.22 5.24 -3.43
CA LEU B 145 -34.23 5.89 -4.73
C LEU B 145 -34.45 4.89 -5.85
N ASN B 146 -35.16 5.34 -6.88
CA ASN B 146 -35.27 4.62 -8.15
C ASN B 146 -35.89 3.23 -7.96
N GLY B 147 -36.84 3.12 -7.04
CA GLY B 147 -37.53 1.88 -6.76
C GLY B 147 -38.94 1.86 -7.31
N SER B 148 -39.69 0.84 -6.91
CA SER B 148 -41.12 0.72 -7.33
C SER B 148 -41.99 1.59 -6.42
N LEU B 149 -43.23 1.85 -6.84
CA LEU B 149 -44.16 2.72 -6.06
C LEU B 149 -45.41 1.91 -5.71
N ALA B 150 -45.94 2.09 -4.50
CA ALA B 150 -47.17 1.36 -4.10
C ALA B 150 -48.30 1.77 -5.04
N GLU B 151 -49.05 0.81 -5.56
CA GLU B 151 -50.17 1.06 -6.51
C GLU B 151 -51.28 1.85 -5.82
N GLU B 152 -51.60 1.50 -4.56
CA GLU B 152 -52.69 2.15 -3.80
C GLU B 152 -52.12 3.22 -2.86
N GLU B 153 -52.55 3.20 -1.61
CA GLU B 153 -52.11 4.16 -0.56
C GLU B 153 -50.70 3.82 -0.07
N ILE B 154 -50.05 4.78 0.59
CA ILE B 154 -48.67 4.59 1.14
C ILE B 154 -48.73 3.43 2.15
N ILE B 155 -47.73 2.55 2.13
CA ILE B 155 -47.72 1.37 3.05
C ILE B 155 -46.53 1.45 4.01
N ILE B 156 -46.79 1.18 5.30
CA ILE B 156 -45.77 1.17 6.34
C ILE B 156 -45.39 -0.28 6.61
N ARG B 157 -44.09 -0.57 6.57
CA ARG B 157 -43.58 -1.92 6.78
C ARG B 157 -42.55 -1.91 7.90
N SER B 158 -42.62 -2.92 8.76
CA SER B 158 -41.66 -3.06 9.85
C SER B 158 -41.73 -4.49 10.39
N GLU B 159 -40.56 -4.99 10.81
CA GLU B 159 -40.54 -6.32 11.44
C GLU B 159 -41.23 -6.29 12.79
N ASN B 160 -41.12 -5.18 13.52
CA ASN B 160 -41.85 -5.02 14.77
C ASN B 160 -42.04 -3.52 15.00
N LEU B 161 -43.25 -3.03 14.79
CA LEU B 161 -43.54 -1.62 15.01
C LEU B 161 -43.41 -1.25 16.49
N THR B 162 -43.64 -2.21 17.39
CA THR B 162 -43.50 -1.93 18.81
C THR B 162 -42.04 -1.71 19.18
N ASN B 163 -41.14 -2.47 18.56
CA ASN B 163 -39.70 -2.31 18.80
C ASN B 163 -39.21 -1.06 18.09
N ASN B 164 -38.62 -0.14 18.85
CA ASN B 164 -38.06 1.08 18.28
C ASN B 164 -36.72 0.87 17.61
N ALA B 165 -36.17 -0.36 17.67
CA ALA B 165 -34.89 -0.64 17.04
C ALA B 165 -35.03 -1.20 15.63
N LYS B 166 -36.22 -1.67 15.25
CA LYS B 166 -36.41 -2.23 13.92
C LYS B 166 -36.64 -1.13 12.89
N THR B 167 -36.06 -1.31 11.71
CA THR B 167 -36.17 -0.31 10.66
C THR B 167 -37.60 -0.27 10.11
N ILE B 168 -38.12 0.93 9.92
CA ILE B 168 -39.43 1.15 9.33
C ILE B 168 -39.24 1.52 7.87
N ILE B 169 -39.89 0.77 6.97
CA ILE B 169 -39.84 1.04 5.54
C ILE B 169 -41.15 1.70 5.14
N VAL B 170 -41.04 2.93 4.66
CA VAL B 170 -42.23 3.69 4.19
C VAL B 170 -42.28 3.58 2.66
N HIS B 171 -43.28 2.87 2.12
CA HIS B 171 -43.41 2.74 0.65
C HIS B 171 -44.33 3.85 0.15
N LEU B 172 -43.83 4.73 -0.71
CA LEU B 172 -44.65 5.86 -1.20
C LEU B 172 -45.39 5.47 -2.47
N ASN B 173 -46.52 6.13 -2.72
CA ASN B 173 -47.32 5.91 -3.92
C ASN B 173 -47.19 7.04 -4.93
N GLU B 174 -46.47 8.11 -4.59
CA GLU B 174 -46.17 9.18 -5.53
C GLU B 174 -44.73 9.59 -5.32
N SER B 175 -43.94 9.57 -6.39
CA SER B 175 -42.51 9.83 -6.28
C SER B 175 -42.25 11.31 -5.95
N VAL B 176 -41.08 11.54 -5.35
CA VAL B 176 -40.59 12.88 -5.06
C VAL B 176 -39.24 13.04 -5.75
N ASN B 177 -39.16 14.00 -6.67
CA ASN B 177 -37.96 14.18 -7.46
C ASN B 177 -36.84 14.83 -6.63
N ILE B 178 -35.62 14.33 -6.82
CA ILE B 178 -34.45 14.86 -6.13
C ILE B 178 -33.31 14.94 -7.14
N VAL B 179 -32.69 16.12 -7.24
CA VAL B 179 -31.62 16.37 -8.21
C VAL B 179 -30.38 16.76 -7.43
N CYS B 180 -29.44 15.83 -7.31
CA CYS B 180 -28.17 16.08 -6.63
C CYS B 180 -27.11 16.44 -7.67
N THR B 181 -26.27 17.41 -7.32
CA THR B 181 -25.38 18.01 -8.31
C THR B 181 -24.09 18.49 -7.66
N ARG B 182 -22.95 18.05 -8.20
CA ARG B 182 -21.69 18.75 -7.98
C ARG B 182 -21.39 19.53 -9.24
N PRO B 183 -21.55 20.85 -9.24
CA PRO B 183 -21.47 21.62 -10.49
C PRO B 183 -20.03 21.75 -10.97
N ASN B 184 -19.90 22.16 -12.23
CA ASN B 184 -18.60 22.42 -12.84
C ASN B 184 -18.05 23.75 -12.32
N ASN B 193 -14.83 24.45 -4.08
CA ASN B 193 -14.49 23.14 -3.54
C ASN B 193 -14.87 22.03 -4.52
N ILE B 194 -13.91 21.14 -4.80
CA ILE B 194 -14.16 20.02 -5.69
C ILE B 194 -15.06 18.96 -5.05
N ARG B 195 -15.31 19.09 -3.75
CA ARG B 195 -16.11 18.07 -3.02
C ARG B 195 -17.45 18.65 -2.52
N GLN B 196 -17.78 19.89 -2.89
CA GLN B 196 -19.04 20.50 -2.46
C GLN B 196 -20.13 20.25 -3.50
N ALA B 197 -21.29 19.79 -3.03
CA ALA B 197 -22.41 19.47 -3.90
C ALA B 197 -23.71 19.85 -3.20
N HIS B 198 -24.82 19.68 -3.90
CA HIS B 198 -26.13 20.01 -3.35
C HIS B 198 -27.22 19.26 -4.09
N CYS B 199 -28.30 18.95 -3.39
CA CYS B 199 -29.48 18.33 -3.95
C CYS B 199 -30.65 19.30 -3.89
N ASN B 200 -31.52 19.25 -4.89
CA ASN B 200 -32.71 20.09 -4.95
C ASN B 200 -33.96 19.22 -4.87
N ILE B 201 -34.85 19.57 -3.94
CA ILE B 201 -36.13 18.84 -3.72
C ILE B 201 -37.26 19.88 -3.63
N ASN B 202 -38.24 19.81 -4.53
CA ASN B 202 -39.38 20.70 -4.48
C ASN B 202 -40.14 20.50 -3.17
N GLU B 203 -40.19 21.53 -2.33
CA GLU B 203 -40.75 21.37 -0.99
C GLU B 203 -42.27 21.18 -1.01
N SER B 204 -42.94 21.57 -2.09
CA SER B 204 -44.38 21.33 -2.18
C SER B 204 -44.68 19.84 -2.23
N LYS B 205 -43.92 19.09 -3.04
CA LYS B 205 -44.08 17.64 -3.06
C LYS B 205 -43.69 17.03 -1.73
N TRP B 206 -42.66 17.58 -1.07
CA TRP B 206 -42.24 17.05 0.22
C TRP B 206 -43.26 17.34 1.30
N ASN B 207 -43.95 18.49 1.20
CA ASN B 207 -45.01 18.80 2.16
C ASN B 207 -46.15 17.79 2.06
N ASN B 208 -46.65 17.56 0.84
CA ASN B 208 -47.76 16.63 0.67
C ASN B 208 -47.37 15.20 1.01
N THR B 209 -46.13 14.81 0.68
CA THR B 209 -45.69 13.45 0.95
C THR B 209 -45.62 13.20 2.45
N LEU B 210 -44.98 14.09 3.20
CA LEU B 210 -44.84 13.90 4.63
C LEU B 210 -46.15 14.11 5.39
N GLN B 211 -47.11 14.84 4.81
CA GLN B 211 -48.42 14.95 5.44
C GLN B 211 -49.15 13.61 5.41
N LYS B 212 -49.10 12.96 4.25
CA LYS B 212 -49.72 11.64 4.02
C LYS B 212 -48.97 10.61 4.88
N VAL B 213 -47.64 10.67 4.87
CA VAL B 213 -46.85 9.73 5.68
C VAL B 213 -47.21 9.88 7.15
N GLY B 214 -47.42 11.11 7.61
CA GLY B 214 -47.89 11.32 8.96
C GLY B 214 -49.28 10.76 9.19
N GLU B 215 -50.09 10.67 8.14
CA GLU B 215 -51.45 10.10 8.29
C GLU B 215 -51.37 8.61 8.61
N GLU B 216 -50.63 7.88 7.78
CA GLU B 216 -50.43 6.42 7.89
C GLU B 216 -49.73 6.10 9.22
N LEU B 217 -48.73 6.91 9.57
CA LEU B 217 -48.00 6.69 10.84
C LEU B 217 -48.96 6.86 12.01
N ALA B 218 -49.87 7.85 11.94
CA ALA B 218 -50.86 8.06 13.02
C ALA B 218 -51.76 6.83 13.12
N LYS B 219 -52.12 6.19 12.01
CA LYS B 219 -52.98 4.97 12.09
C LYS B 219 -52.29 3.90 12.96
N HIS B 220 -50.98 3.74 12.83
CA HIS B 220 -50.25 2.73 13.63
C HIS B 220 -49.99 3.26 15.05
N PHE B 221 -50.03 4.59 15.23
CA PHE B 221 -49.85 5.25 16.54
C PHE B 221 -51.04 6.20 16.70
N PRO B 222 -52.26 5.66 16.86
CA PRO B 222 -53.50 6.44 16.90
C PRO B 222 -53.79 7.45 18.01
N SER B 223 -53.20 10.34 20.41
CA SER B 223 -52.27 11.48 20.64
C SER B 223 -50.99 11.20 19.87
N LYS B 224 -49.84 11.30 20.55
CA LYS B 224 -48.53 10.95 19.93
C LYS B 224 -48.37 11.69 18.60
N THR B 225 -48.38 13.03 18.65
CA THR B 225 -48.25 13.84 17.41
C THR B 225 -46.98 13.38 16.69
N ILE B 226 -47.10 13.09 15.39
CA ILE B 226 -45.95 12.59 14.59
C ILE B 226 -44.93 13.72 14.45
N LYS B 227 -43.65 13.41 14.67
CA LYS B 227 -42.56 14.41 14.57
C LYS B 227 -41.41 13.83 13.75
N PHE B 228 -41.00 14.53 12.71
CA PHE B 228 -39.86 14.11 11.89
C PHE B 228 -38.66 14.97 12.26
N GLU B 229 -37.59 14.34 12.71
CA GLU B 229 -36.37 15.01 13.12
C GLU B 229 -35.18 14.37 12.41
N PRO B 230 -34.07 15.11 12.27
CA PRO B 230 -32.89 14.54 11.62
C PRO B 230 -32.34 13.36 12.39
N SER B 231 -31.40 12.66 11.75
CA SER B 231 -30.79 11.48 12.37
C SER B 231 -30.04 11.88 13.63
N SER B 232 -30.17 11.05 14.67
CA SER B 232 -29.54 11.31 15.97
C SER B 232 -28.03 11.45 15.82
N GLY B 233 -27.35 10.33 15.63
CA GLY B 233 -25.90 10.34 15.48
C GLY B 233 -25.42 9.03 14.93
N GLY B 234 -24.11 8.92 14.81
CA GLY B 234 -23.48 7.72 14.29
C GLY B 234 -22.59 8.02 13.11
N ASP B 235 -22.32 7.01 12.29
CA ASP B 235 -21.46 7.19 11.12
C ASP B 235 -22.12 8.15 10.13
N LEU B 236 -21.29 8.88 9.39
CA LEU B 236 -21.80 9.85 8.42
C LEU B 236 -22.60 9.18 7.31
N GLU B 237 -22.42 7.88 7.10
CA GLU B 237 -23.20 7.18 6.08
C GLU B 237 -24.68 7.11 6.45
N ILE B 238 -24.98 6.97 7.74
CA ILE B 238 -26.36 6.82 8.18
C ILE B 238 -26.98 8.13 8.67
N THR B 239 -26.16 9.08 9.14
CA THR B 239 -26.68 10.38 9.55
C THR B 239 -26.92 11.31 8.37
N THR B 240 -26.47 10.95 7.18
CA THR B 240 -26.67 11.72 5.97
C THR B 240 -27.32 10.84 4.90
N HIS B 241 -27.95 11.50 3.93
CA HIS B 241 -28.44 10.77 2.76
C HIS B 241 -27.25 10.39 1.89
N SER B 242 -26.64 9.25 2.16
CA SER B 242 -25.46 8.80 1.44
C SER B 242 -25.88 7.89 0.28
N PHE B 243 -25.26 8.10 -0.87
CA PHE B 243 -25.53 7.30 -2.06
C PHE B 243 -24.33 7.42 -2.99
N ASN B 244 -24.42 6.73 -4.13
CA ASN B 244 -23.36 6.72 -5.12
C ASN B 244 -23.91 7.29 -6.43
N CYS B 245 -23.29 8.34 -6.93
CA CYS B 245 -23.69 9.00 -8.16
C CYS B 245 -22.52 9.01 -9.13
N ARG B 246 -22.62 8.22 -10.20
CA ARG B 246 -21.60 8.17 -11.26
C ARG B 246 -20.24 7.77 -10.70
N GLY B 247 -20.25 6.89 -9.69
CA GLY B 247 -19.02 6.42 -9.08
C GLY B 247 -18.55 7.26 -7.90
N GLU B 248 -19.18 8.40 -7.62
CA GLU B 248 -18.77 9.27 -6.54
C GLU B 248 -19.73 9.10 -5.35
N PHE B 249 -19.16 9.10 -4.15
CA PHE B 249 -19.92 8.87 -2.92
C PHE B 249 -20.42 10.21 -2.38
N PHE B 250 -21.71 10.48 -2.58
CA PHE B 250 -22.34 11.69 -2.08
C PHE B 250 -22.83 11.49 -0.66
N TYR B 251 -22.57 12.48 0.19
CA TYR B 251 -23.04 12.51 1.57
C TYR B 251 -23.82 13.80 1.77
N CYS B 252 -25.16 13.70 1.81
CA CYS B 252 -26.02 14.87 1.77
C CYS B 252 -26.76 15.05 3.09
N ASN B 253 -26.85 16.30 3.52
CA ASN B 253 -27.38 16.67 4.82
C ASN B 253 -28.90 16.79 4.76
N THR B 254 -29.61 16.03 5.59
CA THR B 254 -31.06 16.01 5.60
C THR B 254 -31.64 16.69 6.85
N SER B 255 -30.93 17.65 7.42
CA SER B 255 -31.44 18.36 8.58
C SER B 255 -32.62 19.24 8.22
N ASP B 256 -32.65 19.76 6.99
CA ASP B 256 -33.78 20.54 6.48
C ASP B 256 -34.81 19.68 5.76
N LEU B 257 -34.64 18.36 5.75
CA LEU B 257 -35.56 17.45 5.08
C LEU B 257 -36.48 16.75 6.06
N PHE B 258 -35.91 15.96 6.98
CA PHE B 258 -36.68 15.33 8.05
C PHE B 258 -36.72 16.32 9.21
N ASN B 259 -37.70 17.24 9.15
CA ASN B 259 -37.76 18.36 10.07
C ASN B 259 -39.16 18.98 10.02
N GLY B 260 -40.13 18.34 10.67
CA GLY B 260 -41.49 18.83 10.63
C GLY B 260 -42.33 18.15 11.70
N THR B 261 -43.58 18.59 11.79
CA THR B 261 -44.50 18.10 12.81
C THR B 261 -45.87 17.84 12.19
N TYR B 262 -46.45 16.69 12.49
CA TYR B 262 -47.79 16.33 12.07
C TYR B 262 -48.68 16.28 13.30
N ARG B 263 -49.61 17.23 13.41
CA ARG B 263 -50.47 17.33 14.58
C ARG B 263 -51.83 17.86 14.15
N ASN B 264 -52.88 17.36 14.81
CA ASN B 264 -54.27 17.71 14.50
C ASN B 264 -54.63 17.38 13.06
N GLY B 265 -54.01 16.35 12.50
CA GLY B 265 -54.28 15.96 11.14
C GLY B 265 -53.70 16.86 10.08
N THR B 266 -52.76 17.73 10.45
CA THR B 266 -52.10 18.63 9.51
C THR B 266 -50.60 18.52 9.69
N TYR B 267 -49.87 18.79 8.62
CA TYR B 267 -48.41 18.76 8.63
C TYR B 267 -47.85 20.18 8.51
N ASN B 268 -46.81 20.45 9.29
CA ASN B 268 -46.11 21.73 9.24
C ASN B 268 -44.63 21.44 9.14
N HIS B 269 -44.00 21.91 8.07
CA HIS B 269 -42.58 21.67 7.82
C HIS B 269 -41.77 22.74 8.54
N THR B 270 -40.88 22.31 9.44
CA THR B 270 -40.04 23.21 10.20
C THR B 270 -38.62 23.29 9.66
N GLY B 271 -38.32 22.62 8.55
CA GLY B 271 -37.00 22.72 7.95
C GLY B 271 -36.87 23.97 7.08
N ARG B 272 -35.64 24.46 7.02
CA ARG B 272 -35.38 25.69 6.27
C ARG B 272 -35.56 25.47 4.77
N SER B 273 -36.23 26.42 4.13
CA SER B 273 -36.52 26.35 2.71
C SER B 273 -36.45 27.74 2.10
N SER B 274 -35.88 27.82 0.90
CA SER B 274 -35.73 29.08 0.18
C SER B 274 -36.31 28.94 -1.22
N ASN B 275 -37.15 29.90 -1.61
CA ASN B 275 -37.76 29.94 -2.94
C ASN B 275 -38.57 28.67 -3.23
N GLY B 276 -39.10 28.04 -2.19
CA GLY B 276 -39.94 26.87 -2.35
C GLY B 276 -39.21 25.58 -2.63
N THR B 277 -37.89 25.52 -2.41
CA THR B 277 -37.12 24.31 -2.61
C THR B 277 -36.18 24.08 -1.45
N ILE B 278 -36.05 22.82 -1.04
CA ILE B 278 -35.09 22.42 -0.02
C ILE B 278 -33.81 22.00 -0.71
N THR B 279 -32.68 22.54 -0.25
CA THR B 279 -31.38 22.23 -0.83
C THR B 279 -30.52 21.55 0.23
N LEU B 280 -30.24 20.26 0.02
CA LEU B 280 -29.35 19.52 0.91
C LEU B 280 -27.90 19.80 0.54
N GLN B 281 -27.08 20.11 1.54
CA GLN B 281 -25.66 20.33 1.32
C GLN B 281 -24.92 19.00 1.35
N CYS B 282 -24.13 18.74 0.32
CA CYS B 282 -23.48 17.45 0.13
C CYS B 282 -21.97 17.61 0.08
N LYS B 283 -21.28 16.51 0.42
CA LYS B 283 -19.80 16.44 0.36
C LYS B 283 -19.41 15.10 -0.26
N ILE B 284 -18.61 15.13 -1.33
CA ILE B 284 -18.15 13.93 -2.01
C ILE B 284 -16.92 13.42 -1.25
N LYS B 285 -17.11 12.35 -0.49
CA LYS B 285 -16.02 11.82 0.37
C LYS B 285 -15.23 10.73 -0.34
N GLN B 286 -13.98 10.56 0.09
CA GLN B 286 -13.08 9.52 -0.40
C GLN B 286 -12.88 8.39 0.59
N ILE B 287 -13.04 8.66 1.88
CA ILE B 287 -12.99 7.63 2.92
C ILE B 287 -14.41 7.23 3.26
N ILE B 288 -14.74 5.97 3.04
CA ILE B 288 -16.11 5.47 3.18
C ILE B 288 -16.13 4.32 4.17
N ASN B 289 -17.10 4.32 5.08
CA ASN B 289 -17.37 3.16 5.92
C ASN B 289 -18.19 2.15 5.12
N MET B 290 -17.64 0.97 4.91
CA MET B 290 -18.22 0.02 3.96
C MET B 290 -19.52 -0.57 4.50
N TRP B 291 -20.50 -0.68 3.61
CA TRP B 291 -21.75 -1.38 3.92
C TRP B 291 -21.64 -2.88 3.68
N GLN B 292 -20.76 -3.30 2.76
CA GLN B 292 -20.61 -4.72 2.47
C GLN B 292 -20.04 -5.47 3.68
N GLU B 293 -19.14 -4.83 4.42
CA GLU B 293 -18.50 -5.46 5.57
C GLU B 293 -17.99 -4.37 6.49
N VAL B 294 -17.55 -4.77 7.67
CA VAL B 294 -17.01 -3.83 8.66
C VAL B 294 -15.61 -3.43 8.20
N GLY B 295 -15.47 -2.20 7.72
CA GLY B 295 -14.19 -1.72 7.24
C GLY B 295 -14.34 -0.40 6.54
N ARG B 296 -13.21 0.05 5.99
CA ARG B 296 -13.13 1.35 5.31
C ARG B 296 -12.59 1.16 3.89
N ALA B 297 -13.11 1.98 2.98
CA ALA B 297 -12.67 1.99 1.59
C ALA B 297 -12.27 3.40 1.19
N ILE B 298 -11.14 3.51 0.49
CA ILE B 298 -10.59 4.80 0.09
C ILE B 298 -10.52 4.86 -1.42
N TYR B 299 -11.21 5.84 -2.00
CA TYR B 299 -11.27 6.02 -3.45
C TYR B 299 -10.51 7.29 -3.84
N ALA B 300 -10.44 7.53 -5.14
CA ALA B 300 -9.75 8.68 -5.68
C ALA B 300 -10.62 9.93 -5.61
N PRO B 301 -10.02 11.12 -5.64
CA PRO B 301 -10.80 12.36 -5.64
C PRO B 301 -11.76 12.40 -6.82
N PRO B 302 -12.84 13.19 -6.73
CA PRO B 302 -13.90 13.12 -7.74
C PRO B 302 -13.41 13.54 -9.12
N ILE B 303 -14.18 13.12 -10.14
CA ILE B 303 -13.86 13.40 -11.53
C ILE B 303 -14.15 14.86 -11.84
N GLU B 304 -13.82 15.28 -13.06
CA GLU B 304 -14.06 16.66 -13.49
C GLU B 304 -15.41 16.76 -14.19
N GLY B 305 -16.01 17.93 -14.09
CA GLY B 305 -17.23 18.22 -14.81
C GLY B 305 -18.47 18.16 -13.93
N GLU B 306 -19.62 18.20 -14.61
CA GLU B 306 -20.92 18.22 -13.95
C GLU B 306 -21.31 16.80 -13.54
N ILE B 307 -21.33 16.53 -12.24
CA ILE B 307 -21.71 15.24 -11.70
C ILE B 307 -23.13 15.39 -11.16
N THR B 308 -24.11 14.88 -11.89
CA THR B 308 -25.52 15.05 -11.54
C THR B 308 -26.24 13.71 -11.58
N CYS B 309 -27.14 13.51 -10.61
CA CYS B 309 -28.06 12.39 -10.60
C CYS B 309 -29.46 12.92 -10.32
N ASN B 310 -30.37 12.72 -11.26
CA ASN B 310 -31.78 13.07 -11.09
C ASN B 310 -32.53 11.80 -10.75
N SER B 311 -32.84 11.62 -9.47
CA SER B 311 -33.42 10.39 -8.96
C SER B 311 -34.85 10.60 -8.51
N ASN B 312 -35.54 9.49 -8.24
CA ASN B 312 -36.92 9.50 -7.77
C ASN B 312 -36.97 8.88 -6.39
N ILE B 313 -37.36 9.68 -5.39
CA ILE B 313 -37.56 9.15 -4.05
C ILE B 313 -38.84 8.30 -4.05
N THR B 314 -38.68 7.01 -3.83
CA THR B 314 -39.81 6.08 -3.82
C THR B 314 -40.10 5.50 -2.44
N GLY B 315 -39.27 5.80 -1.45
CA GLY B 315 -39.48 5.24 -0.12
C GLY B 315 -38.64 5.95 0.91
N LEU B 316 -38.88 5.60 2.17
CA LEU B 316 -38.19 6.18 3.30
C LEU B 316 -37.71 5.08 4.23
N LEU B 317 -36.58 5.33 4.90
CA LEU B 317 -36.05 4.48 5.95
C LEU B 317 -36.08 5.26 7.25
N LEU B 318 -36.94 4.84 8.18
CA LEU B 318 -37.19 5.59 9.39
C LEU B 318 -36.86 4.76 10.62
N LEU B 319 -36.59 5.46 11.72
CA LEU B 319 -36.35 4.85 13.02
C LEU B 319 -37.07 5.67 14.08
N ARG B 320 -37.86 4.98 14.91
CA ARG B 320 -38.69 5.64 15.96
C ARG B 320 -37.90 5.80 17.27
N ASP B 321 -37.92 7.01 17.84
CA ASP B 321 -37.26 7.29 19.15
C ASP B 321 -38.07 6.65 20.27
N ASP B 328 -45.79 11.72 25.14
CA ASP B 328 -46.40 12.95 24.56
C ASP B 328 -46.56 12.78 23.03
N THR B 329 -45.54 12.23 22.36
CA THR B 329 -45.59 12.05 20.88
C THR B 329 -44.56 11.00 20.45
N GLU B 330 -44.38 10.83 19.14
CA GLU B 330 -43.43 9.85 18.61
C GLU B 330 -42.53 10.54 17.61
N THR B 331 -41.22 10.43 17.80
CA THR B 331 -40.24 11.09 16.95
C THR B 331 -39.68 10.09 15.95
N PHE B 332 -39.72 10.44 14.67
CA PHE B 332 -39.24 9.61 13.59
C PHE B 332 -38.03 10.26 12.93
N ARG B 333 -36.94 9.51 12.84
CA ARG B 333 -35.69 9.99 12.26
C ARG B 333 -35.26 9.08 11.11
N PRO B 334 -34.54 9.63 10.14
CA PRO B 334 -34.07 8.79 9.03
C PRO B 334 -33.03 7.79 9.51
N GLY B 335 -33.08 6.58 8.96
CA GLY B 335 -32.19 5.51 9.35
C GLY B 335 -31.56 4.85 8.13
N GLY B 336 -31.23 3.57 8.30
CA GLY B 336 -30.63 2.80 7.23
C GLY B 336 -29.26 2.27 7.57
N GLY B 337 -28.48 1.94 6.53
CA GLY B 337 -27.15 1.38 6.67
C GLY B 337 -27.08 -0.09 6.33
N ASP B 338 -28.14 -0.85 6.63
CA ASP B 338 -28.23 -2.26 6.25
C ASP B 338 -28.95 -2.32 4.91
N MET B 339 -28.18 -2.50 3.84
CA MET B 339 -28.74 -2.49 2.50
C MET B 339 -29.68 -3.65 2.23
N ARG B 340 -29.79 -4.61 3.15
CA ARG B 340 -30.78 -5.66 3.00
C ARG B 340 -32.20 -5.09 3.08
N ASP B 341 -32.40 -4.07 3.90
CA ASP B 341 -33.69 -3.37 3.92
C ASP B 341 -33.99 -2.72 2.58
N ASN B 342 -32.95 -2.26 1.87
CA ASN B 342 -33.15 -1.69 0.55
C ASN B 342 -33.67 -2.74 -0.43
N TRP B 343 -33.22 -3.99 -0.28
CA TRP B 343 -33.72 -5.05 -1.13
C TRP B 343 -35.09 -5.54 -0.69
N ARG B 344 -35.37 -5.50 0.61
CA ARG B 344 -36.67 -5.94 1.12
C ARG B 344 -37.81 -5.06 0.62
N SER B 345 -37.56 -3.76 0.43
CA SER B 345 -38.59 -2.87 -0.08
C SER B 345 -39.03 -3.26 -1.48
N GLU B 346 -38.24 -4.04 -2.20
CA GLU B 346 -38.60 -4.55 -3.52
C GLU B 346 -38.97 -6.03 -3.53
N LEU B 347 -38.39 -6.81 -2.61
CA LEU B 347 -38.59 -8.26 -2.59
C LEU B 347 -39.67 -8.70 -1.60
N TYR B 348 -40.41 -7.76 -1.02
CA TYR B 348 -41.45 -8.12 -0.06
C TYR B 348 -42.56 -8.92 -0.73
N LYS B 349 -42.78 -8.73 -2.04
CA LYS B 349 -43.89 -9.39 -2.72
C LYS B 349 -43.67 -10.89 -2.84
N TYR B 350 -42.42 -11.32 -2.85
CA TYR B 350 -42.05 -12.62 -3.38
C TYR B 350 -41.70 -13.62 -2.28
N LYS B 351 -41.66 -14.89 -2.68
CA LYS B 351 -41.38 -15.99 -1.78
C LYS B 351 -41.08 -17.22 -2.63
N VAL B 352 -39.83 -17.70 -2.56
CA VAL B 352 -39.41 -18.89 -3.35
C VAL B 352 -40.04 -20.15 -2.75
N VAL B 353 -40.69 -20.96 -3.59
CA VAL B 353 -41.36 -22.22 -3.14
C VAL B 353 -40.90 -23.37 -4.05
N GLU B 354 -41.02 -24.60 -3.55
CA GLU B 354 -40.62 -25.80 -4.33
C GLU B 354 -41.88 -26.39 -4.99
N LYS C 6 23.74 30.00 -10.16
CA LYS C 6 22.79 29.09 -9.45
C LYS C 6 21.40 29.76 -9.43
N THR C 7 20.40 29.06 -10.00
CA THR C 7 19.00 29.56 -10.04
C THR C 7 18.05 28.37 -10.19
N THR C 8 16.74 28.63 -10.26
CA THR C 8 15.76 27.53 -10.42
C THR C 8 15.19 27.57 -11.85
N LEU C 9 15.44 26.52 -12.62
CA LEU C 9 14.94 26.41 -14.02
C LEU C 9 13.50 25.90 -14.01
N PHE C 10 12.80 26.08 -15.14
CA PHE C 10 11.41 25.58 -15.29
C PHE C 10 11.33 24.85 -16.63
N CYS C 11 10.42 23.88 -16.76
CA CYS C 11 10.31 23.10 -18.03
C CYS C 11 9.19 23.66 -18.92
N ALA C 12 9.35 23.49 -20.23
CA ALA C 12 8.35 23.93 -21.23
C ALA C 12 8.20 22.82 -22.27
N SER C 13 7.02 22.20 -22.35
CA SER C 13 6.81 21.11 -23.31
C SER C 13 5.45 21.26 -24.01
N ASP C 14 5.33 20.72 -25.21
CA ASP C 14 4.04 20.75 -25.97
C ASP C 14 3.22 19.53 -25.54
N ALA C 15 2.83 19.48 -24.27
CA ALA C 15 2.03 18.37 -23.70
C ALA C 15 0.55 18.67 -23.89
N LYS C 16 -0.25 17.62 -24.13
CA LYS C 16 -1.70 17.79 -24.34
C LYS C 16 -2.45 17.39 -23.05
N ALA C 17 -3.30 18.29 -22.55
CA ALA C 17 -4.09 18.04 -21.32
C ALA C 17 -5.03 16.84 -21.54
N TYR C 18 -5.62 16.76 -22.73
CA TYR C 18 -6.57 15.66 -23.06
C TYR C 18 -5.86 14.30 -23.03
N GLU C 19 -4.60 14.25 -23.45
CA GLU C 19 -3.85 12.97 -23.48
C GLU C 19 -3.73 12.41 -22.06
N LYS C 20 -3.96 11.10 -21.91
CA LYS C 20 -3.88 10.42 -20.59
C LYS C 20 -2.48 9.84 -20.40
N GLU C 21 -1.60 10.03 -21.38
CA GLU C 21 -0.20 9.54 -21.27
C GLU C 21 0.46 10.24 -20.08
N VAL C 22 1.23 9.49 -19.29
CA VAL C 22 1.87 9.99 -18.03
C VAL C 22 2.74 11.23 -18.26
N HIS C 23 3.63 11.22 -19.25
CA HIS C 23 4.53 12.37 -19.44
C HIS C 23 3.74 13.63 -19.76
N ASN C 24 2.68 13.51 -20.56
CA ASN C 24 1.82 14.65 -20.85
C ASN C 24 1.11 15.13 -19.59
N VAL C 25 0.61 14.18 -18.80
CA VAL C 25 -0.13 14.51 -17.54
C VAL C 25 0.79 15.29 -16.61
N TRP C 26 1.97 14.75 -16.31
CA TRP C 26 2.93 15.42 -15.40
C TRP C 26 3.37 16.76 -15.98
N ALA C 27 3.63 16.81 -17.29
CA ALA C 27 4.09 18.04 -17.97
C ALA C 27 3.02 19.14 -17.87
N THR C 28 1.74 18.79 -18.05
CA THR C 28 0.67 19.81 -18.03
C THR C 28 0.60 20.51 -16.66
N HIS C 29 0.81 19.75 -15.58
CA HIS C 29 0.73 20.34 -14.21
C HIS C 29 2.10 20.80 -13.70
N ALA C 30 3.17 20.62 -14.48
CA ALA C 30 4.51 21.01 -13.97
C ALA C 30 5.29 21.87 -14.97
N CYS C 31 4.89 21.88 -16.24
CA CYS C 31 5.60 22.67 -17.24
C CYS C 31 4.70 23.77 -17.80
N VAL C 32 5.33 24.59 -18.65
CA VAL C 32 4.71 25.79 -19.22
C VAL C 32 4.67 25.60 -20.74
N PRO C 33 3.66 26.13 -21.44
CA PRO C 33 3.65 26.02 -22.90
C PRO C 33 4.97 26.45 -23.52
N THR C 34 5.48 25.61 -24.41
CA THR C 34 6.77 25.86 -25.03
C THR C 34 6.73 27.12 -25.87
N ASP C 35 7.88 27.78 -25.96
CA ASP C 35 7.99 29.04 -26.68
C ASP C 35 7.83 28.81 -28.18
N PRO C 36 6.83 29.41 -28.82
CA PRO C 36 6.86 29.57 -30.28
C PRO C 36 7.68 30.76 -30.75
N ASN C 37 8.34 31.43 -29.81
CA ASN C 37 9.19 32.60 -30.13
C ASN C 37 10.60 32.34 -29.58
N PRO C 38 11.35 31.35 -30.11
CA PRO C 38 12.68 31.06 -29.60
C PRO C 38 13.61 32.15 -30.13
N GLN C 39 14.35 32.79 -29.24
CA GLN C 39 15.31 33.85 -29.66
C GLN C 39 16.73 33.32 -29.45
N GLU C 40 17.49 33.20 -30.54
CA GLU C 40 18.89 32.72 -30.42
C GLU C 40 19.79 33.84 -30.98
N MET C 41 20.73 34.32 -30.16
CA MET C 41 21.66 35.41 -30.60
C MET C 41 23.11 34.91 -30.52
N VAL C 42 23.69 34.63 -31.68
CA VAL C 42 25.07 34.04 -31.82
C VAL C 42 26.16 35.07 -31.54
N LEU C 43 27.07 34.75 -30.62
CA LEU C 43 28.24 35.64 -30.35
C LEU C 43 29.52 34.83 -30.61
N ALA C 44 30.32 35.23 -31.61
CA ALA C 44 31.59 34.53 -31.90
C ALA C 44 32.77 35.35 -31.36
N ASN C 45 32.47 36.53 -30.81
CA ASN C 45 33.48 37.46 -30.25
C ASN C 45 34.19 36.85 -29.05
N VAL C 46 33.46 36.15 -28.17
CA VAL C 46 34.07 35.60 -26.92
C VAL C 46 33.80 34.09 -26.81
N THR C 47 34.63 33.40 -26.03
CA THR C 47 34.53 31.94 -25.79
C THR C 47 34.28 31.68 -24.30
N GLU C 48 33.32 30.82 -23.97
CA GLU C 48 32.97 30.49 -22.57
C GLU C 48 33.44 29.07 -22.23
N ASN C 49 33.63 28.79 -20.93
CA ASN C 49 34.09 27.46 -20.45
C ASN C 49 32.88 26.64 -19.99
N PHE C 50 32.85 25.34 -20.33
CA PHE C 50 31.76 24.47 -19.94
C PHE C 50 32.32 23.25 -19.21
N ASN C 51 31.44 22.57 -18.48
CA ASN C 51 31.79 21.31 -17.82
C ASN C 51 30.50 20.53 -17.61
N MET C 52 30.23 19.59 -18.52
CA MET C 52 29.01 18.79 -18.45
C MET C 52 28.94 17.90 -17.22
N TRP C 53 30.04 17.75 -16.48
CA TRP C 53 30.08 16.89 -15.32
C TRP C 53 29.85 17.63 -14.01
N LYS C 54 29.83 18.96 -14.09
CA LYS C 54 29.54 19.82 -12.92
C LYS C 54 28.48 20.82 -13.39
N ASN C 55 27.29 20.31 -13.74
CA ASN C 55 26.22 21.12 -14.32
C ASN C 55 24.98 20.95 -13.45
N ASP C 56 24.55 22.03 -12.82
CA ASP C 56 23.39 21.95 -11.92
C ASP C 56 22.09 21.70 -12.67
N MET C 57 22.04 21.97 -13.97
CA MET C 57 20.85 21.64 -14.75
C MET C 57 20.63 20.14 -14.80
N VAL C 58 21.71 19.35 -14.76
CA VAL C 58 21.57 17.90 -14.71
C VAL C 58 20.88 17.47 -13.42
N GLU C 59 21.23 18.13 -12.31
CA GLU C 59 20.60 17.80 -11.04
C GLU C 59 19.14 18.22 -11.00
N GLN C 60 18.82 19.39 -11.56
CA GLN C 60 17.44 19.85 -11.57
C GLN C 60 16.57 18.96 -12.46
N MET C 61 17.08 18.56 -13.62
CA MET C 61 16.33 17.65 -14.48
C MET C 61 16.22 16.27 -13.83
N HIS C 62 17.27 15.83 -13.13
CA HIS C 62 17.24 14.52 -12.48
C HIS C 62 16.12 14.46 -11.45
N GLU C 63 15.98 15.54 -10.67
CA GLU C 63 14.93 15.63 -9.62
C GLU C 63 13.56 15.68 -10.28
N ASP C 64 13.42 16.46 -11.35
CA ASP C 64 12.14 16.59 -12.04
C ASP C 64 11.69 15.24 -12.61
N ILE C 65 12.63 14.45 -13.13
CA ILE C 65 12.26 13.15 -13.68
C ILE C 65 11.96 12.16 -12.56
N ILE C 66 12.66 12.27 -11.43
CA ILE C 66 12.31 11.46 -10.26
C ILE C 66 10.88 11.75 -9.83
N SER C 67 10.51 13.03 -9.79
CA SER C 67 9.13 13.40 -9.49
C SER C 67 8.17 12.87 -10.53
N LEU C 68 8.56 12.94 -11.81
CA LEU C 68 7.71 12.43 -12.88
C LEU C 68 7.45 10.94 -12.72
N TRP C 69 8.51 10.15 -12.52
CA TRP C 69 8.36 8.71 -12.38
C TRP C 69 7.59 8.35 -11.12
N ASP C 70 7.87 9.05 -10.02
CA ASP C 70 7.16 8.77 -8.74
C ASP C 70 5.65 8.87 -8.98
N GLU C 71 5.18 10.03 -9.45
CA GLU C 71 3.75 10.23 -9.76
C GLU C 71 3.30 9.35 -10.93
N SER C 72 4.08 9.32 -12.01
CA SER C 72 3.75 8.57 -13.26
C SER C 72 3.79 7.04 -13.14
N LEU C 73 4.83 6.47 -12.52
CA LEU C 73 4.97 4.99 -12.46
C LEU C 73 4.92 4.50 -11.02
N LYS C 74 3.72 4.37 -10.47
CA LYS C 74 3.56 3.91 -9.09
C LYS C 74 3.71 2.40 -9.02
N PRO C 75 4.63 1.87 -8.25
CA PRO C 75 4.75 0.41 -8.11
C PRO C 75 3.76 -0.14 -7.09
N CYS C 76 3.52 -1.44 -7.19
CA CYS C 76 2.64 -2.09 -6.23
C CYS C 76 3.25 -2.08 -4.84
N VAL C 77 4.53 -2.46 -4.74
CA VAL C 77 5.26 -2.46 -3.47
C VAL C 77 6.55 -1.68 -3.67
N LYS C 78 6.95 -0.94 -2.63
CA LYS C 78 8.19 -0.17 -2.64
C LYS C 78 8.98 -0.52 -1.39
N LEU C 79 10.03 -1.31 -1.54
CA LEU C 79 10.88 -1.72 -0.42
C LEU C 79 12.07 -0.77 -0.35
N THR C 80 12.12 0.05 0.69
CA THR C 80 13.25 0.95 0.89
C THR C 80 13.55 1.04 2.38
N GLY C 81 14.82 0.85 2.74
CA GLY C 81 15.21 0.93 4.14
C GLY C 81 14.45 -0.03 5.04
N GLY C 82 14.15 -1.21 4.52
CA GLY C 82 13.36 -2.19 5.25
C GLY C 82 11.91 -1.83 5.41
N SER C 83 11.48 -0.68 4.88
CA SER C 83 10.09 -0.24 4.96
C SER C 83 9.35 -0.65 3.70
N ALA C 84 8.20 -1.28 3.88
CA ALA C 84 7.38 -1.77 2.77
C ALA C 84 6.19 -0.84 2.60
N ILE C 85 6.12 -0.16 1.47
CA ILE C 85 5.04 0.77 1.14
C ILE C 85 4.28 0.21 -0.06
N THR C 86 2.96 0.16 0.06
CA THR C 86 2.11 -0.35 -1.01
C THR C 86 1.13 0.73 -1.46
N GLN C 87 0.76 0.66 -2.73
CA GLN C 87 -0.18 1.61 -3.33
C GLN C 87 -0.69 0.99 -4.63
N ALA C 88 -1.67 1.67 -5.23
CA ALA C 88 -2.23 1.20 -6.49
C ALA C 88 -1.18 1.27 -7.59
N CYS C 89 -1.11 0.22 -8.39
CA CYS C 89 -0.15 0.12 -9.50
C CYS C 89 -0.90 -0.16 -10.79
N PRO C 90 -1.64 0.82 -11.30
CA PRO C 90 -2.37 0.59 -12.55
C PRO C 90 -1.45 0.71 -13.75
N LYS C 91 -1.75 -0.08 -14.78
CA LYS C 91 -1.01 0.00 -16.03
C LYS C 91 -1.34 1.33 -16.72
N VAL C 92 -0.31 2.03 -17.17
CA VAL C 92 -0.45 3.38 -17.69
C VAL C 92 0.08 3.43 -19.11
N SER C 93 -0.23 4.52 -19.81
CA SER C 93 0.33 4.80 -21.12
C SER C 93 1.65 5.52 -20.92
N PHE C 94 2.73 4.97 -21.49
CA PHE C 94 4.08 5.44 -21.23
C PHE C 94 4.77 5.71 -22.56
N ASP C 95 5.07 6.98 -22.84
CA ASP C 95 5.82 7.37 -24.02
C ASP C 95 6.48 8.72 -23.75
N PRO C 96 7.79 8.75 -23.54
CA PRO C 96 8.45 10.00 -23.15
C PRO C 96 8.26 11.10 -24.18
N ILE C 97 8.08 12.32 -23.70
CA ILE C 97 7.88 13.49 -24.56
C ILE C 97 9.07 14.44 -24.35
N PRO C 98 9.39 15.29 -25.33
CA PRO C 98 10.53 16.20 -25.15
C PRO C 98 10.24 17.27 -24.11
N LEU C 99 11.23 17.54 -23.28
CA LEU C 99 11.15 18.56 -22.25
C LEU C 99 12.22 19.62 -22.50
N HIS C 100 11.81 20.88 -22.55
CA HIS C 100 12.73 22.01 -22.65
C HIS C 100 12.93 22.60 -21.26
N TYR C 101 14.18 22.88 -20.92
CA TYR C 101 14.51 23.51 -19.64
C TYR C 101 14.93 24.95 -19.88
N CYS C 102 14.30 25.86 -19.15
CA CYS C 102 14.44 27.29 -19.39
C CYS C 102 14.88 28.00 -18.12
N ALA C 103 15.68 29.05 -18.29
CA ALA C 103 16.08 29.91 -17.20
C ALA C 103 15.10 31.08 -17.06
N PRO C 104 14.73 31.45 -15.83
CA PRO C 104 13.73 32.52 -15.65
C PRO C 104 14.27 33.90 -15.99
N ALA C 105 13.49 34.93 -15.65
CA ALA C 105 13.90 36.30 -15.94
C ALA C 105 15.19 36.64 -15.19
N GLY C 106 16.04 37.43 -15.85
CA GLY C 106 17.33 37.75 -15.31
C GLY C 106 18.40 36.70 -15.56
N PHE C 107 18.06 35.60 -16.21
CA PHE C 107 19.01 34.54 -16.51
C PHE C 107 18.86 34.10 -17.96
N ALA C 108 19.92 33.51 -18.49
CA ALA C 108 19.92 32.95 -19.83
C ALA C 108 20.69 31.64 -19.82
N ILE C 109 20.54 30.86 -20.89
CA ILE C 109 21.19 29.57 -21.02
C ILE C 109 22.21 29.67 -22.15
N LEU C 110 23.48 29.56 -21.80
CA LEU C 110 24.55 29.61 -22.78
C LEU C 110 24.66 28.28 -23.51
N LYS C 111 24.66 28.34 -24.85
CA LYS C 111 24.69 27.14 -25.72
C LYS C 111 25.99 27.15 -26.56
N CYS C 112 26.75 26.05 -26.51
CA CYS C 112 28.01 25.92 -27.24
C CYS C 112 27.72 25.36 -28.62
N ASN C 113 28.03 26.15 -29.65
CA ASN C 113 27.77 25.77 -31.03
C ASN C 113 28.89 24.94 -31.65
N ASN C 114 30.02 24.78 -30.97
CA ASN C 114 31.09 23.93 -31.46
C ASN C 114 30.59 22.50 -31.59
N LYS C 115 30.50 22.03 -32.84
CA LYS C 115 29.90 20.70 -33.18
C LYS C 115 30.75 19.53 -32.67
N THR C 116 32.05 19.73 -32.44
CA THR C 116 32.89 18.67 -31.92
C THR C 116 33.25 18.90 -30.45
N PHE C 117 32.50 19.76 -29.77
CA PHE C 117 32.76 20.03 -28.36
C PHE C 117 32.52 18.77 -27.53
N ASN C 118 33.50 18.46 -26.67
CA ASN C 118 33.49 17.19 -25.88
C ASN C 118 32.79 17.31 -24.52
N GLY C 119 32.42 18.52 -24.10
CA GLY C 119 31.76 18.71 -22.83
C GLY C 119 32.56 19.53 -21.82
N THR C 120 33.88 19.44 -21.85
CA THR C 120 34.74 20.12 -20.89
C THR C 120 35.71 21.04 -21.63
N GLY C 121 35.88 22.25 -21.11
CA GLY C 121 36.88 23.16 -21.62
C GLY C 121 36.30 24.35 -22.36
N PRO C 122 37.17 25.09 -23.05
CA PRO C 122 36.71 26.29 -23.76
C PRO C 122 35.93 25.93 -25.03
N CYS C 123 34.93 26.75 -25.33
CA CYS C 123 34.14 26.63 -26.54
C CYS C 123 33.99 28.00 -27.18
N ARG C 124 34.29 28.09 -28.48
CA ARG C 124 34.30 29.37 -29.17
C ARG C 124 32.88 29.84 -29.48
N ASN C 125 32.30 29.33 -30.57
CA ASN C 125 30.97 29.77 -31.00
C ASN C 125 29.93 29.51 -29.92
N VAL C 126 29.47 30.57 -29.28
CA VAL C 126 28.52 30.50 -28.18
C VAL C 126 27.25 31.25 -28.58
N SER C 127 26.10 30.71 -28.18
CA SER C 127 24.81 31.35 -28.40
C SER C 127 24.10 31.52 -27.06
N THR C 128 23.10 32.41 -27.06
CA THR C 128 22.28 32.66 -25.88
C THR C 128 20.83 32.38 -26.23
N VAL C 129 20.22 31.45 -25.47
CA VAL C 129 18.82 31.11 -25.64
C VAL C 129 18.15 31.15 -24.26
N GLN C 130 16.82 31.08 -24.27
CA GLN C 130 16.06 30.99 -23.03
C GLN C 130 15.75 29.57 -22.63
N CYS C 131 15.51 28.68 -23.59
CA CYS C 131 15.19 27.29 -23.32
C CYS C 131 16.14 26.37 -24.08
N THR C 132 16.38 25.19 -23.52
CA THR C 132 17.16 24.17 -24.18
C THR C 132 16.32 23.49 -25.26
N HIS C 133 16.95 22.58 -26.00
CA HIS C 133 16.21 21.83 -27.01
C HIS C 133 15.38 20.73 -26.35
N GLY C 134 14.47 20.15 -27.14
CA GLY C 134 13.62 19.09 -26.66
C GLY C 134 14.38 17.85 -26.25
N ILE C 135 14.33 17.54 -24.95
CA ILE C 135 15.09 16.37 -24.41
C ILE C 135 14.10 15.37 -23.79
N LYS C 136 13.91 14.22 -24.45
CA LYS C 136 13.02 13.17 -23.88
C LYS C 136 13.74 12.53 -22.70
N PRO C 137 13.09 12.38 -21.53
CA PRO C 137 13.75 11.77 -20.37
C PRO C 137 13.65 10.25 -20.48
N VAL C 138 14.58 9.63 -21.22
CA VAL C 138 14.55 8.16 -21.42
C VAL C 138 15.50 7.52 -20.39
N VAL C 139 14.95 6.67 -19.52
CA VAL C 139 15.75 5.98 -18.48
C VAL C 139 16.24 4.66 -19.07
N SER C 140 17.54 4.52 -19.29
CA SER C 140 18.10 3.30 -19.85
C SER C 140 19.54 3.15 -19.37
N THR C 141 20.09 1.96 -19.60
CA THR C 141 21.48 1.66 -19.30
C THR C 141 22.16 1.15 -20.57
N GLN C 142 23.50 1.19 -20.55
CA GLN C 142 24.34 0.70 -21.62
C GLN C 142 24.13 1.46 -22.93
N LEU C 143 22.89 1.54 -23.40
CA LEU C 143 22.56 2.21 -24.66
C LEU C 143 21.71 3.44 -24.39
N LEU C 144 22.13 4.58 -24.94
CA LEU C 144 21.35 5.81 -24.88
C LEU C 144 20.37 5.83 -26.05
N LEU C 145 19.08 6.01 -25.73
CA LEU C 145 18.01 5.84 -26.69
C LEU C 145 17.30 7.16 -26.97
N ASN C 146 16.89 7.35 -28.23
CA ASN C 146 16.01 8.44 -28.62
C ASN C 146 16.59 9.81 -28.27
N GLY C 147 17.91 9.94 -28.42
CA GLY C 147 18.59 11.18 -28.12
C GLY C 147 19.00 11.95 -29.36
N SER C 148 19.65 13.08 -29.12
CA SER C 148 20.20 13.90 -30.20
C SER C 148 21.48 13.28 -30.73
N LEU C 149 21.67 13.39 -32.04
CA LEU C 149 22.85 12.86 -32.70
C LEU C 149 23.89 13.96 -32.89
N ALA C 150 25.16 13.57 -32.81
CA ALA C 150 26.24 14.49 -33.11
C ALA C 150 26.20 14.85 -34.59
N GLU C 151 26.58 16.09 -34.90
CA GLU C 151 26.55 16.58 -36.30
C GLU C 151 27.80 16.15 -37.10
N GLU C 152 28.94 16.79 -36.85
CA GLU C 152 30.16 16.50 -37.66
C GLU C 152 30.68 15.06 -37.50
N GLU C 153 30.83 14.55 -36.27
CA GLU C 153 31.38 13.19 -36.08
C GLU C 153 31.14 12.67 -34.66
N ILE C 154 31.43 11.39 -34.42
CA ILE C 154 31.27 10.75 -33.09
C ILE C 154 32.19 11.46 -32.11
N ILE C 155 31.70 11.71 -30.88
CA ILE C 155 32.48 12.45 -29.85
C ILE C 155 32.62 11.59 -28.58
N ILE C 156 33.84 11.45 -28.06
CA ILE C 156 34.08 10.73 -26.82
C ILE C 156 34.05 11.74 -25.68
N ARG C 157 33.20 11.49 -24.69
CA ARG C 157 33.02 12.39 -23.57
C ARG C 157 33.39 11.69 -22.28
N SER C 158 34.16 12.36 -21.43
CA SER C 158 34.56 11.80 -20.15
C SER C 158 35.09 12.92 -19.26
N GLU C 159 34.76 12.83 -17.97
CA GLU C 159 35.35 13.76 -17.00
C GLU C 159 36.85 13.54 -16.88
N ASN C 160 37.31 12.32 -17.16
CA ASN C 160 38.73 11.97 -17.08
C ASN C 160 38.97 10.63 -17.75
N LEU C 161 39.56 10.64 -18.94
CA LEU C 161 39.74 9.40 -19.68
C LEU C 161 40.76 8.48 -19.02
N THR C 162 41.72 9.03 -18.28
CA THR C 162 42.74 8.23 -17.63
C THR C 162 42.23 7.56 -16.36
N ASN C 163 41.13 8.06 -15.78
CA ASN C 163 40.50 7.44 -14.63
C ASN C 163 39.44 6.46 -15.13
N ASN C 164 39.74 5.16 -15.05
CA ASN C 164 38.84 4.14 -15.57
C ASN C 164 37.52 4.07 -14.81
N ALA C 165 37.39 4.75 -13.67
CA ALA C 165 36.14 4.76 -12.92
C ALA C 165 35.16 5.79 -13.46
N LYS C 166 35.62 6.76 -14.24
CA LYS C 166 34.74 7.77 -14.81
C LYS C 166 34.03 7.22 -16.04
N THR C 167 32.74 7.53 -16.14
CA THR C 167 31.92 7.02 -17.23
C THR C 167 32.28 7.68 -18.55
N ILE C 168 32.33 6.88 -19.61
CA ILE C 168 32.61 7.36 -20.96
C ILE C 168 31.30 7.42 -21.72
N ILE C 169 30.95 8.60 -22.23
CA ILE C 169 29.76 8.80 -23.05
C ILE C 169 30.18 8.93 -24.50
N VAL C 170 29.75 7.97 -25.32
CA VAL C 170 30.04 7.97 -26.75
C VAL C 170 28.83 8.54 -27.48
N HIS C 171 29.01 9.68 -28.12
CA HIS C 171 27.94 10.36 -28.84
C HIS C 171 28.07 10.03 -30.33
N LEU C 172 27.14 9.24 -30.85
CA LEU C 172 27.17 8.82 -32.24
C LEU C 172 26.59 9.91 -33.14
N ASN C 173 26.97 9.86 -34.42
CA ASN C 173 26.42 10.74 -35.43
C ASN C 173 25.46 10.04 -36.37
N GLU C 174 25.31 8.72 -36.19
CA GLU C 174 24.38 7.90 -37.01
C GLU C 174 23.62 6.97 -36.07
N SER C 175 22.28 7.06 -36.04
CA SER C 175 21.50 6.24 -35.14
C SER C 175 21.51 4.77 -35.59
N VAL C 176 21.50 3.88 -34.60
CA VAL C 176 21.41 2.45 -34.83
C VAL C 176 20.06 1.97 -34.33
N ASN C 177 19.28 1.38 -35.22
CA ASN C 177 17.90 0.99 -34.90
C ASN C 177 17.89 -0.28 -34.06
N ILE C 178 17.11 -0.26 -32.98
CA ILE C 178 16.93 -1.41 -32.11
C ILE C 178 15.44 -1.59 -31.88
N VAL C 179 14.93 -2.78 -32.22
CA VAL C 179 13.51 -3.09 -32.11
C VAL C 179 13.36 -4.23 -31.10
N CYS C 180 12.71 -3.93 -29.97
CA CYS C 180 12.53 -4.88 -28.88
C CYS C 180 11.05 -5.22 -28.76
N THR C 181 10.74 -6.52 -28.72
CA THR C 181 9.36 -6.98 -28.75
C THR C 181 9.16 -8.15 -27.82
N ARG C 182 8.08 -8.09 -27.03
CA ARG C 182 7.51 -9.28 -26.42
C ARG C 182 6.33 -9.72 -27.27
N PRO C 183 6.44 -10.80 -28.04
CA PRO C 183 5.37 -11.15 -28.98
C PRO C 183 4.09 -11.55 -28.26
N ASN C 184 3.02 -11.62 -29.04
CA ASN C 184 1.70 -11.96 -28.52
C ASN C 184 1.61 -13.47 -28.24
N ASN C 193 5.55 -18.19 -21.90
CA ASN C 193 6.36 -17.31 -21.07
C ASN C 193 6.15 -15.84 -21.45
N ILE C 194 5.37 -15.14 -20.64
CA ILE C 194 4.87 -13.81 -20.99
C ILE C 194 5.94 -12.79 -20.69
N ARG C 195 7.08 -13.27 -20.15
CA ARG C 195 8.19 -12.39 -19.81
C ARG C 195 9.36 -12.50 -20.78
N GLN C 196 9.28 -13.39 -21.77
CA GLN C 196 10.34 -13.54 -22.74
C GLN C 196 10.18 -12.49 -23.85
N ALA C 197 11.26 -11.76 -24.13
CA ALA C 197 11.27 -10.76 -25.20
C ALA C 197 12.60 -10.84 -25.93
N HIS C 198 12.73 -10.02 -26.98
CA HIS C 198 13.95 -10.02 -27.76
C HIS C 198 14.09 -8.70 -28.50
N CYS C 199 15.32 -8.21 -28.61
CA CYS C 199 15.66 -7.05 -29.42
C CYS C 199 16.37 -7.49 -30.69
N ASN C 200 16.17 -6.74 -31.77
CA ASN C 200 16.79 -7.01 -33.06
C ASN C 200 17.57 -5.79 -33.50
N ILE C 201 18.84 -6.01 -33.86
CA ILE C 201 19.72 -4.95 -34.33
C ILE C 201 20.42 -5.45 -35.59
N ASN C 202 20.56 -4.57 -36.57
CA ASN C 202 21.23 -4.94 -37.81
C ASN C 202 22.73 -5.07 -37.57
N GLU C 203 23.30 -6.21 -37.98
CA GLU C 203 24.70 -6.49 -37.70
C GLU C 203 25.63 -5.58 -38.48
N SER C 204 25.24 -5.17 -39.69
CA SER C 204 26.13 -4.37 -40.52
C SER C 204 26.25 -2.94 -40.00
N LYS C 205 25.16 -2.37 -39.51
CA LYS C 205 25.21 -1.02 -38.97
C LYS C 205 25.91 -0.99 -37.62
N TRP C 206 25.78 -2.07 -36.83
CA TRP C 206 26.57 -2.19 -35.62
C TRP C 206 28.04 -2.44 -35.94
N ASN C 207 28.28 -3.06 -37.11
CA ASN C 207 29.68 -3.33 -37.55
C ASN C 207 30.36 -1.98 -37.83
N ASN C 208 29.68 -1.09 -38.56
CA ASN C 208 30.27 0.19 -38.92
C ASN C 208 30.32 1.13 -37.73
N THR C 209 29.30 1.11 -36.87
CA THR C 209 29.28 2.01 -35.72
C THR C 209 30.45 1.72 -34.78
N LEU C 210 30.65 0.44 -34.46
CA LEU C 210 31.76 0.07 -33.55
C LEU C 210 33.10 0.30 -34.26
N GLN C 211 33.12 0.14 -35.59
CA GLN C 211 34.39 0.37 -36.35
C GLN C 211 34.76 1.84 -36.22
N LYS C 212 33.79 2.73 -36.39
CA LYS C 212 34.01 4.20 -36.26
C LYS C 212 34.35 4.54 -34.81
N VAL C 213 33.64 3.93 -33.85
CA VAL C 213 33.92 4.18 -32.41
C VAL C 213 35.37 3.76 -32.14
N GLY C 214 35.74 2.56 -32.60
CA GLY C 214 37.11 2.09 -32.42
C GLY C 214 38.13 3.10 -32.92
N GLU C 215 37.83 3.78 -34.02
CA GLU C 215 38.76 4.79 -34.53
C GLU C 215 38.86 5.96 -33.57
N GLU C 216 37.72 6.45 -33.07
CA GLU C 216 37.73 7.61 -32.19
C GLU C 216 38.31 7.27 -30.82
N LEU C 217 38.16 6.02 -30.38
CA LEU C 217 38.80 5.61 -29.12
C LEU C 217 40.30 5.39 -29.30
N ALA C 218 40.73 4.98 -30.50
CA ALA C 218 42.15 4.82 -30.75
C ALA C 218 42.87 6.17 -30.84
N LYS C 219 42.14 7.22 -31.24
CA LYS C 219 42.73 8.56 -31.22
C LYS C 219 43.07 8.99 -29.80
N HIS C 220 42.26 8.59 -28.82
CA HIS C 220 42.50 8.92 -27.43
C HIS C 220 43.39 7.90 -26.72
N PHE C 221 43.75 6.81 -27.39
CA PHE C 221 44.66 5.80 -26.83
C PHE C 221 45.66 5.42 -27.92
N PRO C 222 46.88 5.99 -27.87
CA PRO C 222 47.82 5.90 -29.00
C PRO C 222 47.99 4.52 -29.63
N SER C 223 48.47 3.54 -28.85
CA SER C 223 48.85 2.23 -29.39
C SER C 223 48.32 1.13 -28.46
N LYS C 224 47.01 0.86 -28.54
CA LYS C 224 46.39 -0.19 -27.76
C LYS C 224 45.37 -0.92 -28.62
N THR C 225 45.11 -2.17 -28.27
CA THR C 225 43.98 -2.90 -28.86
C THR C 225 42.70 -2.45 -28.17
N ILE C 226 41.63 -2.33 -28.94
CA ILE C 226 40.35 -1.85 -28.45
C ILE C 226 39.38 -3.02 -28.47
N LYS C 227 39.08 -3.55 -27.29
CA LYS C 227 38.22 -4.71 -27.13
C LYS C 227 36.90 -4.29 -26.50
N PHE C 228 35.79 -4.60 -27.17
CA PHE C 228 34.46 -4.41 -26.61
C PHE C 228 34.01 -5.74 -26.02
N GLU C 229 33.68 -5.74 -24.73
CA GLU C 229 33.29 -6.94 -24.01
C GLU C 229 32.07 -6.62 -23.16
N PRO C 230 31.30 -7.64 -22.77
CA PRO C 230 30.10 -7.39 -21.97
C PRO C 230 30.44 -6.90 -20.57
N SER C 231 29.41 -6.41 -19.88
CA SER C 231 29.57 -5.93 -18.52
C SER C 231 30.02 -7.07 -17.61
N SER C 232 30.97 -6.76 -16.72
CA SER C 232 31.55 -7.80 -15.87
C SER C 232 30.54 -8.31 -14.84
N GLY C 233 29.98 -7.41 -14.04
CA GLY C 233 29.04 -7.82 -13.01
C GLY C 233 28.39 -6.63 -12.35
N GLY C 234 27.41 -6.93 -11.52
CA GLY C 234 26.63 -5.95 -10.82
C GLY C 234 25.16 -6.29 -10.87
N ASP C 235 24.32 -5.31 -10.58
CA ASP C 235 22.88 -5.50 -10.67
C ASP C 235 22.46 -5.77 -12.10
N LEU C 236 21.34 -6.49 -12.26
CA LEU C 236 20.85 -6.80 -13.60
C LEU C 236 20.53 -5.53 -14.39
N GLU C 237 20.22 -4.43 -13.69
CA GLU C 237 19.91 -3.18 -14.38
C GLU C 237 21.08 -2.67 -15.19
N ILE C 238 22.31 -2.92 -14.74
CA ILE C 238 23.49 -2.43 -15.43
C ILE C 238 24.28 -3.53 -16.14
N THR C 239 24.13 -4.79 -15.74
CA THR C 239 24.75 -5.87 -16.49
C THR C 239 24.00 -6.18 -17.79
N THR C 240 22.80 -5.65 -17.96
CA THR C 240 22.02 -5.81 -19.17
C THR C 240 21.63 -4.43 -19.69
N HIS C 241 21.12 -4.39 -20.91
CA HIS C 241 20.55 -3.16 -21.47
C HIS C 241 19.12 -3.08 -20.96
N SER C 242 18.93 -2.35 -19.86
CA SER C 242 17.63 -2.23 -19.22
C SER C 242 17.00 -0.90 -19.59
N PHE C 243 15.69 -0.92 -19.83
CA PHE C 243 14.94 0.27 -20.20
C PHE C 243 13.46 0.01 -19.89
N ASN C 244 12.65 1.04 -20.09
CA ASN C 244 11.21 0.97 -19.88
C ASN C 244 10.50 1.18 -21.21
N CYS C 245 9.65 0.23 -21.58
CA CYS C 245 8.89 0.27 -22.84
C CYS C 245 7.42 0.11 -22.52
N ARG C 246 6.64 1.18 -22.73
CA ARG C 246 5.20 1.18 -22.49
C ARG C 246 4.86 0.78 -21.06
N GLY C 247 5.70 1.22 -20.12
CA GLY C 247 5.50 0.90 -18.72
C GLY C 247 6.11 -0.40 -18.26
N GLU C 248 6.64 -1.22 -19.18
CA GLU C 248 7.26 -2.49 -18.84
C GLU C 248 8.77 -2.34 -18.82
N PHE C 249 9.40 -3.01 -17.85
CA PHE C 249 10.84 -2.92 -17.65
C PHE C 249 11.51 -4.09 -18.36
N PHE C 250 12.23 -3.79 -19.43
CA PHE C 250 12.94 -4.80 -20.22
C PHE C 250 14.38 -4.91 -19.73
N TYR C 251 14.86 -6.14 -19.62
CA TYR C 251 16.25 -6.44 -19.26
C TYR C 251 16.83 -7.29 -20.37
N CYS C 252 17.70 -6.71 -21.19
CA CYS C 252 18.14 -7.33 -22.43
C CYS C 252 19.62 -7.69 -22.37
N ASN C 253 19.92 -8.94 -22.71
CA ASN C 253 21.27 -9.48 -22.65
C ASN C 253 22.06 -9.03 -23.87
N THR C 254 23.11 -8.22 -23.64
CA THR C 254 23.94 -7.68 -24.71
C THR C 254 25.28 -8.39 -24.85
N SER C 255 25.37 -9.66 -24.42
CA SER C 255 26.62 -10.39 -24.54
C SER C 255 27.01 -10.61 -26.00
N ASP C 256 26.04 -10.63 -26.90
CA ASP C 256 26.32 -10.74 -28.33
C ASP C 256 26.41 -9.39 -29.02
N LEU C 257 26.39 -8.29 -28.26
CA LEU C 257 26.48 -6.95 -28.81
C LEU C 257 27.85 -6.33 -28.57
N PHE C 258 28.28 -6.22 -27.32
CA PHE C 258 29.63 -5.74 -26.99
C PHE C 258 30.55 -6.95 -26.94
N ASN C 259 31.12 -7.29 -28.09
CA ASN C 259 31.89 -8.51 -28.26
C ASN C 259 32.69 -8.45 -29.55
N GLY C 260 33.74 -7.64 -29.57
CA GLY C 260 34.53 -7.47 -30.78
C GLY C 260 35.89 -6.89 -30.47
N THR C 261 36.71 -6.77 -31.53
CA THR C 261 38.08 -6.28 -31.43
C THR C 261 38.33 -5.24 -32.51
N TYR C 262 38.99 -4.14 -32.13
CA TYR C 262 39.48 -3.14 -33.07
C TYR C 262 41.01 -3.17 -33.04
N ARG C 263 41.61 -3.45 -34.18
CA ARG C 263 43.06 -3.59 -34.24
C ARG C 263 43.53 -3.33 -35.67
N ASN C 264 44.65 -2.62 -35.79
CA ASN C 264 45.26 -2.28 -37.09
C ASN C 264 44.28 -1.52 -37.99
N GLY C 265 43.40 -0.74 -37.36
CA GLY C 265 42.37 0.01 -38.10
C GLY C 265 41.27 -0.90 -38.58
N THR C 266 41.49 -2.21 -38.44
CA THR C 266 40.52 -3.26 -38.85
C THR C 266 40.68 -4.51 -37.96
N TYR C 267 37.90 -3.20 -36.93
CA TYR C 267 37.11 -3.84 -35.85
C TYR C 267 36.49 -5.14 -36.38
N ASN C 268 36.66 -6.22 -35.62
CA ASN C 268 36.09 -7.55 -35.98
C ASN C 268 35.01 -7.88 -34.95
N HIS C 269 33.78 -8.14 -35.40
CA HIS C 269 32.68 -8.47 -34.45
C HIS C 269 32.72 -9.95 -34.10
N THR C 270 33.04 -10.27 -32.83
CA THR C 270 33.11 -11.64 -32.38
C THR C 270 31.82 -12.10 -31.70
N GLY C 271 30.77 -11.29 -31.75
CA GLY C 271 29.49 -11.71 -31.24
C GLY C 271 28.72 -12.55 -32.23
N ARG C 272 27.78 -13.34 -31.70
CA ARG C 272 26.98 -14.29 -32.52
C ARG C 272 25.89 -13.55 -33.30
N SER C 273 25.92 -13.68 -34.64
CA SER C 273 24.92 -13.12 -35.51
C SER C 273 24.19 -14.25 -36.23
N SER C 274 23.15 -13.88 -36.98
CA SER C 274 22.39 -14.85 -37.77
C SER C 274 21.56 -14.09 -38.79
N ASN C 275 21.81 -14.36 -40.07
CA ASN C 275 21.11 -13.70 -41.17
C ASN C 275 21.29 -12.18 -41.13
N GLY C 276 22.44 -11.73 -40.63
CA GLY C 276 22.74 -10.32 -40.59
C GLY C 276 22.07 -9.53 -39.50
N THR C 277 21.52 -10.20 -38.48
CA THR C 277 20.84 -9.52 -37.39
C THR C 277 21.31 -10.10 -36.06
N ILE C 278 21.63 -9.22 -35.11
CA ILE C 278 21.97 -9.61 -33.75
C ILE C 278 20.70 -9.54 -32.91
N THR C 279 20.36 -10.63 -32.24
CA THR C 279 19.16 -10.72 -31.42
C THR C 279 19.56 -10.85 -29.96
N LEU C 280 19.07 -9.93 -29.13
CA LEU C 280 19.32 -9.93 -27.70
C LEU C 280 18.13 -10.53 -26.98
N GLN C 281 18.37 -11.52 -26.14
CA GLN C 281 17.29 -12.12 -25.35
C GLN C 281 16.97 -11.24 -24.15
N CYS C 282 15.69 -10.90 -24.00
CA CYS C 282 15.24 -9.99 -22.96
C CYS C 282 14.27 -10.68 -22.01
N LYS C 283 14.10 -10.07 -20.85
CA LYS C 283 13.17 -10.57 -19.80
C LYS C 283 12.46 -9.37 -19.17
N ILE C 284 11.12 -9.42 -19.13
CA ILE C 284 10.32 -8.36 -18.53
C ILE C 284 10.21 -8.65 -17.03
N LYS C 285 10.82 -7.80 -16.22
CA LYS C 285 10.92 -8.02 -14.78
C LYS C 285 9.93 -7.14 -14.03
N GLN C 286 9.45 -7.65 -12.90
CA GLN C 286 8.57 -6.91 -12.01
C GLN C 286 9.30 -6.36 -10.79
N ILE C 287 10.34 -7.05 -10.32
CA ILE C 287 11.17 -6.57 -9.22
C ILE C 287 12.30 -5.74 -9.82
N ILE C 288 12.36 -4.46 -9.44
CA ILE C 288 13.26 -3.49 -10.06
C ILE C 288 14.15 -2.90 -8.97
N ASN C 289 15.45 -2.81 -9.27
CA ASN C 289 16.35 -2.00 -8.47
C ASN C 289 16.24 -0.55 -8.97
N MET C 290 15.74 0.33 -8.11
CA MET C 290 15.41 1.69 -8.54
C MET C 290 16.67 2.49 -8.83
N TRP C 291 16.55 3.42 -9.78
CA TRP C 291 17.60 4.38 -10.07
C TRP C 291 17.42 5.69 -9.33
N GLN C 292 16.17 6.04 -8.98
CA GLN C 292 15.92 7.28 -8.26
C GLN C 292 16.53 7.24 -6.87
N GLU C 293 16.29 6.17 -6.13
CA GLU C 293 16.78 6.01 -4.77
C GLU C 293 17.25 4.56 -4.59
N VAL C 294 17.90 4.31 -3.45
CA VAL C 294 18.38 2.97 -3.13
C VAL C 294 17.20 2.18 -2.59
N GLY C 295 16.75 1.18 -3.35
CA GLY C 295 15.62 0.38 -2.95
C GLY C 295 15.11 -0.46 -4.10
N ARG C 296 13.99 -1.14 -3.84
CA ARG C 296 13.41 -2.07 -4.79
C ARG C 296 11.92 -1.77 -4.95
N ALA C 297 11.44 -1.84 -6.19
CA ALA C 297 10.04 -1.60 -6.51
C ALA C 297 9.49 -2.78 -7.28
N ILE C 298 8.33 -3.28 -6.85
CA ILE C 298 7.69 -4.43 -7.47
C ILE C 298 6.44 -3.94 -8.18
N TYR C 299 6.42 -4.10 -9.49
CA TYR C 299 5.28 -3.70 -10.31
C TYR C 299 4.41 -4.91 -10.63
N ALA C 300 3.36 -4.69 -11.41
CA ALA C 300 2.39 -5.69 -11.78
C ALA C 300 2.88 -6.49 -12.99
N PRO C 301 2.33 -7.68 -13.21
CA PRO C 301 2.67 -8.45 -14.42
C PRO C 301 2.38 -7.65 -15.67
N PRO C 302 3.06 -7.94 -16.78
CA PRO C 302 2.93 -7.11 -17.98
C PRO C 302 1.57 -7.24 -18.62
N ILE C 303 1.23 -6.24 -19.42
CA ILE C 303 0.00 -6.21 -20.21
C ILE C 303 0.07 -7.31 -21.26
N GLU C 304 -1.08 -7.67 -21.84
CA GLU C 304 -1.13 -8.72 -22.84
C GLU C 304 -1.07 -8.15 -24.25
N GLY C 305 -0.68 -8.99 -25.18
CA GLY C 305 -0.50 -8.58 -26.55
C GLY C 305 0.96 -8.25 -26.87
N GLU C 306 1.16 -7.74 -28.08
CA GLU C 306 2.50 -7.39 -28.52
C GLU C 306 2.97 -6.11 -27.84
N ILE C 307 4.12 -6.18 -27.19
CA ILE C 307 4.75 -5.04 -26.53
C ILE C 307 6.04 -4.75 -27.30
N THR C 308 6.01 -3.71 -28.15
CA THR C 308 7.13 -3.41 -29.03
C THR C 308 7.55 -1.95 -28.86
N CYS C 309 8.85 -1.72 -28.87
CA CYS C 309 9.42 -0.38 -28.92
C CYS C 309 10.45 -0.32 -30.04
N ASN C 310 10.31 0.66 -30.91
CA ASN C 310 11.24 0.90 -32.01
C ASN C 310 12.06 2.14 -31.64
N SER C 311 13.29 1.93 -31.20
CA SER C 311 14.12 3.00 -30.68
C SER C 311 15.37 3.18 -31.54
N ASN C 312 16.00 4.34 -31.40
CA ASN C 312 17.26 4.65 -32.06
C ASN C 312 18.37 4.75 -31.03
N ILE C 313 19.45 4.00 -31.24
CA ILE C 313 20.63 4.09 -30.38
C ILE C 313 21.44 5.30 -30.84
N THR C 314 21.46 6.34 -30.01
CA THR C 314 22.20 7.56 -30.32
C THR C 314 23.45 7.72 -29.48
N GLY C 315 23.66 6.89 -28.47
CA GLY C 315 24.82 7.03 -27.61
C GLY C 315 25.10 5.75 -26.86
N LEU C 316 26.32 5.67 -26.34
CA LEU C 316 26.78 4.52 -25.56
C LEU C 316 27.31 4.99 -24.22
N LEU C 317 27.18 4.13 -23.22
CA LEU C 317 27.73 4.35 -21.88
C LEU C 317 28.73 3.24 -21.61
N LEU C 318 30.01 3.58 -21.59
CA LEU C 318 31.08 2.61 -21.51
C LEU C 318 31.96 2.86 -20.29
N LEU C 319 32.68 1.81 -19.90
CA LEU C 319 33.63 1.87 -18.80
C LEU C 319 34.90 1.12 -19.19
N ARG C 320 36.04 1.65 -18.78
CA ARG C 320 37.33 1.06 -19.10
C ARG C 320 37.87 0.29 -17.90
N ASP C 321 38.74 -0.67 -18.17
CA ASP C 321 39.30 -1.52 -17.13
C ASP C 321 40.70 -1.06 -16.73
N ASP C 328 49.37 -3.66 -22.73
CA ASP C 328 49.04 -4.41 -23.92
C ASP C 328 47.83 -3.83 -24.63
N THR C 329 46.68 -3.86 -23.95
CA THR C 329 45.42 -3.46 -24.57
C THR C 329 44.53 -2.78 -23.55
N GLU C 330 43.50 -2.11 -24.06
CA GLU C 330 42.47 -1.48 -23.26
C GLU C 330 41.12 -2.06 -23.65
N THR C 331 40.33 -2.43 -22.65
CA THR C 331 39.04 -3.09 -22.88
C THR C 331 37.91 -2.20 -22.37
N PHE C 332 36.82 -2.16 -23.13
CA PHE C 332 35.67 -1.34 -22.81
C PHE C 332 34.43 -2.22 -22.63
N ARG C 333 33.65 -1.92 -21.60
CA ARG C 333 32.44 -2.66 -21.26
C ARG C 333 31.29 -1.70 -21.06
N PRO C 334 30.07 -2.09 -21.42
CA PRO C 334 28.93 -1.18 -21.27
C PRO C 334 28.64 -0.90 -19.80
N GLY C 335 28.31 0.35 -19.51
CA GLY C 335 28.06 0.80 -18.16
C GLY C 335 26.68 1.43 -18.04
N GLY C 336 26.59 2.40 -17.15
CA GLY C 336 25.35 3.09 -16.86
C GLY C 336 24.84 2.73 -15.47
N GLY C 337 23.72 3.36 -15.12
CA GLY C 337 23.13 3.18 -13.81
C GLY C 337 22.77 4.51 -13.18
N ASP C 338 23.71 5.44 -13.19
CA ASP C 338 23.45 6.82 -12.75
C ASP C 338 22.78 7.54 -13.91
N MET C 339 21.46 7.72 -13.82
CA MET C 339 20.71 8.33 -14.90
C MET C 339 21.05 9.80 -15.13
N ARG C 340 21.85 10.40 -14.25
CA ARG C 340 22.32 11.75 -14.51
C ARG C 340 23.29 11.77 -15.69
N ASP C 341 23.99 10.66 -15.94
CA ASP C 341 24.80 10.55 -17.16
C ASP C 341 23.91 10.62 -18.40
N ASN C 342 22.71 10.06 -18.31
CA ASN C 342 21.79 10.12 -19.45
C ASN C 342 21.41 11.56 -19.78
N TRP C 343 21.20 12.39 -18.75
CA TRP C 343 20.87 13.79 -19.00
C TRP C 343 22.08 14.58 -19.45
N ARG C 344 23.29 14.16 -19.04
CA ARG C 344 24.49 14.85 -19.47
C ARG C 344 24.72 14.72 -20.97
N SER C 345 24.32 13.58 -21.56
CA SER C 345 24.47 13.38 -22.99
C SER C 345 23.68 14.40 -23.80
N GLU C 346 22.70 15.07 -23.18
CA GLU C 346 21.92 16.10 -23.85
C GLU C 346 22.18 17.50 -23.32
N LEU C 347 22.68 17.63 -22.09
CA LEU C 347 22.89 18.93 -21.46
C LEU C 347 24.35 19.37 -21.51
N TYR C 348 25.16 18.75 -22.37
CA TYR C 348 26.54 19.20 -22.52
C TYR C 348 26.62 20.53 -23.26
N LYS C 349 25.68 20.79 -24.17
CA LYS C 349 25.70 22.04 -24.93
C LYS C 349 25.49 23.24 -24.03
N TYR C 350 24.83 23.07 -22.89
CA TYR C 350 24.19 24.18 -22.19
C TYR C 350 24.89 24.51 -20.88
N LYS C 351 24.78 25.78 -20.50
CA LYS C 351 25.21 26.30 -19.21
C LYS C 351 24.33 27.50 -18.90
N VAL C 352 23.89 27.61 -17.65
CA VAL C 352 23.01 28.69 -17.24
C VAL C 352 23.85 29.81 -16.64
N VAL C 353 23.58 31.05 -17.07
CA VAL C 353 24.35 32.21 -16.64
C VAL C 353 23.38 33.31 -16.22
N GLU C 354 23.95 34.37 -15.63
CA GLU C 354 23.15 35.47 -15.12
C GLU C 354 23.22 36.68 -16.06
N LYS D 6 22.26 33.09 9.21
CA LYS D 6 21.70 31.75 9.16
C LYS D 6 22.77 30.67 9.21
N THR D 7 22.35 29.45 9.55
CA THR D 7 23.23 28.29 9.61
C THR D 7 22.41 27.02 9.67
N THR D 8 23.01 25.92 10.13
CA THR D 8 22.31 24.67 10.35
C THR D 8 22.56 24.22 11.79
N LEU D 9 21.49 24.15 12.57
CA LEU D 9 21.59 23.71 13.95
C LEU D 9 21.55 22.19 14.03
N PHE D 10 22.21 21.65 15.06
CA PHE D 10 22.17 20.22 15.35
C PHE D 10 21.55 20.01 16.73
N CYS D 11 20.86 18.88 16.88
CA CYS D 11 20.13 18.57 18.09
C CYS D 11 20.96 17.67 19.00
N ALA D 12 20.88 17.94 20.30
CA ALA D 12 21.49 17.10 21.33
C ALA D 12 20.39 16.60 22.25
N SER D 13 20.55 15.36 22.71
CA SER D 13 19.53 14.75 23.56
C SER D 13 20.16 13.74 24.50
N ASP D 14 19.44 13.47 25.59
CA ASP D 14 19.80 12.42 26.54
C ASP D 14 19.17 11.08 26.18
N ALA D 15 18.93 10.86 24.88
CA ALA D 15 18.27 9.63 24.39
C ALA D 15 19.14 8.38 24.65
N LYS D 16 18.48 7.24 24.82
CA LYS D 16 19.17 5.95 25.09
C LYS D 16 18.93 4.99 23.92
N ALA D 17 19.99 4.38 23.40
CA ALA D 17 19.91 3.45 22.26
C ALA D 17 19.05 2.23 22.65
N TYR D 18 19.21 1.74 23.89
CA TYR D 18 18.47 0.55 24.37
C TYR D 18 16.95 0.81 24.40
N GLU D 19 16.55 2.04 24.75
CA GLU D 19 15.09 2.37 24.86
C GLU D 19 14.42 2.23 23.48
N LYS D 20 13.22 1.64 23.47
CA LYS D 20 12.44 1.43 22.22
C LYS D 20 11.49 2.62 21.99
N GLU D 21 11.45 3.58 22.92
CA GLU D 21 10.60 4.78 22.77
C GLU D 21 10.94 5.42 21.42
N VAL D 22 9.95 5.76 20.60
CA VAL D 22 10.27 6.24 19.26
C VAL D 22 11.06 7.55 19.30
N HIS D 23 10.81 8.41 20.29
CA HIS D 23 11.61 9.62 20.41
C HIS D 23 13.06 9.29 20.71
N ASN D 24 13.30 8.27 21.53
CA ASN D 24 14.66 7.81 21.78
C ASN D 24 15.29 7.23 20.53
N VAL D 25 14.53 6.41 19.79
CA VAL D 25 15.06 5.75 18.59
C VAL D 25 15.45 6.80 17.55
N TRP D 26 14.61 7.82 17.37
CA TRP D 26 14.92 8.85 16.39
C TRP D 26 16.10 9.70 16.83
N ALA D 27 16.14 10.11 18.09
CA ALA D 27 17.21 10.98 18.57
C ALA D 27 18.55 10.27 18.59
N THR D 28 18.56 8.94 18.71
CA THR D 28 19.83 8.21 18.73
C THR D 28 20.54 8.31 17.39
N HIS D 29 19.81 8.15 16.28
CA HIS D 29 20.42 8.19 14.97
C HIS D 29 20.48 9.60 14.38
N ALA D 30 19.64 10.52 14.86
CA ALA D 30 19.56 11.86 14.29
C ALA D 30 20.23 12.93 15.12
N CYS D 31 20.25 12.79 16.44
CA CYS D 31 20.80 13.81 17.33
C CYS D 31 22.13 13.33 17.92
N VAL D 32 22.70 14.17 18.77
CA VAL D 32 24.07 14.01 19.26
C VAL D 32 24.00 13.92 20.77
N PRO D 33 25.01 13.31 21.41
CA PRO D 33 25.05 13.31 22.88
C PRO D 33 25.00 14.71 23.47
N THR D 34 24.37 14.82 24.64
CA THR D 34 24.23 16.10 25.31
C THR D 34 25.59 16.60 25.83
N ASP D 35 25.59 17.81 26.35
CA ASP D 35 26.81 18.42 26.86
C ASP D 35 26.74 18.48 28.38
N PRO D 36 27.50 17.65 29.11
CA PRO D 36 27.53 17.78 30.57
C PRO D 36 28.28 19.02 31.05
N ASN D 37 28.89 19.78 30.14
CA ASN D 37 29.60 21.02 30.48
C ASN D 37 28.87 22.20 29.88
N PRO D 38 27.87 22.75 30.55
CA PRO D 38 27.13 23.89 29.98
C PRO D 38 27.76 25.22 30.37
N GLN D 39 28.35 25.91 29.40
CA GLN D 39 28.98 27.20 29.63
C GLN D 39 28.06 28.31 29.17
N GLU D 40 27.75 29.23 30.08
CA GLU D 40 26.85 30.37 29.77
C GLU D 40 27.51 31.67 30.22
N MET D 41 27.66 32.64 29.31
CA MET D 41 28.27 33.96 29.62
C MET D 41 27.17 35.02 29.57
N VAL D 42 27.07 35.85 30.61
CA VAL D 42 26.01 36.89 30.71
C VAL D 42 26.60 38.27 30.44
N LEU D 43 26.02 39.01 29.49
CA LEU D 43 26.49 40.40 29.20
C LEU D 43 25.37 41.37 29.58
N ALA D 44 25.51 42.05 30.72
CA ALA D 44 24.47 43.02 31.20
C ALA D 44 24.40 44.22 30.25
N ASN D 45 25.55 44.73 29.82
CA ASN D 45 25.63 45.92 28.93
C ASN D 45 24.99 45.63 27.56
N VAL D 46 25.24 44.44 27.01
CA VAL D 46 24.73 44.07 25.66
C VAL D 46 23.20 44.01 25.65
N THR D 47 22.59 44.60 24.62
CA THR D 47 21.12 44.58 24.40
C THR D 47 20.88 44.19 22.94
N GLU D 48 19.96 43.26 22.68
CA GLU D 48 19.70 42.83 21.27
C GLU D 48 18.19 42.79 21.00
N ASN D 49 17.82 42.72 19.71
CA ASN D 49 16.43 42.62 19.29
C ASN D 49 16.07 41.17 19.02
N PHE D 50 14.84 40.81 19.36
CA PHE D 50 14.32 39.47 19.17
C PHE D 50 12.93 39.54 18.54
N ASN D 51 12.61 38.50 17.76
CA ASN D 51 11.25 38.32 17.25
C ASN D 51 11.00 36.81 17.17
N MET D 52 10.30 36.27 18.18
CA MET D 52 9.98 34.86 18.20
C MET D 52 9.10 34.45 17.01
N TRP D 53 8.45 35.41 16.36
CA TRP D 53 7.56 35.12 15.25
C TRP D 53 8.25 35.11 13.90
N LYS D 54 9.52 35.54 13.84
CA LYS D 54 10.36 35.43 12.66
C LYS D 54 11.67 34.75 13.02
N ASN D 55 11.56 33.61 13.69
CA ASN D 55 12.71 32.88 14.23
C ASN D 55 12.96 31.64 13.38
N ASP D 56 14.16 31.54 12.80
CA ASP D 56 14.49 30.40 11.95
C ASP D 56 14.64 29.11 12.75
N MET D 57 14.95 29.20 14.05
CA MET D 57 14.99 28.00 14.88
C MET D 57 13.65 27.28 14.88
N VAL D 58 12.55 28.03 14.75
CA VAL D 58 11.22 27.43 14.79
C VAL D 58 11.02 26.50 13.61
N GLU D 59 11.41 27.00 12.43
CA GLU D 59 11.27 26.24 11.15
C GLU D 59 12.18 25.01 11.18
N GLN D 60 13.41 25.16 11.67
CA GLN D 60 14.36 24.05 11.72
C GLN D 60 13.87 22.97 12.67
N MET D 61 13.36 23.35 13.84
CA MET D 61 12.79 22.37 14.74
C MET D 61 11.49 21.79 14.18
N HIS D 62 10.70 22.62 13.50
CA HIS D 62 9.44 22.16 12.93
C HIS D 62 9.67 21.02 11.92
N GLU D 63 10.61 21.22 10.99
CA GLU D 63 10.91 20.19 10.02
C GLU D 63 11.52 18.95 10.68
N ASP D 64 12.32 19.15 11.73
CA ASP D 64 12.88 18.01 12.44
C ASP D 64 11.80 17.19 13.12
N ILE D 65 10.79 17.85 13.67
CA ILE D 65 9.71 17.13 14.34
C ILE D 65 8.82 16.44 13.30
N ILE D 66 8.66 17.04 12.12
CA ILE D 66 7.98 16.36 11.03
C ILE D 66 8.71 15.08 10.67
N SER D 67 10.04 15.14 10.62
CA SER D 67 10.84 13.94 10.33
C SER D 67 10.71 12.91 11.44
N LEU D 68 10.68 13.36 12.69
CA LEU D 68 10.50 12.45 13.81
C LEU D 68 9.16 11.74 13.73
N TRP D 69 8.09 12.47 13.42
CA TRP D 69 6.76 11.88 13.37
C TRP D 69 6.61 10.97 12.16
N ASP D 70 7.23 11.33 11.02
CA ASP D 70 7.09 10.51 9.83
C ASP D 70 7.79 9.16 9.96
N GLU D 71 8.85 9.10 10.78
CA GLU D 71 9.55 7.85 11.00
C GLU D 71 9.02 7.07 12.19
N SER D 72 8.25 7.71 13.07
CA SER D 72 7.79 7.10 14.30
C SER D 72 6.32 6.71 14.24
N LEU D 73 5.45 7.68 13.96
CA LEU D 73 4.00 7.45 13.92
C LEU D 73 3.55 7.22 12.48
N LYS D 74 3.91 6.04 11.97
CA LYS D 74 3.56 5.67 10.61
C LYS D 74 2.12 5.16 10.57
N PRO D 75 1.21 5.85 9.88
CA PRO D 75 -0.19 5.41 9.88
C PRO D 75 -0.41 4.25 8.92
N CYS D 76 -1.60 3.64 9.04
CA CYS D 76 -1.98 2.59 8.11
C CYS D 76 -2.14 3.14 6.71
N VAL D 77 -2.75 4.32 6.58
CA VAL D 77 -2.95 4.98 5.30
C VAL D 77 -2.54 6.44 5.44
N LYS D 78 -1.83 6.95 4.43
CA LYS D 78 -1.50 8.36 4.32
C LYS D 78 -2.08 8.88 3.01
N LEU D 79 -3.13 9.69 3.10
CA LEU D 79 -3.86 10.19 1.94
C LEU D 79 -3.42 11.63 1.68
N THR D 80 -2.66 11.84 0.61
CA THR D 80 -2.09 13.15 0.31
C THR D 80 -2.19 13.41 -1.19
N GLY D 81 -2.81 14.52 -1.55
CA GLY D 81 -2.89 14.96 -2.93
C GLY D 81 -3.43 13.92 -3.89
N GLY D 82 -4.53 13.27 -3.52
CA GLY D 82 -5.11 12.24 -4.34
C GLY D 82 -4.44 10.89 -4.14
N SER D 83 -3.15 10.90 -3.83
CA SER D 83 -2.41 9.67 -3.62
C SER D 83 -2.81 9.04 -2.28
N ALA D 84 -2.62 7.72 -2.20
CA ALA D 84 -2.95 6.96 -1.00
C ALA D 84 -1.82 5.96 -0.75
N ILE D 85 -1.00 6.23 0.25
CA ILE D 85 0.13 5.38 0.61
C ILE D 85 -0.25 4.55 1.82
N THR D 86 0.00 3.25 1.76
CA THR D 86 -0.28 2.34 2.86
C THR D 86 1.00 1.65 3.31
N GLN D 87 1.07 1.35 4.59
CA GLN D 87 2.23 0.69 5.18
C GLN D 87 1.81 0.11 6.53
N ALA D 88 2.75 -0.59 7.18
CA ALA D 88 2.47 -1.15 8.48
C ALA D 88 2.28 -0.05 9.52
N CYS D 89 1.28 -0.22 10.37
CA CYS D 89 0.94 0.72 11.43
C CYS D 89 0.97 0.02 12.77
N PRO D 90 2.15 -0.31 13.29
CA PRO D 90 2.23 -0.97 14.59
C PRO D 90 2.15 0.04 15.73
N LYS D 91 1.73 -0.47 16.88
CA LYS D 91 1.67 0.36 18.08
C LYS D 91 3.06 0.51 18.68
N VAL D 92 3.42 1.74 19.02
CA VAL D 92 4.76 2.07 19.45
C VAL D 92 4.72 2.70 20.83
N SER D 93 5.82 2.57 21.57
CA SER D 93 6.02 3.31 22.81
C SER D 93 6.23 4.77 22.47
N PHE D 94 5.26 5.62 22.82
CA PHE D 94 5.29 7.03 22.47
C PHE D 94 5.31 7.87 23.74
N ASP D 95 6.38 8.63 23.92
CA ASP D 95 6.54 9.54 25.05
C ASP D 95 7.60 10.58 24.70
N PRO D 96 7.20 11.83 24.51
CA PRO D 96 8.15 12.84 24.02
C PRO D 96 9.30 13.07 25.00
N ILE D 97 10.51 13.18 24.45
CA ILE D 97 11.71 13.43 25.24
C ILE D 97 12.20 14.84 24.91
N PRO D 98 12.98 15.48 25.77
CA PRO D 98 13.50 16.81 25.45
C PRO D 98 14.65 16.76 24.46
N LEU D 99 14.72 17.79 23.62
CA LEU D 99 15.76 17.90 22.60
C LEU D 99 16.36 19.29 22.65
N HIS D 100 17.65 19.37 22.93
CA HIS D 100 18.36 20.63 22.89
C HIS D 100 18.79 20.95 21.45
N TYR D 101 18.67 22.21 21.06
CA TYR D 101 19.11 22.65 19.74
C TYR D 101 20.37 23.48 19.89
N CYS D 102 21.40 23.15 19.11
CA CYS D 102 22.74 23.67 19.32
C CYS D 102 23.28 24.32 18.05
N ALA D 103 24.11 25.36 18.24
CA ALA D 103 24.75 26.09 17.14
C ALA D 103 26.13 25.50 16.87
N PRO D 104 26.51 25.29 15.60
CA PRO D 104 27.82 24.71 15.30
C PRO D 104 28.96 25.70 15.51
N ALA D 105 30.18 25.27 15.20
CA ALA D 105 31.35 26.12 15.39
C ALA D 105 31.28 27.34 14.50
N GLY D 106 31.57 28.51 15.09
CA GLY D 106 31.46 29.78 14.41
C GLY D 106 30.18 30.53 14.69
N PHE D 107 29.19 29.88 15.29
CA PHE D 107 27.91 30.51 15.62
C PHE D 107 27.64 30.30 17.10
N ALA D 108 26.75 31.14 17.64
CA ALA D 108 26.34 31.05 19.04
C ALA D 108 24.85 31.28 19.12
N ILE D 109 24.26 30.97 20.28
CA ILE D 109 22.81 31.18 20.49
C ILE D 109 22.61 32.24 21.58
N LEU D 110 22.15 33.43 21.20
CA LEU D 110 21.90 34.50 22.20
C LEU D 110 20.62 34.13 22.97
N LYS D 111 20.67 34.25 24.30
CA LYS D 111 19.50 33.92 25.15
C LYS D 111 19.10 35.17 25.93
N CYS D 112 17.83 35.56 25.86
CA CYS D 112 17.36 36.76 26.62
C CYS D 112 17.09 36.34 28.06
N ASN D 113 17.68 37.05 29.02
CA ASN D 113 17.54 36.71 30.46
C ASN D 113 16.39 37.50 31.09
N ASN D 114 15.71 38.34 30.30
CA ASN D 114 14.58 39.13 30.89
C ASN D 114 13.42 38.18 31.15
N LYS D 115 12.99 38.10 32.41
CA LYS D 115 11.87 37.22 32.85
C LYS D 115 10.55 37.68 32.23
N THR D 116 10.37 39.00 32.09
CA THR D 116 9.11 39.60 31.56
C THR D 116 9.20 39.82 30.05
N PHE D 117 10.27 39.35 29.40
CA PHE D 117 10.40 39.57 27.93
C PHE D 117 9.20 38.94 27.22
N ASN D 118 8.62 39.66 26.27
CA ASN D 118 7.41 39.20 25.54
C ASN D 118 7.80 38.47 24.25
N GLY D 119 9.10 38.36 23.98
CA GLY D 119 9.60 37.69 22.76
C GLY D 119 9.71 38.62 21.57
N THR D 120 9.36 39.90 21.76
CA THR D 120 9.43 40.91 20.67
C THR D 120 10.14 42.16 21.20
N GLY D 121 11.02 42.76 20.39
CA GLY D 121 11.74 43.98 20.77
C GLY D 121 13.09 43.69 21.41
N PRO D 122 13.84 44.72 21.84
CA PRO D 122 15.17 44.54 22.44
C PRO D 122 15.16 43.93 23.85
N CYS D 123 16.16 43.11 24.16
CA CYS D 123 16.32 42.50 25.51
C CYS D 123 17.59 43.08 26.13
N ARG D 124 17.47 43.77 27.27
CA ARG D 124 18.63 44.40 27.95
C ARG D 124 19.63 43.36 28.45
N ASN D 125 19.16 42.26 29.03
CA ASN D 125 20.08 41.21 29.56
C ASN D 125 20.09 40.03 28.59
N VAL D 126 21.29 39.68 28.10
CA VAL D 126 21.44 38.57 27.11
C VAL D 126 22.60 37.66 27.56
N SER D 127 22.50 36.36 27.25
CA SER D 127 23.55 35.38 27.62
C SER D 127 24.04 34.65 26.36
N THR D 128 25.24 34.09 26.41
CA THR D 128 25.81 33.38 25.24
C THR D 128 25.90 31.87 25.53
N VAL D 129 25.00 31.08 24.92
CA VAL D 129 25.03 29.63 25.08
C VAL D 129 25.32 29.00 23.72
N GLN D 130 25.57 27.70 23.75
CA GLN D 130 25.76 26.92 22.53
C GLN D 130 24.61 25.97 22.25
N CYS D 131 23.79 25.66 23.24
CA CYS D 131 22.62 24.80 23.06
C CYS D 131 21.43 25.42 23.78
N THR D 132 20.24 25.13 23.28
CA THR D 132 19.03 25.50 23.97
C THR D 132 18.79 24.56 25.16
N HIS D 133 17.76 24.85 25.94
CA HIS D 133 17.39 23.93 27.01
C HIS D 133 16.59 22.77 26.44
N GLY D 134 16.23 21.82 27.31
CA GLY D 134 15.49 20.65 26.87
C GLY D 134 14.10 21.03 26.39
N ILE D 135 13.78 20.70 25.14
CA ILE D 135 12.50 21.03 24.54
C ILE D 135 11.80 19.73 24.18
N LYS D 136 10.63 19.50 24.79
CA LYS D 136 9.80 18.35 24.44
C LYS D 136 8.90 18.71 23.28
N PRO D 137 9.01 18.05 22.13
CA PRO D 137 8.12 18.36 20.99
C PRO D 137 6.71 17.79 21.18
N VAL D 138 5.93 18.48 21.99
CA VAL D 138 4.56 18.07 22.30
C VAL D 138 3.63 18.69 21.26
N VAL D 139 2.99 17.84 20.46
CA VAL D 139 2.05 18.28 19.44
C VAL D 139 0.66 18.33 20.05
N SER D 140 0.08 19.51 20.12
CA SER D 140 -1.26 19.69 20.69
C SER D 140 -1.82 21.02 20.21
N THR D 141 -3.13 21.18 20.42
CA THR D 141 -3.83 22.41 20.09
C THR D 141 -4.50 22.97 21.34
N GLN D 142 -4.88 24.24 21.26
CA GLN D 142 -5.58 24.95 22.33
C GLN D 142 -4.75 25.05 23.62
N LEU D 143 -4.32 23.91 24.16
CA LEU D 143 -3.56 23.87 25.40
C LEU D 143 -2.13 23.45 25.12
N LEU D 144 -1.17 24.24 25.59
CA LEU D 144 0.24 23.90 25.51
C LEU D 144 0.60 23.02 26.71
N LEU D 145 1.14 21.84 26.42
CA LEU D 145 1.37 20.82 27.44
C LEU D 145 2.86 20.58 27.65
N ASN D 146 3.24 20.34 28.90
CA ASN D 146 4.56 19.83 29.26
C ASN D 146 5.69 20.77 28.84
N GLY D 147 5.42 22.08 28.81
CA GLY D 147 6.42 23.07 28.49
C GLY D 147 7.06 23.67 29.72
N SER D 148 7.84 24.74 29.51
CA SER D 148 8.51 25.47 30.60
C SER D 148 7.64 26.66 31.04
N LEU D 149 7.36 26.75 32.34
CA LEU D 149 6.53 27.84 32.92
C LEU D 149 7.31 29.16 32.97
N ALA D 150 6.59 30.28 33.03
CA ALA D 150 7.23 31.63 33.14
C ALA D 150 7.74 31.81 34.57
N GLU D 151 8.98 32.27 34.71
CA GLU D 151 9.61 32.47 36.05
C GLU D 151 8.87 33.55 36.86
N GLU D 152 8.47 34.64 36.22
CA GLU D 152 7.79 35.76 36.91
C GLU D 152 6.28 35.70 36.67
N GLU D 153 5.66 36.85 36.36
CA GLU D 153 4.20 36.99 36.12
C GLU D 153 3.83 36.45 34.73
N ILE D 154 2.53 36.17 34.53
CA ILE D 154 1.97 35.67 33.24
C ILE D 154 2.31 36.65 32.11
N ILE D 155 2.67 36.13 30.94
CA ILE D 155 3.11 36.93 29.81
C ILE D 155 2.22 36.64 28.61
N ILE D 156 1.73 37.70 27.97
CA ILE D 156 0.95 37.60 26.74
C ILE D 156 1.90 37.81 25.57
N ARG D 157 1.93 36.86 24.65
CA ARG D 157 2.82 36.90 23.50
C ARG D 157 2.00 36.96 22.22
N SER D 158 2.31 37.91 21.36
CA SER D 158 1.62 38.06 20.09
C SER D 158 2.49 38.85 19.13
N GLU D 159 2.46 38.47 17.86
CA GLU D 159 3.14 39.27 16.84
C GLU D 159 2.47 40.63 16.68
N ASN D 160 1.16 40.69 16.93
CA ASN D 160 0.43 41.96 16.91
C ASN D 160 -0.88 41.74 17.65
N LEU D 161 -0.99 42.31 18.85
CA LEU D 161 -2.17 42.08 19.67
C LEU D 161 -3.42 42.70 19.06
N THR D 162 -3.28 43.83 18.37
CA THR D 162 -4.43 44.47 17.74
C THR D 162 -4.88 43.75 16.47
N ASN D 163 -4.02 42.89 15.90
CA ASN D 163 -4.40 42.06 14.77
C ASN D 163 -5.12 40.82 15.29
N ASN D 164 -6.42 40.74 15.04
CA ASN D 164 -7.22 39.64 15.57
C ASN D 164 -6.93 38.31 14.89
N ALA D 165 -6.12 38.31 13.82
CA ALA D 165 -5.79 37.08 13.11
C ALA D 165 -4.51 36.43 13.62
N LYS D 166 -3.71 37.13 14.43
CA LYS D 166 -2.46 36.58 14.93
C LYS D 166 -2.72 35.73 16.17
N THR D 167 -2.04 34.59 16.25
CA THR D 167 -2.19 33.70 17.40
C THR D 167 -1.60 34.34 18.65
N ILE D 168 -2.33 34.22 19.76
CA ILE D 168 -1.91 34.76 21.04
C ILE D 168 -1.45 33.60 21.91
N ILE D 169 -0.19 33.65 22.35
CA ILE D 169 0.38 32.64 23.24
C ILE D 169 0.42 33.21 24.65
N VAL D 170 -0.27 32.55 25.57
CA VAL D 170 -0.35 32.98 26.96
C VAL D 170 0.58 32.07 27.76
N HIS D 171 1.77 32.57 28.08
CA HIS D 171 2.76 31.80 28.84
C HIS D 171 2.44 31.93 30.32
N LEU D 172 2.04 30.82 30.95
CA LEU D 172 1.65 30.81 32.34
C LEU D 172 2.87 30.60 33.25
N ASN D 173 2.76 31.07 34.49
CA ASN D 173 3.83 30.94 35.45
C ASN D 173 3.59 29.85 36.50
N GLU D 174 2.34 29.41 36.66
CA GLU D 174 2.00 28.33 37.57
C GLU D 174 1.27 27.25 36.78
N SER D 175 1.84 26.04 36.78
CA SER D 175 1.30 24.95 36.00
C SER D 175 -0.10 24.56 36.47
N VAL D 176 -0.88 24.01 35.55
CA VAL D 176 -2.24 23.55 35.82
C VAL D 176 -2.32 22.10 35.34
N ASN D 177 -2.53 21.17 36.26
CA ASN D 177 -2.50 19.75 35.93
C ASN D 177 -3.79 19.34 35.23
N ILE D 178 -3.64 18.61 34.12
CA ILE D 178 -4.77 17.99 33.42
C ILE D 178 -4.42 16.52 33.23
N VAL D 179 -5.32 15.63 33.67
CA VAL D 179 -5.16 14.20 33.49
C VAL D 179 -6.22 13.72 32.52
N CYS D 180 -5.80 13.11 31.43
CA CYS D 180 -6.69 12.59 30.40
C CYS D 180 -6.60 11.07 30.39
N THR D 181 -7.76 10.41 30.37
CA THR D 181 -7.78 8.97 30.56
C THR D 181 -8.90 8.35 29.74
N ARG D 182 -8.56 7.32 28.96
CA ARG D 182 -9.54 6.37 28.48
C ARG D 182 -9.52 5.18 29.42
N PRO D 183 -10.51 5.01 30.28
CA PRO D 183 -10.43 3.96 31.30
C PRO D 183 -10.49 2.57 30.71
N ASN D 184 -10.10 1.59 31.53
CA ASN D 184 -10.09 0.20 31.11
C ASN D 184 -11.52 -0.33 31.02
N ASN D 193 -17.44 1.57 25.00
CA ASN D 193 -16.80 2.33 23.93
C ASN D 193 -15.32 2.51 24.23
N ILE D 194 -14.46 1.85 23.45
CA ILE D 194 -13.01 1.92 23.66
C ILE D 194 -12.39 3.20 23.12
N ARG D 195 -13.19 4.11 22.57
CA ARG D 195 -12.70 5.38 22.07
C ARG D 195 -13.21 6.58 22.88
N GLN D 196 -13.99 6.34 23.93
CA GLN D 196 -14.49 7.40 24.78
C GLN D 196 -13.53 7.62 25.95
N ALA D 197 -13.09 8.86 26.11
CA ALA D 197 -12.16 9.23 27.17
C ALA D 197 -12.63 10.51 27.84
N HIS D 198 -11.89 10.94 28.86
CA HIS D 198 -12.24 12.16 29.59
C HIS D 198 -11.00 12.72 30.27
N CYS D 199 -10.98 14.05 30.42
CA CYS D 199 -9.93 14.75 31.14
C CYS D 199 -10.51 15.44 32.36
N ASN D 200 -9.74 15.48 33.44
CA ASN D 200 -10.14 16.14 34.67
C ASN D 200 -9.20 17.29 34.97
N ILE D 201 -9.77 18.44 35.33
CA ILE D 201 -8.98 19.67 35.66
C ILE D 201 -9.55 20.25 36.96
N ASN D 202 -8.69 20.62 37.91
CA ASN D 202 -9.19 21.21 39.17
C ASN D 202 -9.82 22.56 38.82
N GLU D 203 -11.07 22.78 39.24
CA GLU D 203 -11.78 24.05 38.94
C GLU D 203 -11.09 25.22 39.64
N SER D 204 -10.66 25.02 40.89
CA SER D 204 -10.01 26.11 41.67
C SER D 204 -8.74 26.58 40.97
N LYS D 205 -7.91 25.63 40.51
CA LYS D 205 -6.65 25.98 39.81
C LYS D 205 -6.98 26.72 38.52
N TRP D 206 -8.02 26.26 37.82
CA TRP D 206 -8.45 26.88 36.54
C TRP D 206 -9.05 28.27 36.79
N ASN D 207 -9.87 28.41 37.84
CA ASN D 207 -10.50 29.70 38.10
C ASN D 207 -9.46 30.77 38.39
N ASN D 208 -8.45 30.44 39.21
CA ASN D 208 -7.40 31.41 39.52
C ASN D 208 -6.51 31.67 38.31
N THR D 209 -6.27 30.65 37.48
CA THR D 209 -5.43 30.84 36.30
C THR D 209 -6.10 31.79 35.32
N LEU D 210 -7.36 31.55 34.96
CA LEU D 210 -8.07 32.45 34.07
C LEU D 210 -8.35 33.79 34.71
N GLN D 211 -8.36 33.86 36.04
CA GLN D 211 -8.45 35.16 36.71
C GLN D 211 -7.22 36.01 36.42
N LYS D 212 -6.03 35.45 36.65
CA LYS D 212 -4.79 36.19 36.39
C LYS D 212 -4.56 36.40 34.91
N VAL D 213 -4.98 35.44 34.06
CA VAL D 213 -4.89 35.63 32.62
C VAL D 213 -5.81 36.76 32.18
N GLY D 214 -7.01 36.82 32.75
CA GLY D 214 -7.91 37.92 32.45
C GLY D 214 -7.34 39.27 32.86
N GLU D 215 -6.59 39.29 33.97
CA GLU D 215 -5.92 40.51 34.41
C GLU D 215 -4.89 40.96 33.39
N GLU D 216 -3.98 40.03 33.03
CA GLU D 216 -2.90 40.31 32.06
C GLU D 216 -3.53 40.78 30.74
N LEU D 217 -4.56 40.07 30.27
CA LEU D 217 -5.28 40.44 29.03
C LEU D 217 -5.97 41.80 29.23
N ALA D 218 -6.50 42.03 30.44
CA ALA D 218 -7.21 43.28 30.77
C ALA D 218 -6.30 44.49 30.61
N LYS D 219 -5.01 44.37 30.95
CA LYS D 219 -4.11 45.54 30.79
C LYS D 219 -4.03 45.91 29.31
N HIS D 220 -3.86 44.91 28.43
CA HIS D 220 -3.74 45.15 26.96
C HIS D 220 -5.06 45.68 26.38
N PHE D 221 -6.17 45.37 27.04
CA PHE D 221 -7.52 45.88 26.68
C PHE D 221 -8.09 46.41 27.99
N PRO D 222 -7.55 47.54 28.49
CA PRO D 222 -7.85 48.06 29.83
C PRO D 222 -9.23 48.61 30.23
N SER D 223 -13.44 49.85 29.30
CA SER D 223 -14.69 49.74 28.49
C SER D 223 -14.70 48.44 27.66
N LYS D 224 -14.02 47.39 28.13
CA LYS D 224 -13.94 46.09 27.43
C LYS D 224 -14.08 44.97 28.46
N THR D 225 -15.00 44.04 28.22
CA THR D 225 -15.21 42.89 29.13
C THR D 225 -14.53 41.69 28.49
N ILE D 226 -13.65 41.02 29.23
CA ILE D 226 -12.89 39.86 28.68
C ILE D 226 -13.71 38.57 28.84
N LYS D 227 -14.16 38.03 27.71
CA LYS D 227 -14.94 36.80 27.61
C LYS D 227 -14.07 35.66 27.10
N PHE D 228 -14.24 34.49 27.70
CA PHE D 228 -13.66 33.25 27.20
C PHE D 228 -14.78 32.37 26.69
N GLU D 229 -14.67 31.92 25.45
CA GLU D 229 -15.71 31.14 24.79
C GLU D 229 -15.06 30.08 23.92
N PRO D 230 -15.77 28.98 23.62
CA PRO D 230 -15.19 27.91 22.80
C PRO D 230 -14.83 28.35 21.39
N SER D 231 -14.21 27.45 20.63
CA SER D 231 -13.78 27.76 19.28
C SER D 231 -14.98 27.85 18.34
N SER D 232 -14.86 28.72 17.32
CA SER D 232 -15.98 28.96 16.42
C SER D 232 -16.22 27.77 15.50
N GLY D 233 -15.16 27.21 14.92
CA GLY D 233 -15.32 26.08 14.04
C GLY D 233 -14.06 25.80 13.26
N GLY D 234 -14.14 24.79 12.41
CA GLY D 234 -13.04 24.32 11.58
C GLY D 234 -12.87 22.83 11.75
N ASP D 235 -11.66 22.36 11.48
CA ASP D 235 -11.34 20.95 11.66
C ASP D 235 -11.38 20.59 13.14
N LEU D 236 -11.73 19.32 13.41
CA LEU D 236 -11.82 18.85 14.79
C LEU D 236 -10.50 18.98 15.54
N GLU D 237 -9.38 18.99 14.81
CA GLU D 237 -8.08 19.11 15.45
C GLU D 237 -7.91 20.42 16.19
N ILE D 238 -8.59 21.48 15.74
CA ILE D 238 -8.48 22.78 16.37
C ILE D 238 -9.75 23.19 17.12
N THR D 239 -10.91 22.61 16.79
CA THR D 239 -12.12 22.91 17.55
C THR D 239 -12.11 22.23 18.92
N THR D 240 -11.24 21.24 19.12
CA THR D 240 -11.07 20.56 20.39
C THR D 240 -9.62 20.65 20.83
N HIS D 241 -9.38 20.30 22.09
CA HIS D 241 -8.02 20.14 22.60
C HIS D 241 -7.51 18.79 22.11
N SER D 242 -6.87 18.79 20.95
CA SER D 242 -6.35 17.57 20.34
C SER D 242 -4.88 17.41 20.70
N PHE D 243 -4.48 16.18 20.97
CA PHE D 243 -3.10 15.86 21.33
C PHE D 243 -2.89 14.37 21.13
N ASN D 244 -1.69 13.91 21.45
CA ASN D 244 -1.31 12.51 21.30
C ASN D 244 -0.88 11.96 22.65
N CYS D 245 -1.51 10.88 23.09
CA CYS D 245 -1.22 10.24 24.37
C CYS D 245 -0.86 8.78 24.12
N ARG D 246 0.40 8.43 24.33
CA ARG D 246 0.89 7.05 24.19
C ARG D 246 0.61 6.51 22.78
N GLY D 247 0.71 7.36 21.78
CA GLY D 247 0.47 6.98 20.41
C GLY D 247 -0.94 7.18 19.91
N GLU D 248 -1.91 7.30 20.81
CA GLU D 248 -3.31 7.48 20.43
C GLU D 248 -3.63 8.96 20.33
N PHE D 249 -4.49 9.31 19.37
CA PHE D 249 -4.87 10.69 19.11
C PHE D 249 -6.15 11.01 19.88
N PHE D 250 -6.04 11.92 20.84
CA PHE D 250 -7.17 12.34 21.66
C PHE D 250 -7.75 13.65 21.11
N TYR D 251 -9.08 13.73 21.10
CA TYR D 251 -9.80 14.95 20.71
C TYR D 251 -10.76 15.28 21.84
N CYS D 252 -10.42 16.30 22.63
CA CYS D 252 -11.11 16.59 23.88
C CYS D 252 -11.89 17.88 23.78
N ASN D 253 -13.18 17.81 24.07
CA ASN D 253 -14.07 18.96 24.01
C ASN D 253 -13.73 19.94 25.13
N THR D 254 -13.57 21.22 24.78
CA THR D 254 -13.22 22.26 25.72
C THR D 254 -14.32 23.31 25.88
N SER D 255 -15.58 22.94 25.57
CA SER D 255 -16.67 23.89 25.72
C SER D 255 -16.95 24.25 27.17
N ASP D 256 -16.57 23.38 28.11
CA ASP D 256 -16.72 23.66 29.54
C ASP D 256 -15.47 24.26 30.15
N LEU D 257 -14.38 24.39 29.38
CA LEU D 257 -13.12 24.92 29.89
C LEU D 257 -12.91 26.38 29.53
N PHE D 258 -13.10 26.74 28.26
CA PHE D 258 -13.01 28.13 27.80
C PHE D 258 -14.42 28.70 27.83
N ASN D 259 -14.81 29.23 28.98
CA ASN D 259 -16.20 29.60 29.22
C ASN D 259 -16.28 30.41 30.52
N GLY D 260 -15.97 31.69 30.45
CA GLY D 260 -16.02 32.55 31.63
C GLY D 260 -15.97 34.00 31.23
N THR D 261 -16.01 34.86 32.24
CA THR D 261 -16.03 36.31 32.02
C THR D 261 -15.20 37.00 33.10
N TYR D 262 -14.31 37.90 32.65
CA TYR D 262 -13.51 38.73 33.57
C TYR D 262 -14.03 40.17 33.48
N ARG D 263 -14.93 40.56 34.40
CA ARG D 263 -15.54 41.91 34.35
C ARG D 263 -15.27 42.67 35.66
N ASN D 264 -14.79 43.91 35.55
CA ASN D 264 -14.50 44.83 36.68
C ASN D 264 -13.44 44.26 37.63
N GLY D 265 -12.49 43.47 37.10
CA GLY D 265 -11.40 42.91 37.90
C GLY D 265 -11.80 41.68 38.72
N THR D 266 -13.03 41.19 38.54
CA THR D 266 -13.57 40.02 39.28
C THR D 266 -14.91 39.60 38.67
N TYR D 267 -12.88 37.22 37.81
CA TYR D 267 -13.24 36.19 36.85
C TYR D 267 -14.28 35.27 37.47
N ASN D 268 -15.33 34.99 36.69
CA ASN D 268 -16.45 34.09 37.09
C ASN D 268 -16.56 33.00 36.03
N HIS D 269 -16.39 31.73 36.41
CA HIS D 269 -16.46 30.64 35.45
C HIS D 269 -17.91 30.25 35.21
N THR D 270 -18.27 30.09 33.93
CA THR D 270 -19.62 29.68 33.55
C THR D 270 -19.67 28.27 32.98
N GLY D 271 -18.53 27.58 32.90
CA GLY D 271 -18.55 26.20 32.46
C GLY D 271 -19.03 25.25 33.54
N ARG D 272 -19.49 24.07 33.10
CA ARG D 272 -20.06 23.03 33.99
C ARG D 272 -18.96 22.39 34.83
N SER D 273 -19.21 22.22 36.13
CA SER D 273 -18.25 21.59 37.06
C SER D 273 -18.99 20.57 37.92
N SER D 274 -18.23 19.72 38.62
CA SER D 274 -18.79 18.72 39.51
C SER D 274 -17.77 18.40 40.60
N ASN D 275 -18.15 18.65 41.86
CA ASN D 275 -17.29 18.38 43.01
C ASN D 275 -15.91 19.06 42.87
N GLY D 276 -15.89 20.22 42.22
CA GLY D 276 -14.67 20.98 42.09
C GLY D 276 -13.77 20.60 40.94
N THR D 277 -14.23 19.72 40.04
CA THR D 277 -13.43 19.30 38.89
C THR D 277 -14.22 19.51 37.61
N ILE D 278 -13.54 20.01 36.58
CA ILE D 278 -14.12 20.18 35.26
C ILE D 278 -13.77 18.96 34.42
N THR D 279 -14.77 18.40 33.74
CA THR D 279 -14.59 17.19 32.94
C THR D 279 -14.75 17.52 31.46
N LEU D 280 -13.81 17.04 30.65
CA LEU D 280 -13.83 17.21 29.21
C LEU D 280 -14.07 15.85 28.56
N GLN D 281 -15.10 15.76 27.71
CA GLN D 281 -15.37 14.52 27.01
C GLN D 281 -14.47 14.40 25.79
N CYS D 282 -13.78 13.27 25.67
CA CYS D 282 -12.78 13.08 24.63
C CYS D 282 -13.17 11.93 23.71
N LYS D 283 -12.63 11.97 22.50
CA LYS D 283 -12.85 10.93 21.49
C LYS D 283 -11.53 10.57 20.86
N ILE D 284 -11.18 9.28 20.90
CA ILE D 284 -9.96 8.78 20.27
C ILE D 284 -10.27 8.51 18.81
N LYS D 285 -9.55 9.19 17.92
CA LYS D 285 -9.80 9.12 16.49
C LYS D 285 -8.73 8.33 15.77
N GLN D 286 -9.12 7.77 14.63
CA GLN D 286 -8.19 7.07 13.74
C GLN D 286 -7.89 7.85 12.46
N ILE D 287 -8.86 8.61 11.96
CA ILE D 287 -8.64 9.48 10.80
C ILE D 287 -8.22 10.85 11.32
N ILE D 288 -7.06 11.31 10.89
CA ILE D 288 -6.44 12.53 11.42
C ILE D 288 -6.19 13.50 10.28
N ASN D 289 -6.52 14.77 10.51
CA ASN D 289 -6.08 15.86 9.64
C ASN D 289 -4.67 16.24 10.05
N MET D 290 -3.70 15.98 9.18
CA MET D 290 -2.30 16.10 9.56
C MET D 290 -1.89 17.55 9.75
N TRP D 291 -0.94 17.76 10.67
CA TRP D 291 -0.32 19.06 10.88
C TRP D 291 0.99 19.22 10.12
N GLN D 292 1.65 18.12 9.76
CA GLN D 292 2.90 18.20 9.01
C GLN D 292 2.67 18.79 7.64
N GLU D 293 1.64 18.34 6.94
CA GLU D 293 1.28 18.84 5.62
C GLU D 293 -0.24 18.80 5.51
N VAL D 294 -0.76 19.13 4.33
CA VAL D 294 -2.19 19.15 4.08
C VAL D 294 -2.57 17.75 3.58
N GLY D 295 -3.14 16.95 4.46
CA GLY D 295 -3.54 15.60 4.09
C GLY D 295 -4.20 14.92 5.26
N ARG D 296 -4.50 13.63 5.08
CA ARG D 296 -5.15 12.83 6.10
C ARG D 296 -4.39 11.55 6.34
N ALA D 297 -4.46 11.04 7.57
CA ALA D 297 -3.81 9.81 7.97
C ALA D 297 -4.81 8.94 8.72
N ILE D 298 -4.75 7.64 8.47
CA ILE D 298 -5.62 6.67 9.13
C ILE D 298 -4.75 5.74 9.97
N TYR D 299 -4.99 5.72 11.26
CA TYR D 299 -4.25 4.89 12.19
C TYR D 299 -5.09 3.70 12.64
N ALA D 300 -4.45 2.80 13.38
CA ALA D 300 -5.10 1.60 13.86
C ALA D 300 -6.03 1.90 15.04
N PRO D 301 -7.01 1.03 15.29
CA PRO D 301 -7.85 1.17 16.48
C PRO D 301 -7.02 1.20 17.75
N PRO D 302 -7.51 1.83 18.82
CA PRO D 302 -6.68 2.03 20.01
C PRO D 302 -6.31 0.72 20.69
N ILE D 303 -5.25 0.80 21.49
CA ILE D 303 -4.77 -0.34 22.27
C ILE D 303 -5.73 -0.61 23.41
N GLU D 304 -5.54 -1.72 24.11
CA GLU D 304 -6.33 -2.06 25.28
C GLU D 304 -5.62 -1.62 26.55
N GLY D 305 -6.39 -1.56 27.64
CA GLY D 305 -5.89 -1.10 28.92
C GLY D 305 -6.20 0.36 29.17
N GLU D 306 -5.89 0.80 30.37
CA GLU D 306 -6.12 2.18 30.78
C GLU D 306 -5.08 3.08 30.13
N ILE D 307 -5.51 3.95 29.22
CA ILE D 307 -4.63 4.87 28.51
C ILE D 307 -4.76 6.23 29.16
N THR D 308 -3.74 6.65 29.89
CA THR D 308 -3.78 7.92 30.60
C THR D 308 -2.50 8.71 30.36
N CYS D 309 -2.64 10.03 30.41
CA CYS D 309 -1.50 10.95 30.34
C CYS D 309 -1.70 12.03 31.38
N ASN D 310 -0.74 12.18 32.28
CA ASN D 310 -0.78 13.18 33.34
C ASN D 310 0.07 14.35 32.88
N SER D 311 -0.57 15.35 32.27
CA SER D 311 0.11 16.45 31.62
C SER D 311 -0.03 17.73 32.44
N ASN D 312 0.87 18.67 32.18
CA ASN D 312 0.89 19.97 32.84
C ASN D 312 0.60 21.06 31.82
N ILE D 313 -0.53 21.76 32.00
CA ILE D 313 -0.83 22.90 31.14
C ILE D 313 0.13 24.03 31.48
N THR D 314 0.97 24.41 30.53
CA THR D 314 1.95 25.46 30.73
C THR D 314 1.73 26.66 29.83
N GLY D 315 0.71 26.63 28.96
CA GLY D 315 0.47 27.74 28.06
C GLY D 315 -0.88 27.59 27.39
N LEU D 316 -1.29 28.66 26.72
CA LEU D 316 -2.57 28.73 26.03
C LEU D 316 -2.38 29.32 24.64
N LEU D 317 -3.13 28.78 23.68
CA LEU D 317 -3.16 29.29 22.31
C LEU D 317 -4.55 29.89 22.08
N LEU D 318 -4.61 31.22 22.00
CA LEU D 318 -5.88 31.93 21.94
C LEU D 318 -5.98 32.74 20.64
N LEU D 319 -7.21 33.09 20.30
CA LEU D 319 -7.51 33.95 19.16
C LEU D 319 -8.61 34.93 19.55
N ARG D 320 -8.46 36.18 19.14
CA ARG D 320 -9.43 37.22 19.43
C ARG D 320 -10.38 37.40 18.24
N ASP D 321 -11.63 37.71 18.55
CA ASP D 321 -12.65 37.90 17.51
C ASP D 321 -12.40 39.19 16.74
N ASP D 328 -17.21 47.40 22.81
CA ASP D 328 -18.01 46.97 23.94
C ASP D 328 -17.26 45.94 24.78
N THR D 329 -16.92 44.82 24.16
CA THR D 329 -16.20 43.76 24.84
C THR D 329 -15.55 42.86 23.80
N GLU D 330 -14.39 42.30 24.17
CA GLU D 330 -13.63 41.41 23.32
C GLU D 330 -13.77 39.97 23.81
N THR D 331 -13.69 39.02 22.88
CA THR D 331 -13.85 37.61 23.18
C THR D 331 -12.62 36.84 22.71
N PHE D 332 -12.14 35.94 23.56
CA PHE D 332 -10.97 35.12 23.28
C PHE D 332 -11.38 33.66 23.21
N ARG D 333 -10.92 32.97 22.18
CA ARG D 333 -11.27 31.58 21.92
C ARG D 333 -10.00 30.75 21.76
N PRO D 334 -10.06 29.45 22.07
CA PRO D 334 -8.88 28.60 21.88
C PRO D 334 -8.60 28.38 20.40
N GLY D 335 -7.32 28.37 20.05
CA GLY D 335 -6.88 28.19 18.69
C GLY D 335 -5.79 27.14 18.59
N GLY D 336 -4.91 27.33 17.61
CA GLY D 336 -3.82 26.42 17.35
C GLY D 336 -3.92 25.81 15.97
N GLY D 337 -3.12 24.77 15.75
CA GLY D 337 -3.07 24.12 14.46
C GLY D 337 -1.70 24.21 13.81
N ASP D 338 -1.12 25.42 13.84
CA ASP D 338 0.23 25.64 13.35
C ASP D 338 1.19 25.27 14.47
N MET D 339 1.77 24.07 14.38
CA MET D 339 2.66 23.58 15.42
C MET D 339 3.94 24.41 15.54
N ARG D 340 4.13 25.35 14.63
CA ARG D 340 5.29 26.26 14.70
C ARG D 340 5.14 27.08 15.99
N ASP D 341 3.90 27.48 16.30
CA ASP D 341 3.65 28.25 17.53
C ASP D 341 3.97 27.44 18.77
N ASN D 342 3.73 26.12 18.72
CA ASN D 342 4.10 25.26 19.85
C ASN D 342 5.60 25.32 20.12
N TRP D 343 6.41 25.40 19.06
CA TRP D 343 7.85 25.54 19.25
C TRP D 343 8.22 26.98 19.60
N ARG D 344 7.43 27.95 19.16
CA ARG D 344 7.70 29.35 19.50
C ARG D 344 7.53 29.61 21.00
N SER D 345 6.59 28.91 21.65
CA SER D 345 6.36 29.12 23.07
C SER D 345 7.57 28.71 23.91
N GLU D 346 8.51 27.95 23.33
CA GLU D 346 9.72 27.55 24.03
C GLU D 346 10.99 28.17 23.45
N LEU D 347 10.94 28.70 22.23
CA LEU D 347 12.12 29.25 21.58
C LEU D 347 12.10 30.77 21.49
N TYR D 348 11.32 31.43 22.35
CA TYR D 348 11.29 32.89 22.35
C TYR D 348 12.56 33.48 22.93
N LYS D 349 13.18 32.78 23.89
CA LYS D 349 14.41 33.27 24.50
C LYS D 349 15.57 33.25 23.52
N TYR D 350 15.53 32.39 22.52
CA TYR D 350 16.71 32.01 21.76
C TYR D 350 16.74 32.69 20.39
N LYS D 351 17.95 33.07 19.98
CA LYS D 351 18.23 33.62 18.66
C LYS D 351 19.67 33.25 18.32
N VAL D 352 19.86 32.76 17.10
CA VAL D 352 21.19 32.28 16.61
C VAL D 352 21.93 33.46 15.97
N VAL D 353 23.19 33.64 16.35
CA VAL D 353 24.04 34.75 15.83
C VAL D 353 25.38 34.16 15.39
N GLU D 354 26.09 34.84 14.48
CA GLU D 354 27.40 34.34 13.97
C GLU D 354 28.53 35.03 14.75
C1 NAG E . 6.81 -49.47 -10.83
C2 NAG E . 7.33 -49.12 -12.23
C3 NAG E . 6.24 -49.32 -13.26
C4 NAG E . 5.64 -50.70 -13.10
C5 NAG E . 5.14 -50.87 -11.69
C6 NAG E . 4.45 -52.22 -11.52
C7 NAG E . 9.10 -47.47 -12.23
C8 NAG E . 9.45 -46.02 -12.43
N2 NAG E . 7.81 -47.76 -12.28
O3 NAG E . 6.79 -49.18 -14.57
O4 NAG E . 4.56 -50.85 -14.04
O5 NAG E . 6.23 -50.76 -10.77
O6 NAG E . 5.24 -53.23 -12.15
O7 NAG E . 9.94 -48.33 -12.02
C1 NAG F . 14.97 -30.99 10.31
C2 NAG F . 14.77 -29.47 10.23
C3 NAG F . 15.83 -28.75 11.05
C4 NAG F . 15.85 -29.30 12.48
C5 NAG F . 16.02 -30.81 12.47
C6 NAG F . 15.93 -31.43 13.85
C7 NAG F . 13.80 -28.33 8.28
C8 NAG F . 14.00 -27.94 6.85
N2 NAG F . 14.80 -29.03 8.85
O3 NAG F . 15.55 -27.36 11.06
O4 NAG F . 16.93 -28.71 13.20
O5 NAG F . 14.98 -31.41 11.68
O6 NAG F . 14.58 -31.63 14.23
O7 NAG F . 12.78 -28.04 8.90
C1 NAG G . 3.99 -42.25 -20.72
C2 NAG G . 2.59 -42.18 -21.31
C3 NAG G . 2.54 -43.05 -22.54
C4 NAG G . 3.55 -42.51 -23.56
C5 NAG G . 4.91 -42.17 -22.96
C6 NAG G . 5.60 -41.17 -23.88
C7 NAG G . 1.43 -43.76 -19.83
C8 NAG G . 2.65 -44.63 -19.89
N2 NAG G . 1.54 -42.54 -20.37
O3 NAG G . 1.23 -43.02 -23.10
O4 NAG G . 3.74 -43.49 -24.58
O5 NAG G . 4.83 -41.59 -21.65
O6 NAG G . 6.65 -40.47 -23.20
O7 NAG G . 0.39 -44.14 -19.32
C1 NAG H . 21.24 -48.74 -0.26
C2 NAG H . 22.18 -49.80 0.31
C3 NAG H . 23.28 -50.16 -0.66
C4 NAG H . 22.70 -50.49 -2.02
C5 NAG H . 21.85 -49.33 -2.51
C6 NAG H . 21.24 -49.66 -3.86
C7 NAG H . 22.40 -49.75 2.72
C8 NAG H . 21.33 -50.81 2.69
N2 NAG H . 22.79 -49.32 1.53
O3 NAG H . 23.97 -51.31 -0.17
O4 NAG H . 23.78 -50.69 -2.95
O5 NAG H . 20.80 -49.10 -1.58
O6 NAG H . 20.28 -48.66 -4.19
O7 NAG H . 22.85 -49.32 3.76
C1 NAG I . 25.11 -20.99 -8.83
C2 NAG I . 24.38 -19.93 -9.68
C3 NAG I . 25.00 -19.84 -11.07
C4 NAG I . 26.51 -19.64 -10.98
C5 NAG I . 27.13 -20.73 -10.11
C6 NAG I . 28.61 -20.53 -9.88
C7 NAG I . 22.03 -19.56 -9.09
C8 NAG I . 20.61 -20.01 -9.30
N2 NAG I . 22.96 -20.23 -9.76
O3 NAG I . 24.41 -18.76 -11.78
O4 NAG I . 27.09 -19.68 -12.28
O5 NAG I . 26.52 -20.72 -8.82
O6 NAG I . 28.95 -20.70 -8.51
O7 NAG I . 22.31 -18.63 -8.33
C1 NAG J . 30.52 -28.17 -11.90
C2 NAG J . 29.89 -27.33 -13.01
C3 NAG J . 30.98 -26.49 -13.70
C4 NAG J . 31.72 -25.65 -12.67
C5 NAG J . 32.30 -26.55 -11.58
C6 NAG J . 32.96 -25.79 -10.47
C7 NAG J . 28.05 -27.84 -14.56
C8 NAG J . 27.45 -26.53 -14.15
N2 NAG J . 29.21 -28.17 -13.98
O3 NAG J . 30.39 -25.64 -14.68
O4 NAG J . 32.79 -24.95 -13.30
O5 NAG J . 31.24 -27.32 -10.99
O6 NAG J . 34.02 -26.54 -9.89
O7 NAG J . 27.50 -28.58 -15.37
C10 7IW K . 7.31 -25.46 -10.82
C13 7IW K . 5.23 -22.97 -8.60
C15 7IW K . 6.81 -22.11 -6.76
C17 7IW K . 7.45 -22.38 -5.35
C20 7IW K . 8.95 -21.71 -3.46
C21 7IW K . 9.55 -22.94 -3.20
C22 7IW K . 10.08 -23.21 -1.95
C24 7IW K . 10.01 -22.25 -0.94
C26 7IW K . 9.41 -21.02 -1.18
N 7IW K . 6.41 -28.71 -11.56
C 7IW K . 6.84 -29.64 -12.61
C00 7IW K . 6.51 -27.49 -12.17
C02 7IW K . 4.29 -19.76 -8.71
C04 7IW K . 2.90 -21.94 -8.77
C05 7IW K . 3.77 -23.21 -8.40
C06 7IW K . 3.41 -24.36 -9.19
C07 7IW K . 4.69 -24.89 -9.92
C08 7IW K . 4.93 -25.99 -10.78
C09 7IW K . 6.24 -26.28 -11.24
C11 7IW K . 7.08 -24.36 -9.97
C12 7IW K . 5.77 -24.06 -9.52
C27 7IW K . 8.87 -20.75 -2.44
C31 7IW K . 2.70 -25.48 -8.32
C32 7IW K . 1.30 -25.23 -7.90
C33 7IW K . 0.62 -26.02 -7.21
C34 7IW K . -0.74 -25.61 -6.79
F23 7IW K . 10.68 -24.41 -1.69
N01 7IW K . 4.68 -19.98 -9.92
N03 7IW K . 3.37 -20.74 -8.05
N14 7IW K . 5.87 -23.12 -7.31
N19 7IW K . 8.39 -21.42 -4.76
N28 7IW K . 4.69 -18.75 -8.10
O16 7IW K . 7.07 -21.14 -7.36
O18 7IW K . 7.18 -23.36 -4.76
O31 7IW K . 1.14 -26.68 -6.25
O32 7IW K . -0.95 -25.86 -5.26
CL25 7IW K . 10.69 -22.61 0.68
C10 7IT L . 7.36 -25.81 -10.89
C13 7IT L . 5.49 -23.19 -8.62
C15 7IT L . 6.98 -22.36 -6.71
C17 7IT L . 7.53 -22.61 -5.25
C20 7IT L . 8.93 -21.90 -3.29
C21 7IT L . 9.47 -23.13 -2.92
C22 7IT L . 9.91 -23.33 -1.61
C24 7IT L . 9.82 -22.31 -0.68
C26 7IT L . 9.29 -21.08 -1.04
N 7IT L . 6.19 -29.11 -11.34
C 7IT L . 6.44 -30.27 -12.20
C00 7IT L . 6.42 -27.89 -12.09
C02 7IT L . 4.38 -19.80 -8.80
C04 7IT L . 3.24 -22.11 -9.13
C05 7IT L . 4.00 -23.31 -8.46
C06 7IT L . 3.59 -24.57 -9.10
C07 7IT L . 4.84 -25.17 -9.82
C08 7IT L . 4.99 -26.31 -10.65
C09 7IT L . 6.26 -26.63 -11.18
C11 7IT L . 7.22 -24.67 -10.07
C12 7IT L . 5.95 -24.34 -9.53
C27 7IT L . 8.83 -20.88 -2.36
C31 7IT L . 2.95 -25.55 -8.11
C32 7IT L . 1.39 -25.50 -8.11
C33 7IT L . 0.83 -26.12 -7.01
C34 7IT L . -0.60 -25.53 -6.66
F23 7IT L . 10.44 -24.53 -1.25
N01 7IT L . 5.04 -19.97 -9.88
N03 7IT L . 3.42 -20.85 -8.35
N14 7IT L . 6.06 -23.36 -7.30
N19 7IT L . 8.45 -21.65 -4.64
N28 7IT L . 4.51 -18.76 -8.14
O16 7IT L . 7.31 -21.40 -7.31
O18 7IT L . 7.20 -23.58 -4.65
O31 7IT L . 0.67 -27.32 -7.31
O32 7IT L . -1.04 -26.05 -5.30
CL25 7IT L . 10.39 -22.56 1.00
C1 NAG M . -49.44 -6.59 8.57
C2 NAG M . -49.27 -6.07 9.99
C3 NAG M . -49.36 -7.22 10.99
C4 NAG M . -50.67 -7.96 10.76
C5 NAG M . -50.81 -8.37 9.30
C6 NAG M . -52.15 -9.05 9.05
C7 NAG M . -47.95 -4.04 10.23
C8 NAG M . -46.64 -3.47 10.67
N2 NAG M . -48.02 -5.37 10.17
O3 NAG M . -49.31 -6.71 12.32
O4 NAG M . -50.69 -9.13 11.58
O5 NAG M . -50.70 -7.24 8.44
O6 NAG M . -52.20 -9.50 7.69
O7 NAG M . -48.90 -3.34 9.94
C1 NAG N . -31.98 6.95 -10.99
C2 NAG N . -30.48 7.22 -10.80
C3 NAG N . -30.05 8.41 -11.65
C4 NAG N . -30.46 8.22 -13.11
C5 NAG N . -31.96 7.92 -13.19
C6 NAG N . -32.41 7.60 -14.60
C7 NAG N . -29.23 6.75 -8.75
C8 NAG N . -29.03 7.12 -7.31
N2 NAG N . -30.16 7.44 -9.40
O3 NAG N . -28.64 8.58 -11.56
O4 NAG N . -30.18 9.39 -13.85
O5 NAG N . -32.26 6.77 -12.39
O6 NAG N . -31.79 6.41 -15.09
O7 NAG N . -28.57 5.86 -9.30
C1 NAG O . -42.58 -7.02 19.11
C2 NAG O . -43.08 -8.45 19.28
C3 NAG O . -44.18 -8.53 20.33
C4 NAG O . -43.71 -7.87 21.62
C5 NAG O . -43.14 -6.48 21.36
C6 NAG O . -42.54 -5.84 22.58
C7 NAG O . -44.44 -8.75 17.14
C8 NAG O . -45.27 -7.53 17.46
N2 NAG O . -43.47 -9.10 18.02
O3 NAG O . -44.52 -9.89 20.58
O4 NAG O . -44.80 -7.76 22.53
O5 NAG O . -42.11 -6.53 20.37
O6 NAG O . -41.11 -5.86 22.53
O7 NAG O . -44.63 -9.39 16.12
C1 NAG P . -51.39 7.89 -1.93
C2 NAG P . -52.56 8.41 -2.76
C3 NAG P . -53.31 9.50 -2.00
C4 NAG P . -53.74 8.99 -0.63
C5 NAG P . -52.54 8.44 0.13
C6 NAG P . -52.91 7.81 1.45
C7 NAG P . -52.33 8.31 -5.21
C8 NAG P . -53.13 7.04 -5.13
N2 NAG P . -52.09 8.92 -4.04
O3 NAG P . -54.45 9.91 -2.75
O4 NAG P . -54.35 10.03 0.13
O5 NAG P . -51.89 7.42 -0.65
O6 NAG P . -51.75 7.48 2.22
O7 NAG P . -51.92 8.76 -6.27
C1 NAG Q . -26.40 18.66 8.95
C2 NAG Q . -25.31 18.19 9.89
C3 NAG Q . -25.53 18.75 11.29
C4 NAG Q . -25.67 20.27 11.25
C5 NAG Q . -26.77 20.65 10.25
C6 NAG Q . -26.88 22.15 10.05
C7 NAG Q . -24.11 16.05 9.63
C8 NAG Q . -24.22 14.57 9.74
N2 NAG Q . -25.23 16.74 9.94
O3 NAG Q . -24.44 18.39 12.13
O4 NAG Q . -26.01 20.77 12.54
O5 NAG Q . -26.49 20.10 8.97
O6 NAG Q . -26.39 22.53 8.78
O7 NAG Q . -23.08 16.62 9.29
C1 NAG R . -35.01 22.23 11.57
C2 NAG R . -34.26 21.83 12.84
C3 NAG R . -33.93 23.07 13.67
C4 NAG R . -33.16 24.09 12.82
C5 NAG R . -33.94 24.40 11.55
C6 NAG R . -33.17 25.28 10.59
C7 NAG R . -34.52 19.83 14.26
C8 NAG R . -33.03 19.65 14.11
N2 NAG R . -35.05 20.89 13.63
O3 NAG R . -33.15 22.72 14.81
O4 NAG R . -32.95 25.29 13.55
O5 NAG R . -34.23 23.18 10.83
O6 NAG R . -32.35 24.52 9.72
O7 NAG R . -35.20 19.06 14.93
C1 NAG S . -45.58 23.48 1.61
C2 NAG S . -46.31 24.33 2.63
C3 NAG S . -46.86 25.60 2.00
C4 NAG S . -45.75 26.33 1.26
C5 NAG S . -45.11 25.39 0.26
C6 NAG S . -43.97 26.10 -0.48
C7 NAG S . -47.21 22.89 4.35
C8 NAG S . -48.40 22.11 4.84
N2 NAG S . -47.39 23.57 3.22
O3 NAG S . -47.40 26.45 3.01
O4 NAG S . -46.29 27.47 0.59
O5 NAG S . -44.60 24.23 0.91
O6 NAG S . -43.53 25.28 -1.57
O7 NAG S . -46.15 22.87 4.94
C10 7IW T . -26.10 0.56 10.84
C13 7IW T . -22.97 -0.77 8.85
C15 7IW T . -22.42 1.01 7.08
C17 7IW T . -22.72 1.58 5.64
C20 7IW T . -22.32 3.22 3.80
C21 7IW T . -23.64 3.48 3.44
C22 7IW T . -23.94 3.94 2.16
C24 7IW T . -22.91 4.13 1.23
C26 7IW T . -21.59 3.88 1.58
N 7IW T . -29.06 -1.18 11.29
C 7IW T . -30.15 -1.02 12.27
C00 7IW T . -27.96 -0.78 12.02
C02 7IW T . -19.66 -0.82 9.23
C04 7IW T . -21.39 -2.74 9.13
C05 7IW T . -22.81 -2.23 8.65
C06 7IW T . -23.89 -2.89 9.34
C07 7IW T . -24.80 -1.81 10.01
C08 7IW T . -25.99 -1.88 10.77
C09 7IW T . -26.65 -0.70 11.18
C11 7IW T . -24.91 0.63 10.08
C12 7IW T . -24.25 -0.55 9.67
C27 7IW T . -21.30 3.41 2.87
C31 7IW T . -24.71 -3.87 8.38
C32 7IW T . -24.06 -5.14 7.98
C33 7IW T . -24.58 -6.00 7.25
C34 7IW T . -23.80 -7.20 6.87
F23 7IW T . -25.23 4.20 1.80
N01 7IW T . -20.07 -0.52 10.42
N03 7IW T . -20.30 -1.96 8.50
N14 7IW T . -23.20 -0.17 7.54
N19 7IW T . -22.01 2.74 5.13
N28 7IW T . -18.75 -0.17 8.71
O16 7IW T . -21.61 1.51 7.76
O18 7IW T . -23.55 1.06 4.97
O31 7IW T . -25.27 -5.66 6.22
O32 7IW T . -23.86 -7.43 5.32
CL25 7IW T . -23.30 4.73 -0.40
C10 7IT U . -26.46 0.52 10.87
C13 7IT U . -23.27 -0.57 8.86
C15 7IT U . -22.69 1.11 7.00
C17 7IT U . -22.97 1.60 5.53
C20 7IT U . -22.49 3.17 3.62
C21 7IT U . -23.78 3.35 3.15
C22 7IT U . -23.98 3.75 1.82
C24 7IT U . -22.89 3.95 0.98
C26 7IT U . -21.60 3.75 1.45
N 7IT U . -29.37 -1.49 11.06
C 7IT U . -30.61 -1.57 11.82
C00 7IT U . -28.31 -0.95 11.91
C02 7IT U . -19.73 -0.76 9.33
C04 7IT U . -21.66 -2.47 9.47
C05 7IT U . -22.98 -2.04 8.70
C06 7IT U . -24.13 -2.78 9.23
C07 7IT U . -25.10 -1.74 9.88
C08 7IT U . -26.30 -1.91 10.61
C09 7IT U . -26.98 -0.77 11.10
C11 7IT U . -25.26 0.68 10.16
C12 7IT U . -24.57 -0.45 9.66
C27 7IT U . -21.40 3.36 2.77
C31 7IT U . -24.82 -3.64 8.17
C32 7IT U . -24.36 -5.13 8.18
C33 7IT U . -24.72 -5.82 7.04
C34 7IT U . -23.75 -7.04 6.74
F23 7IT U . -25.25 3.95 1.35
N01 7IT U . -20.16 -0.18 10.38
N03 7IT U . -20.44 -1.96 8.79
N14 7IT U . -23.47 -0.05 7.51
N19 7IT U . -22.24 2.74 4.98
N28 7IT U . -18.70 -0.34 8.75
O16 7IT U . -21.91 1.67 7.68
O18 7IT U . -23.75 1.04 4.86
O31 7IT U . -25.85 -6.29 7.24
O32 7IT U . -24.02 -7.58 5.35
CL25 7IT U . -23.14 4.46 -0.72
C1 NAG V . 38.03 17.96 -23.97
C2 NAG V . 39.12 16.99 -23.52
C3 NAG V . 40.05 17.68 -22.54
C4 NAG V . 40.61 18.94 -23.18
C5 NAG V . 39.49 19.82 -23.72
C6 NAG V . 40.06 21.01 -24.46
C7 NAG V . 38.52 14.64 -23.59
C8 NAG V . 38.15 13.43 -22.79
N2 NAG V . 38.56 15.79 -22.93
O3 NAG V . 41.12 16.79 -22.21
O4 NAG V . 41.35 19.67 -22.20
O5 NAG V . 38.62 19.09 -24.60
O6 NAG V . 38.98 21.86 -24.88
O7 NAG V . 38.74 14.58 -24.79
C1 NAG W . 11.66 6.01 -28.71
C2 NAG W . 10.95 5.24 -27.60
C3 NAG W . 9.89 4.32 -28.19
C4 NAG W . 8.95 5.08 -29.10
C5 NAG W . 9.75 5.82 -30.16
C6 NAG W . 8.89 6.70 -31.05
C7 NAG W . 11.87 4.48 -25.45
C8 NAG W . 12.92 3.65 -24.78
N2 NAG W . 11.90 4.49 -26.79
O3 NAG W . 9.16 3.69 -27.13
O4 NAG W . 8.04 4.18 -29.73
O5 NAG W . 10.70 6.69 -29.53
O6 NAG W . 8.98 8.07 -30.67
O7 NAG W . 11.04 5.13 -24.81
C1 NAG X . 42.59 12.11 -14.02
C2 NAG X . 43.02 13.02 -12.87
C3 NAG X . 44.52 12.92 -12.63
C4 NAG X . 44.94 11.47 -12.43
C5 NAG X . 44.43 10.61 -13.60
C6 NAG X . 44.68 9.14 -13.39
C7 NAG X . 42.88 15.31 -13.97
C8 NAG X . 43.82 14.89 -15.06
N2 NAG X . 42.57 14.41 -13.01
O3 NAG X . 44.88 13.69 -11.48
O4 NAG X . 46.35 11.35 -12.35
O5 NAG X . 43.01 10.76 -13.75
O6 NAG X . 43.80 8.59 -12.43
O7 NAG X . 42.41 16.44 -13.93
C1 NAG Y . 30.24 10.03 -38.50
C2 NAG Y . 30.31 10.38 -39.98
C3 NAG Y . 31.27 9.44 -40.70
C4 NAG Y . 32.63 9.45 -40.00
C5 NAG Y . 32.47 9.16 -38.52
C6 NAG Y . 33.76 9.28 -37.75
C7 NAG Y . 28.36 11.41 -41.07
C8 NAG Y . 29.09 12.72 -40.93
N2 NAG Y . 28.99 10.34 -40.60
O3 NAG Y . 31.42 9.85 -42.05
O4 NAG Y . 33.48 8.47 -40.59
O5 NAG Y . 31.55 10.08 -37.93
O6 NAG Y . 33.52 9.59 -36.38
O7 NAG Y . 27.25 11.34 -41.59
C1 NAG Z . 23.91 -13.19 -21.15
C2 NAG Z . 24.13 -13.50 -19.68
C3 NAG Z . 25.39 -14.35 -19.49
C4 NAG Z . 25.34 -15.59 -20.37
C5 NAG Z . 25.08 -15.18 -21.83
C6 NAG Z . 24.91 -16.37 -22.74
C7 NAG Z . 23.31 -11.96 -17.95
C8 NAG Z . 23.55 -10.65 -17.24
N2 NAG Z . 24.21 -12.29 -18.89
O3 NAG Z . 25.50 -14.73 -18.13
O4 NAG Z . 26.58 -16.29 -20.30
O5 NAG Z . 23.88 -14.41 -21.90
O6 NAG Z . 23.71 -16.26 -23.50
O7 NAG Z . 22.35 -12.67 -17.68
C1 NAG AA . 31.38 -13.43 -27.49
C2 NAG AA . 31.45 -13.88 -26.02
C3 NAG AA . 31.73 -15.38 -25.94
C4 NAG AA . 30.71 -16.17 -26.76
C5 NAG AA . 30.71 -15.66 -28.19
C6 NAG AA . 29.66 -16.32 -29.05
C7 NAG AA . 32.29 -12.67 -24.05
C8 NAG AA . 30.97 -12.97 -23.41
N2 NAG AA . 32.46 -13.14 -25.29
O3 NAG AA . 31.69 -15.81 -24.58
O4 NAG AA . 31.02 -17.55 -26.74
O5 NAG AA . 30.43 -14.25 -28.21
O6 NAG AA . 28.64 -15.39 -29.41
O7 NAG AA . 33.17 -12.05 -23.46
C10 7IW BA . 25.68 2.02 -11.10
C13 7IW BA . 22.33 2.62 -9.14
C15 7IW BA . 20.45 1.45 -10.45
C17 7IW BA . 19.43 1.54 -11.63
C20 7IW BA . 17.59 0.58 -13.03
C21 7IW BA . 18.06 0.97 -14.28
C22 7IW BA . 17.16 1.10 -15.34
C24 7IW BA . 15.79 0.87 -15.15
C26 7IW BA . 15.33 0.51 -13.89
N 7IW BA . 27.72 4.33 -12.44
C 7IW BA . 28.81 3.95 -13.34
C00 7IW BA . 27.78 3.50 -11.24
C02 7IW BA . 20.73 1.32 -6.52
C04 7IW BA . 21.76 3.67 -6.88
C05 7IW BA . 22.14 3.91 -8.39
C06 7IW BA . 23.42 4.64 -8.45
C07 7IW BA . 24.38 3.84 -9.39
C08 7IW BA . 25.69 4.12 -9.86
C09 7IW BA . 26.34 3.20 -10.72
C11 7IW BA . 24.37 1.74 -10.64
C12 7IW BA . 23.73 2.66 -9.77
C27 7IW BA . 16.23 0.36 -12.83
C31 7IW BA . 23.26 6.12 -8.83
C32 7IW BA . 22.75 6.98 -7.64
C33 7IW BA . 22.33 8.41 -8.06
C34 7IW BA . 20.88 8.66 -7.63
F23 7IW BA . 17.61 1.47 -16.58
N01 7IW BA . 21.90 0.82 -6.40
N03 7IW BA . 20.56 2.78 -6.76
N14 7IW BA . 21.36 2.61 -10.21
N19 7IW BA . 18.51 0.44 -11.92
N28 7IW BA . 19.73 0.59 -6.42
O16 7IW BA . 20.50 0.50 -9.76
O18 7IW BA . 19.40 2.51 -12.30
O31 7IW BA . 22.43 8.55 -9.42
O32 7IW BA . 20.71 10.04 -7.45
CL25 7IW BA . 14.67 1.06 -16.51
C10 7IT CA . 25.94 2.22 -10.83
C13 7IT CA . 22.43 2.56 -9.09
C15 7IT CA . 20.56 1.49 -10.50
C17 7IT CA . 19.53 1.66 -11.68
C20 7IT CA . 17.69 0.75 -13.12
C21 7IT CA . 18.09 1.26 -14.35
C22 7IT CA . 17.14 1.43 -15.37
C24 7IT CA . 15.80 1.09 -15.14
C26 7IT CA . 15.40 0.60 -13.91
N 7IT CA . 27.88 5.04 -11.71
C 7IT CA . 29.24 5.35 -12.16
C00 7IT CA . 27.91 3.88 -10.83
C02 7IT CA . 20.67 1.16 -6.30
C04 7IT CA . 22.00 3.34 -6.69
C05 7IT CA . 22.16 3.75 -8.21
C06 7IT CA . 23.30 4.66 -8.36
C07 7IT CA . 24.38 3.95 -9.23
C08 7IT CA . 25.69 4.33 -9.61
C09 7IT CA . 26.47 3.46 -10.42
C11 7IT CA . 24.63 1.85 -10.45
C12 7IT CA . 23.85 2.70 -9.64
C27 7IT CA . 16.35 0.43 -12.90
C31 7IT CA . 22.89 6.03 -8.93
C32 7IT CA . 22.66 7.12 -7.85
C33 7IT CA . 21.98 8.21 -8.32
C34 7IT CA . 21.20 8.98 -7.18
F23 7IT CA . 17.52 1.90 -16.59
N01 7IT CA . 21.76 0.48 -6.36
N03 7IT CA . 20.71 2.64 -6.47
N14 7IT CA . 21.46 2.62 -10.17
N19 7IT CA . 18.64 0.57 -12.04
N28 7IT CA . 19.59 0.57 -6.10
O16 7IT CA . 20.62 0.48 -9.90
O18 7IT CA . 19.49 2.67 -12.28
O31 7IT CA . 22.84 9.01 -8.76
O32 7IT CA . 20.25 10.01 -7.79
CL25 7IT CA . 14.60 1.32 -16.44
C1 NAG DA . 6.53 43.50 23.31
C2 NAG DA . 5.27 44.23 22.83
C3 NAG DA . 5.62 45.28 21.81
C4 NAG DA . 6.64 46.23 22.40
C5 NAG DA . 7.83 45.46 22.94
C6 NAG DA . 8.81 46.39 23.63
C7 NAG DA . 3.21 42.92 22.94
C8 NAG DA . 2.05 42.46 22.10
N2 NAG DA . 4.30 43.29 22.27
O3 NAG DA . 4.44 46.00 21.44
O4 NAG DA . 7.09 47.13 21.39
O5 NAG DA . 7.42 44.45 23.88
O6 NAG DA . 9.97 45.65 24.03
O7 NAG DA . 3.15 42.97 24.15
C1 NAG EA . 3.77 15.00 29.85
C2 NAG EA . 3.13 13.92 28.99
C3 NAG EA . 2.63 12.77 29.88
C4 NAG EA . 3.75 12.27 30.78
C5 NAG EA . 4.37 13.42 31.55
C6 NAG EA . 5.58 13.02 32.36
C7 NAG EA . 2.12 14.66 26.88
C8 NAG EA . 0.89 15.22 26.22
N2 NAG EA . 2.03 14.45 28.19
O3 NAG EA . 2.14 11.72 29.06
O4 NAG EA . 3.24 11.31 31.69
O5 NAG EA . 4.82 14.44 30.64
O6 NAG EA . 6.79 13.29 31.66
O7 NAG EA . 3.14 14.40 26.24
C1 NAG FA . -0.87 45.77 14.14
C2 NAG FA . 0.04 46.64 13.26
C3 NAG FA . -0.43 48.10 13.26
C4 NAG FA . -1.92 48.18 12.94
C5 NAG FA . -2.72 47.23 13.82
C6 NAG FA . -4.19 47.17 13.44
C7 NAG FA . 2.11 46.84 14.73
C8 NAG FA . 1.29 47.38 15.88
N2 NAG FA . 1.46 46.53 13.59
O3 NAG FA . 0.32 48.83 12.31
O4 NAG FA . -2.39 49.50 13.12
O5 NAG FA . -2.21 45.89 13.70
O6 NAG FA . -4.44 46.12 12.52
O7 NAG FA . 3.32 46.68 14.84
C1 NAG GA . 1.92 34.53 38.28
C2 NAG GA . 2.22 34.74 39.77
C3 NAG GA . 1.08 35.47 40.44
C4 NAG GA . 0.77 36.78 39.72
C5 NAG GA . 0.52 36.50 38.23
C6 NAG GA . 0.34 37.77 37.43
C7 NAG GA . 3.68 33.12 40.92
C8 NAG GA . 4.77 34.14 40.77
N2 NAG GA . 2.48 33.47 40.42
O3 NAG GA . 1.42 35.74 41.80
O4 NAG GA . -0.37 37.41 40.29
O5 NAG GA . 1.64 35.80 37.67
O6 NAG GA . -0.46 37.53 36.28
O7 NAG GA . 3.87 32.04 41.46
C1 NAG HA . -18.71 20.03 22.83
C2 NAG HA . -19.14 19.82 21.37
C3 NAG HA . -20.35 20.68 21.05
C4 NAG HA . -21.47 20.43 22.05
C5 NAG HA . -20.95 20.63 23.47
C6 NAG HA . -21.98 20.27 24.53
C7 NAG HA . -17.37 19.18 19.80
C8 NAG HA . -16.28 19.68 18.89
N2 NAG HA . -18.05 20.13 20.46
O3 NAG HA . -20.81 20.39 19.73
O4 NAG HA . -22.56 21.32 21.82
O5 NAG HA . -19.82 19.78 23.70
O6 NAG HA . -21.51 19.23 25.37
O7 NAG HA . -17.60 17.99 19.93
C1 NAG IA . -20.76 27.51 28.94
C2 NAG IA . -21.20 27.55 27.49
C3 NAG IA . -22.70 27.38 27.37
C4 NAG IA . -23.06 26.03 27.97
C5 NAG IA . -22.54 25.94 29.40
C6 NAG IA . -22.74 24.51 29.90
C7 NAG IA . -20.86 28.92 25.54
C8 NAG IA . -20.70 27.65 24.75
N2 NAG IA . -20.78 28.79 26.85
O3 NAG IA . -23.08 27.40 26.00
O4 NAG IA . -24.47 25.88 27.96
O5 NAG IA . -21.16 26.26 29.48
O6 NAG IA . -21.91 24.26 31.04
O7 NAG IA . -21.03 29.99 25.00
C10 7IW JA . -5.10 26.06 11.33
C13 7IW JA . -3.57 22.87 9.61
C15 7IW JA . -4.04 20.89 11.16
C17 7IW JA . -3.60 20.06 12.43
C20 7IW JA . -3.90 18.17 14.04
C21 7IW JA . -3.62 18.85 15.23
C22 7IW JA . -3.18 18.14 16.34
C24 7IW JA . -3.00 16.76 16.27
C26 7IW JA . -3.28 16.08 15.09
N 7IW JA . -3.39 28.97 12.03
C 7IW JA . -3.85 30.35 12.31
C00 7IW JA . -4.35 28.52 11.17
C02 7IW JA . -4.43 20.70 7.23
C04 7IW JA . -2.50 22.41 7.34
C05 7IW JA . -2.32 23.01 8.79
C06 7IW JA . -1.98 24.41 8.75
C07 7IW JA . -3.04 25.22 9.59
C08 7IW JA . -3.17 26.59 9.93
C09 7IW JA . -4.20 27.01 10.79
C11 7IW JA . -4.97 24.69 11.00
C12 7IW JA . -3.94 24.27 10.12
C27 7IW JA . -3.73 16.79 13.97
C31 7IW JA . -0.49 24.68 9.24
C32 7IW JA . 0.61 24.29 8.32
C33 7IW JA . 1.82 24.44 8.57
C34 7IW JA . 2.82 23.96 7.59
F23 7IW JA . -2.91 18.79 17.51
N01 7IW JA . -5.27 21.65 7.04
N03 7IW JA . -2.97 21.00 7.39
N14 7IW JA . -3.22 22.05 10.76
N19 7IW JA . -4.36 18.90 12.87
N28 7IW JA . -4.83 19.52 7.27
O16 7IW JA . -5.00 20.58 10.55
O18 7IW JA . -2.63 20.38 13.02
O31 7IW JA . 2.29 24.22 9.74
O32 7IW JA . 3.91 23.09 8.30
CL25 7IW JA . -2.44 15.86 17.71
C10 7IT KA . -5.02 26.35 11.52
C13 7IT KA . -3.65 23.04 9.90
C15 7IT KA . -4.02 21.01 11.44
C17 7IT KA . -3.49 20.16 12.65
C20 7IT KA . -3.71 18.20 14.21
C21 7IT KA . -3.32 18.80 15.40
C22 7IT KA . -2.82 18.01 16.44
C24 7IT KA . -2.72 16.64 16.29
C26 7IT KA . -3.10 16.03 15.10
N 7IT KA . -2.94 29.14 12.18
C 7IT KA . -3.06 30.54 12.55
C00 7IT KA . -4.08 28.75 11.36
C02 7IT KA . -4.51 20.78 7.26
C04 7IT KA . -2.84 22.75 7.49
C05 7IT KA . -2.47 23.12 8.98
C06 7IT KA . -1.96 24.50 9.04
C07 7IT KA . -2.95 25.34 9.90
C08 7IT KA . -3.00 26.71 10.21
C09 7IT KA . -4.03 27.22 11.02
C11 7IT KA . -4.98 24.98 11.21
C12 7IT KA . -3.95 24.47 10.39
C27 7IT KA . -3.60 16.82 14.06
C31 7IT KA . -0.52 24.57 9.56
C32 7IT KA . 0.55 24.63 8.42
C33 7IT KA . 1.83 24.37 8.87
C34 7IT KA . 2.76 23.79 7.72
F23 7IT KA . -2.44 18.60 17.61
N01 7IT KA . -5.50 21.61 7.32
N03 7IT KA . -3.11 21.29 7.34
N14 7IT KA . -3.24 22.21 11.02
N19 7IT KA . -4.23 18.99 13.10
N28 7IT KA . -4.73 19.57 7.14
O16 7IT KA . -5.01 20.71 10.89
O18 7IT KA . -2.48 20.47 13.20
O31 7IT KA . 2.32 25.45 9.24
O32 7IT KA . 4.05 23.27 8.31
CL25 7IT KA . -2.08 15.63 17.62
#